data_6YSV
#
_entry.id   6YSV
#
_cell.length_a   128.583
_cell.length_b   90.751
_cell.length_c   172.912
_cell.angle_alpha   90.000
_cell.angle_beta   96.112
_cell.angle_gamma   90.000
#
_symmetry.space_group_name_H-M   'I 1 2 1'
#
loop_
_entity.id
_entity.type
_entity.pdbx_description
1 polymer 'Fatty acid oxidation complex subunit alpha'
2 non-polymer 'SULFATE ION'
3 water water
#
_entity_poly.entity_id   1
_entity_poly.type   'polypeptide(L)'
_entity_poly.pdbx_seq_one_letter_code
;MGSSHHHHHHSQDPMEMTSAFTLNVRLDNIAVITIDVPGEKMNTLKAEFASQVRAIIKQLRENKELRGVVFVSAKPDNFI
AGADINMIGNCKTAQEAEALARQGQQLMAEIHALPIQVIAAIHGACLGGGLELALACHGRVCTDDPKTVLGLPEVQLGLL
PGSGGTQRLPRLIGVSTALEMILTGKQLRAKQALKLGLVDDVVPHSILLEAAVELAKKERPSSRPLPVRERILAGPLGRA
LLFKMVGKKTEHKTQGNYPATERILEVVETGLAQGTSSGYDAEARAFGELAMTPQSQALRSIFFASTDVKKDPGSDAPPA
PLNSVGILGGGLMGGGIAYVTACKAGIPVRIKDINPQGINHALKYSWDQLEGKVRRRHLKASERDKQLALISGTTDYRGF
AHRDLIIEAVFENLELKQQMVAEVEQNCAAHTIFASNTSSLPIGDIAAHATRPEQVIGLHFFSPVEKMPLVEIIPHAGTS
AQTIATTVKLAKKQGKTPIVVRDKAGFYVNRILAPYINEAIRMLTQGERVEHIDAALVKFGFPVGPIQLLDEVGIDTGTK
IIPVLEAAYGERFSAPANVVSSILNDDRKGRKNGRGFYLYGQKGRKSKKQVDPAIYPLIGTQGQGRISAPQVAERCVMLM
LNEAVRCVDEQVIRSVRDGDIGAVFGIGFPPFLGGPFRYIDSLGAGEVVAIMQRLATQYGSRFTPCERLVEMGARGESFW
KTTATDLQ
;
_entity_poly.pdbx_strand_id   A,B
#
# COMPACT_ATOMS: atom_id res chain seq x y z
N MET A 17 14.62 2.19 2.25
CA MET A 17 14.12 1.86 3.57
C MET A 17 14.76 0.58 4.10
N THR A 18 14.62 0.34 5.41
CA THR A 18 15.13 -0.88 6.00
C THR A 18 14.27 -2.06 5.57
N SER A 19 14.92 -3.13 5.13
CA SER A 19 14.20 -4.28 4.61
C SER A 19 13.42 -4.99 5.70
N ALA A 20 12.39 -5.74 5.28
CA ALA A 20 11.58 -6.49 6.23
C ALA A 20 12.38 -7.60 6.90
N PHE A 21 13.36 -8.17 6.20
CA PHE A 21 14.22 -9.21 6.73
C PHE A 21 15.66 -8.70 6.69
N THR A 22 16.21 -8.35 7.84
CA THR A 22 17.57 -7.85 7.95
C THR A 22 18.46 -8.93 8.54
N LEU A 23 19.65 -9.09 7.95
CA LEU A 23 20.59 -10.12 8.33
C LEU A 23 21.91 -9.50 8.78
N ASN A 24 22.38 -9.89 9.96
CA ASN A 24 23.73 -9.58 10.40
C ASN A 24 24.36 -10.87 10.93
N VAL A 25 25.58 -11.14 10.50
CA VAL A 25 26.27 -12.39 10.83
C VAL A 25 27.21 -12.13 12.00
N ARG A 26 26.98 -12.83 13.10
CA ARG A 26 27.84 -12.70 14.27
C ARG A 26 29.22 -13.29 13.98
N LEU A 27 30.16 -13.02 14.88
CA LEU A 27 31.53 -13.50 14.75
C LEU A 27 31.72 -14.89 15.36
N ASP A 28 30.69 -15.46 15.99
CA ASP A 28 30.73 -16.84 16.45
C ASP A 28 30.18 -17.80 15.41
N ASN A 29 30.15 -17.40 14.14
CA ASN A 29 29.78 -18.25 13.01
C ASN A 29 28.31 -18.68 13.04
N ILE A 30 27.44 -17.84 13.58
CA ILE A 30 26.00 -18.00 13.43
C ILE A 30 25.43 -16.67 12.95
N ALA A 31 24.29 -16.74 12.27
CA ALA A 31 23.66 -15.56 11.70
C ALA A 31 22.29 -15.35 12.33
N VAL A 32 21.85 -14.09 12.36
CA VAL A 32 20.58 -13.70 12.95
C VAL A 32 19.77 -12.97 11.89
N ILE A 33 18.60 -13.51 11.57
CA ILE A 33 17.67 -12.90 10.62
C ILE A 33 16.63 -12.13 11.42
N THR A 34 16.67 -10.80 11.32
CA THR A 34 15.73 -9.94 12.02
C THR A 34 14.54 -9.65 11.14
N ILE A 35 13.34 -9.91 11.65
CA ILE A 35 12.11 -9.78 10.88
C ILE A 35 11.32 -8.57 11.35
N ASP A 36 11.66 -7.39 10.82
CA ASP A 36 11.01 -6.14 11.20
C ASP A 36 10.33 -5.55 9.96
N VAL A 37 9.02 -5.71 9.88
CA VAL A 37 8.22 -5.15 8.78
C VAL A 37 7.82 -3.73 9.15
N PRO A 38 8.29 -2.71 8.43
CA PRO A 38 7.96 -1.33 8.82
C PRO A 38 6.55 -0.90 8.49
N GLY A 39 5.78 -1.72 7.75
CA GLY A 39 4.45 -1.29 7.36
C GLY A 39 3.46 -1.34 8.50
N GLU A 40 3.34 -2.49 9.16
CA GLU A 40 2.37 -2.70 10.22
C GLU A 40 3.09 -3.07 11.52
N LYS A 41 2.31 -3.11 12.60
CA LYS A 41 2.84 -3.48 13.91
C LYS A 41 3.11 -4.96 14.04
N MET A 42 2.60 -5.79 13.12
CA MET A 42 2.81 -7.22 13.14
C MET A 42 3.49 -7.66 11.86
N ASN A 43 4.39 -8.64 11.99
CA ASN A 43 5.05 -9.22 10.83
C ASN A 43 4.03 -10.03 10.05
N THR A 44 3.47 -9.44 9.00
CA THR A 44 2.37 -10.04 8.24
C THR A 44 2.85 -11.00 7.16
N LEU A 45 4.16 -11.14 6.97
CA LEU A 45 4.74 -12.13 6.04
C LEU A 45 4.08 -12.05 4.66
N LYS A 46 4.27 -10.91 4.00
CA LYS A 46 3.73 -10.72 2.67
C LYS A 46 4.47 -11.58 1.66
N ALA A 47 3.76 -11.98 0.59
CA ALA A 47 4.37 -12.79 -0.45
C ALA A 47 5.47 -12.07 -1.18
N GLU A 48 5.46 -10.73 -1.17
CA GLU A 48 6.51 -9.96 -1.83
C GLU A 48 7.87 -10.17 -1.18
N PHE A 49 7.91 -10.52 0.09
CA PHE A 49 9.16 -10.75 0.83
C PHE A 49 9.88 -12.03 0.42
N ALA A 50 9.40 -12.76 -0.60
CA ALA A 50 10.06 -14.01 -0.98
C ALA A 50 11.47 -13.76 -1.51
N SER A 51 11.63 -12.68 -2.30
CA SER A 51 12.96 -12.37 -2.82
C SER A 51 13.89 -11.87 -1.73
N GLN A 52 13.35 -11.26 -0.68
CA GLN A 52 14.18 -10.78 0.42
C GLN A 52 14.80 -11.95 1.18
N VAL A 53 14.05 -13.04 1.34
CA VAL A 53 14.59 -14.22 1.99
C VAL A 53 15.51 -14.97 1.03
N ARG A 54 15.15 -15.03 -0.25
CA ARG A 54 15.97 -15.74 -1.23
C ARG A 54 17.30 -15.04 -1.46
N ALA A 55 17.36 -13.72 -1.26
CA ALA A 55 18.65 -13.03 -1.37
C ALA A 55 19.51 -13.28 -0.14
N ILE A 56 18.89 -13.61 1.00
CA ILE A 56 19.65 -13.83 2.22
C ILE A 56 20.17 -15.26 2.29
N ILE A 57 19.36 -16.24 1.86
CA ILE A 57 19.77 -17.64 1.96
C ILE A 57 21.01 -17.92 1.14
N LYS A 58 21.18 -17.25 -0.01
CA LYS A 58 22.39 -17.43 -0.79
C LYS A 58 23.60 -16.88 -0.07
N GLN A 59 23.44 -15.81 0.71
CA GLN A 59 24.53 -15.28 1.51
C GLN A 59 24.82 -16.14 2.73
N LEU A 60 23.91 -17.03 3.10
CA LEU A 60 24.17 -17.96 4.20
C LEU A 60 25.10 -19.08 3.77
N ARG A 61 24.88 -19.64 2.58
CA ARG A 61 25.80 -20.60 2.00
C ARG A 61 26.97 -19.94 1.28
N GLU A 62 27.18 -18.64 1.51
CA GLU A 62 28.34 -17.96 0.93
C GLU A 62 29.64 -18.45 1.58
N ASN A 63 29.65 -18.58 2.90
CA ASN A 63 30.79 -19.09 3.63
C ASN A 63 30.38 -20.34 4.40
N LYS A 64 31.25 -21.36 4.38
CA LYS A 64 30.97 -22.61 5.07
C LYS A 64 31.35 -22.57 6.55
N GLU A 65 31.91 -21.47 7.03
CA GLU A 65 32.27 -21.36 8.44
C GLU A 65 31.04 -21.25 9.33
N LEU A 66 29.88 -20.90 8.76
CA LEU A 66 28.67 -20.74 9.56
C LEU A 66 28.23 -22.07 10.16
N ARG A 67 27.61 -21.98 11.34
CA ARG A 67 27.12 -23.15 12.05
C ARG A 67 25.62 -23.12 12.31
N GLY A 68 24.97 -21.97 12.15
CA GLY A 68 23.53 -21.90 12.39
C GLY A 68 22.98 -20.55 12.02
N VAL A 69 21.65 -20.48 11.99
CA VAL A 69 20.93 -19.24 11.73
C VAL A 69 19.73 -19.17 12.67
N VAL A 70 19.38 -17.95 13.06
CA VAL A 70 18.32 -17.73 14.04
C VAL A 70 17.35 -16.70 13.48
N PHE A 71 16.06 -17.02 13.51
CA PHE A 71 14.99 -16.09 13.19
C PHE A 71 14.46 -15.48 14.49
N VAL A 72 14.51 -14.16 14.59
CA VAL A 72 14.00 -13.45 15.76
C VAL A 72 13.04 -12.35 15.28
N SER A 73 12.03 -12.07 16.10
CA SER A 73 10.97 -11.16 15.70
C SER A 73 11.43 -9.69 15.73
N ALA A 74 12.10 -9.29 16.80
CA ALA A 74 12.49 -7.89 17.04
C ALA A 74 11.27 -6.96 17.10
N LYS A 75 10.09 -7.52 17.32
CA LYS A 75 8.87 -6.76 17.57
C LYS A 75 8.28 -7.17 18.90
N PRO A 76 7.70 -6.23 19.66
CA PRO A 76 7.35 -6.53 21.06
C PRO A 76 6.16 -7.47 21.21
N ASP A 77 5.18 -7.42 20.30
CA ASP A 77 3.91 -8.10 20.54
C ASP A 77 3.77 -9.43 19.81
N ASN A 78 4.51 -9.66 18.73
CA ASN A 78 4.29 -10.86 17.94
C ASN A 78 5.57 -11.28 17.25
N PHE A 79 5.62 -12.58 16.90
CA PHE A 79 6.71 -13.12 16.08
C PHE A 79 6.35 -12.95 14.61
N ILE A 80 5.43 -13.76 14.11
CA ILE A 80 4.83 -13.59 12.79
C ILE A 80 3.33 -13.81 12.93
N ALA A 81 2.54 -12.79 12.59
CA ALA A 81 1.10 -12.85 12.80
C ALA A 81 0.41 -13.82 11.84
N GLY A 82 1.05 -14.17 10.73
CA GLY A 82 0.45 -15.02 9.72
C GLY A 82 0.43 -14.35 8.37
N ALA A 83 0.10 -15.15 7.35
CA ALA A 83 0.12 -14.69 5.98
C ALA A 83 -0.89 -13.55 5.77
N ASP A 84 -0.50 -12.58 4.94
CA ASP A 84 -1.38 -11.47 4.61
C ASP A 84 -2.57 -11.98 3.81
N ILE A 85 -3.78 -11.88 4.37
CA ILE A 85 -4.96 -12.42 3.72
C ILE A 85 -5.42 -11.58 2.54
N ASN A 86 -4.91 -10.36 2.39
CA ASN A 86 -5.20 -9.57 1.20
C ASN A 86 -4.61 -10.20 -0.06
N MET A 87 -3.58 -11.03 0.09
CA MET A 87 -3.06 -11.79 -1.04
C MET A 87 -4.13 -12.71 -1.62
N ILE A 88 -4.88 -13.39 -0.74
CA ILE A 88 -5.90 -14.33 -1.20
C ILE A 88 -7.06 -13.58 -1.85
N GLY A 89 -7.48 -12.46 -1.25
CA GLY A 89 -8.61 -11.72 -1.78
C GLY A 89 -8.39 -11.16 -3.17
N ASN A 90 -7.13 -10.98 -3.58
CA ASN A 90 -6.80 -10.48 -4.90
C ASN A 90 -6.51 -11.59 -5.90
N CYS A 91 -6.61 -12.86 -5.49
CA CYS A 91 -6.45 -13.97 -6.43
C CYS A 91 -7.72 -14.11 -7.24
N LYS A 92 -7.58 -14.08 -8.57
CA LYS A 92 -8.74 -14.12 -9.44
C LYS A 92 -9.29 -15.53 -9.61
N THR A 93 -8.43 -16.54 -9.63
CA THR A 93 -8.86 -17.92 -9.82
C THR A 93 -8.10 -18.82 -8.87
N ALA A 94 -8.49 -20.10 -8.86
CA ALA A 94 -7.86 -21.07 -7.96
C ALA A 94 -6.41 -21.36 -8.36
N GLN A 95 -6.07 -21.17 -9.65
CA GLN A 95 -4.71 -21.45 -10.07
C GLN A 95 -3.73 -20.41 -9.55
N GLU A 96 -4.17 -19.16 -9.40
CA GLU A 96 -3.31 -18.15 -8.80
C GLU A 96 -3.13 -18.40 -7.31
N ALA A 97 -4.21 -18.80 -6.62
CA ALA A 97 -4.10 -19.14 -5.20
C ALA A 97 -3.27 -20.40 -4.99
N GLU A 98 -3.31 -21.33 -5.95
CA GLU A 98 -2.43 -22.50 -5.87
C GLU A 98 -0.97 -22.11 -6.05
N ALA A 99 -0.71 -21.08 -6.87
CA ALA A 99 0.67 -20.63 -7.07
C ALA A 99 1.22 -19.99 -5.81
N LEU A 100 0.40 -19.21 -5.10
CA LEU A 100 0.85 -18.59 -3.86
C LEU A 100 1.23 -19.65 -2.83
N ALA A 101 0.46 -20.74 -2.77
CA ALA A 101 0.79 -21.82 -1.85
C ALA A 101 2.09 -22.52 -2.27
N ARG A 102 2.25 -22.80 -3.57
CA ARG A 102 3.47 -23.45 -4.03
C ARG A 102 4.68 -22.55 -3.85
N GLN A 103 4.53 -21.25 -4.11
CA GLN A 103 5.63 -20.32 -3.87
C GLN A 103 5.97 -20.26 -2.38
N GLY A 104 4.96 -20.36 -1.51
CA GLY A 104 5.24 -20.46 -0.09
C GLY A 104 5.87 -21.79 0.28
N GLN A 105 5.39 -22.88 -0.33
CA GLN A 105 5.99 -24.18 -0.08
C GLN A 105 7.41 -24.27 -0.61
N GLN A 106 7.72 -23.52 -1.67
CA GLN A 106 9.08 -23.53 -2.22
C GLN A 106 10.05 -22.83 -1.29
N LEU A 107 9.61 -21.75 -0.64
CA LEU A 107 10.51 -21.02 0.25
C LEU A 107 10.79 -21.81 1.53
N MET A 108 9.76 -22.41 2.12
CA MET A 108 9.95 -23.19 3.35
C MET A 108 10.86 -24.38 3.10
N ALA A 109 10.86 -24.92 1.88
CA ALA A 109 11.72 -26.06 1.58
C ALA A 109 13.19 -25.66 1.50
N GLU A 110 13.47 -24.47 0.95
CA GLU A 110 14.84 -24.02 0.82
C GLU A 110 15.43 -23.60 2.16
N ILE A 111 14.61 -23.04 3.05
CA ILE A 111 15.08 -22.74 4.39
C ILE A 111 15.38 -24.03 5.15
N HIS A 112 14.52 -25.05 4.97
CA HIS A 112 14.74 -26.33 5.63
C HIS A 112 15.92 -27.09 5.03
N ALA A 113 16.28 -26.81 3.78
CA ALA A 113 17.35 -27.54 3.10
C ALA A 113 18.74 -26.98 3.36
N LEU A 114 18.86 -25.99 4.23
CA LEU A 114 20.17 -25.42 4.50
C LEU A 114 21.03 -26.42 5.28
N PRO A 115 22.32 -26.53 4.96
CA PRO A 115 23.17 -27.48 5.70
C PRO A 115 23.38 -27.10 7.15
N ILE A 116 23.41 -25.80 7.46
CA ILE A 116 23.55 -25.34 8.84
C ILE A 116 22.21 -25.49 9.55
N GLN A 117 22.20 -25.35 10.86
CA GLN A 117 20.98 -25.52 11.64
C GLN A 117 20.17 -24.22 11.64
N VAL A 118 18.90 -24.33 11.27
CA VAL A 118 17.97 -23.20 11.29
C VAL A 118 17.11 -23.31 12.53
N ILE A 119 17.00 -22.23 13.29
CA ILE A 119 16.28 -22.22 14.55
C ILE A 119 15.51 -20.92 14.66
N ALA A 120 14.27 -21.01 15.15
CA ALA A 120 13.40 -19.85 15.29
C ALA A 120 13.31 -19.45 16.75
N ALA A 121 13.65 -18.19 17.05
CA ALA A 121 13.51 -17.62 18.38
C ALA A 121 12.19 -16.85 18.42
N ILE A 122 11.17 -17.49 18.99
CA ILE A 122 9.80 -17.01 18.90
C ILE A 122 9.46 -16.21 20.14
N HIS A 123 8.89 -15.02 19.95
CA HIS A 123 8.31 -14.23 21.04
C HIS A 123 7.07 -13.54 20.51
N GLY A 124 5.93 -13.80 21.14
CA GLY A 124 4.67 -13.25 20.70
C GLY A 124 3.89 -14.22 19.82
N ALA A 125 2.93 -13.65 19.10
CA ALA A 125 2.07 -14.45 18.25
C ALA A 125 2.86 -15.08 17.11
N CYS A 126 2.71 -16.39 16.96
CA CYS A 126 3.34 -17.16 15.88
C CYS A 126 2.25 -18.03 15.27
N LEU A 127 1.52 -17.47 14.31
CA LEU A 127 0.34 -18.12 13.75
C LEU A 127 0.43 -18.18 12.24
N GLY A 128 -0.39 -19.05 11.65
CA GLY A 128 -0.47 -19.14 10.20
C GLY A 128 0.85 -19.54 9.57
N GLY A 129 1.22 -18.81 8.52
CA GLY A 129 2.51 -19.03 7.89
C GLY A 129 3.68 -18.79 8.80
N GLY A 130 3.49 -18.04 9.89
CA GLY A 130 4.54 -17.87 10.87
C GLY A 130 4.90 -19.17 11.55
N LEU A 131 3.90 -19.97 11.92
CA LEU A 131 4.18 -21.30 12.47
C LEU A 131 4.71 -22.23 11.40
N GLU A 132 4.27 -22.06 10.14
CA GLU A 132 4.82 -22.86 9.06
C GLU A 132 6.27 -22.53 8.81
N LEU A 133 6.68 -21.28 9.08
CA LEU A 133 8.10 -20.94 8.99
C LEU A 133 8.88 -21.58 10.13
N ALA A 134 8.31 -21.60 11.33
CA ALA A 134 8.98 -22.24 12.46
C ALA A 134 9.03 -23.75 12.28
N LEU A 135 7.98 -24.34 11.71
CA LEU A 135 8.00 -25.78 11.43
C LEU A 135 9.06 -26.14 10.41
N ALA A 136 9.32 -25.25 9.44
CA ALA A 136 10.40 -25.49 8.49
C ALA A 136 11.77 -25.42 9.14
N CYS A 137 11.90 -24.74 10.26
CA CYS A 137 13.16 -24.69 10.97
C CYS A 137 13.44 -26.02 11.67
N HIS A 138 14.72 -26.22 12.02
CA HIS A 138 15.13 -27.47 12.65
C HIS A 138 14.89 -27.45 14.15
N GLY A 139 14.99 -26.28 14.78
CA GLY A 139 14.72 -26.15 16.20
C GLY A 139 13.93 -24.89 16.47
N ARG A 140 13.27 -24.87 17.63
CA ARG A 140 12.42 -23.76 18.01
C ARG A 140 12.55 -23.51 19.51
N VAL A 141 12.66 -22.24 19.88
CA VAL A 141 12.63 -21.81 21.27
C VAL A 141 11.72 -20.61 21.37
N CYS A 142 10.72 -20.68 22.25
CA CYS A 142 9.73 -19.63 22.41
C CYS A 142 9.81 -19.04 23.81
N THR A 143 9.10 -17.94 24.00
CA THR A 143 9.07 -17.22 25.27
C THR A 143 7.87 -17.66 26.09
N ASP A 144 8.04 -17.65 27.42
CA ASP A 144 6.97 -17.99 28.35
C ASP A 144 5.95 -16.88 28.53
N ASP A 145 6.03 -15.81 27.73
CA ASP A 145 5.09 -14.71 27.86
C ASP A 145 3.70 -15.16 27.40
N PRO A 146 2.63 -14.72 28.10
CA PRO A 146 1.28 -15.10 27.66
C PRO A 146 0.93 -14.64 26.26
N LYS A 147 1.65 -13.66 25.70
CA LYS A 147 1.41 -13.25 24.32
C LYS A 147 1.91 -14.28 23.32
N THR A 148 2.85 -15.14 23.71
CA THR A 148 3.41 -16.14 22.80
C THR A 148 2.40 -17.26 22.59
N VAL A 149 1.86 -17.34 21.38
CA VAL A 149 0.88 -18.35 21.03
C VAL A 149 1.27 -18.98 19.69
N LEU A 150 1.07 -20.29 19.58
CA LEU A 150 1.41 -21.04 18.37
C LEU A 150 0.17 -21.78 17.88
N GLY A 151 -0.09 -21.69 16.58
CA GLY A 151 -1.25 -22.35 16.01
C GLY A 151 -1.33 -22.09 14.53
N LEU A 152 -2.29 -22.76 13.89
CA LEU A 152 -2.54 -22.65 12.46
C LEU A 152 -4.02 -22.31 12.27
N PRO A 153 -4.37 -21.02 12.29
CA PRO A 153 -5.79 -20.64 12.23
C PRO A 153 -6.28 -20.38 10.81
N GLU A 154 -5.64 -20.98 9.80
CA GLU A 154 -6.06 -20.76 8.43
C GLU A 154 -7.46 -21.27 8.16
N VAL A 155 -7.98 -22.16 9.00
CA VAL A 155 -9.28 -22.78 8.74
C VAL A 155 -10.45 -21.96 9.28
N GLN A 156 -10.20 -21.02 10.18
CA GLN A 156 -11.22 -20.04 10.52
C GLN A 156 -11.52 -19.11 9.36
N LEU A 157 -10.66 -19.09 8.34
CA LEU A 157 -10.86 -18.32 7.13
C LEU A 157 -11.36 -19.18 5.97
N GLY A 158 -11.68 -20.45 6.23
CA GLY A 158 -12.10 -21.34 5.17
C GLY A 158 -10.96 -21.90 4.34
N LEU A 159 -9.75 -21.90 4.87
CA LEU A 159 -8.58 -22.38 4.14
C LEU A 159 -7.88 -23.48 4.91
N LEU A 160 -6.62 -23.74 4.57
CA LEU A 160 -5.77 -24.65 5.33
C LEU A 160 -4.35 -24.11 5.28
N PRO A 161 -3.46 -24.58 6.17
CA PRO A 161 -2.06 -24.18 6.06
C PRO A 161 -1.49 -24.48 4.69
N GLY A 162 -1.15 -23.44 3.93
CA GLY A 162 -0.73 -23.58 2.56
C GLY A 162 0.77 -23.52 2.32
N SER A 163 1.59 -23.53 3.36
CA SER A 163 3.04 -23.48 3.22
C SER A 163 3.70 -24.70 3.86
N GLY A 164 3.04 -25.85 3.79
CA GLY A 164 3.58 -27.08 4.35
C GLY A 164 3.14 -27.40 5.76
N GLY A 165 2.18 -26.66 6.32
CA GLY A 165 1.77 -26.92 7.69
C GLY A 165 1.08 -28.26 7.86
N THR A 166 0.31 -28.69 6.86
CA THR A 166 -0.38 -29.97 6.92
C THR A 166 0.57 -31.16 6.81
N GLN A 167 1.84 -30.93 6.53
CA GLN A 167 2.80 -32.01 6.36
C GLN A 167 3.91 -32.01 7.41
N ARG A 168 4.45 -30.85 7.76
CA ARG A 168 5.49 -30.80 8.77
C ARG A 168 4.94 -30.97 10.18
N LEU A 169 3.71 -30.51 10.43
CA LEU A 169 3.16 -30.60 11.78
C LEU A 169 2.87 -32.05 12.19
N PRO A 170 2.23 -32.88 11.36
CA PRO A 170 2.06 -34.29 11.77
C PRO A 170 3.38 -35.03 11.94
N ARG A 171 4.40 -34.67 11.16
CA ARG A 171 5.72 -35.29 11.29
C ARG A 171 6.45 -34.89 12.55
N LEU A 172 5.96 -33.90 13.30
CA LEU A 172 6.68 -33.35 14.43
C LEU A 172 6.00 -33.64 15.76
N ILE A 173 4.78 -33.14 15.97
CA ILE A 173 4.13 -33.24 17.28
C ILE A 173 3.21 -34.45 17.40
N GLY A 174 2.85 -35.10 16.30
CA GLY A 174 1.90 -36.19 16.33
C GLY A 174 0.73 -35.97 15.41
N VAL A 175 0.30 -37.02 14.71
CA VAL A 175 -0.69 -36.87 13.66
C VAL A 175 -2.05 -36.51 14.26
N SER A 176 -2.48 -37.26 15.28
CA SER A 176 -3.77 -36.96 15.91
C SER A 176 -3.75 -35.59 16.57
N THR A 177 -2.64 -35.23 17.19
CA THR A 177 -2.53 -33.92 17.81
C THR A 177 -2.47 -32.81 16.77
N ALA A 178 -1.75 -33.05 15.66
CA ALA A 178 -1.69 -32.06 14.60
C ALA A 178 -3.05 -31.84 13.95
N LEU A 179 -3.88 -32.88 13.88
CA LEU A 179 -5.22 -32.72 13.34
C LEU A 179 -6.04 -31.75 14.19
N GLU A 180 -5.94 -31.87 15.52
CA GLU A 180 -6.68 -30.97 16.39
C GLU A 180 -6.28 -29.52 16.17
N MET A 181 -4.99 -29.26 16.00
CA MET A 181 -4.54 -27.89 15.77
C MET A 181 -4.97 -27.38 14.40
N ILE A 182 -4.92 -28.25 13.38
CA ILE A 182 -5.27 -27.80 12.04
C ILE A 182 -6.78 -27.73 11.87
N LEU A 183 -7.52 -28.70 12.41
CA LEU A 183 -8.97 -28.69 12.23
C LEU A 183 -9.62 -27.53 12.98
N THR A 184 -9.21 -27.29 14.22
CA THR A 184 -9.82 -26.25 15.04
C THR A 184 -9.12 -24.91 14.92
N GLY A 185 -7.85 -24.89 14.55
CA GLY A 185 -7.12 -23.63 14.49
C GLY A 185 -6.88 -22.99 15.84
N LYS A 186 -6.82 -23.79 16.91
CA LYS A 186 -6.65 -23.25 18.24
C LYS A 186 -5.19 -22.90 18.49
N GLN A 187 -4.99 -21.88 19.32
CA GLN A 187 -3.66 -21.44 19.69
C GLN A 187 -3.14 -22.24 20.88
N LEU A 188 -1.83 -22.42 20.93
CA LEU A 188 -1.17 -23.15 22.02
C LEU A 188 -0.20 -22.21 22.73
N ARG A 189 -0.29 -22.18 24.05
CA ARG A 189 0.63 -21.41 24.86
C ARG A 189 1.98 -22.14 24.95
N ALA A 190 2.98 -21.45 25.49
CA ALA A 190 4.32 -22.00 25.53
C ALA A 190 4.38 -23.27 26.37
N LYS A 191 3.56 -23.37 27.43
CA LYS A 191 3.55 -24.56 28.26
C LYS A 191 3.10 -25.77 27.48
N GLN A 192 1.94 -25.67 26.83
CA GLN A 192 1.41 -26.79 26.06
C GLN A 192 2.26 -27.11 24.84
N ALA A 193 2.87 -26.09 24.23
CA ALA A 193 3.69 -26.32 23.05
C ALA A 193 4.96 -27.09 23.40
N LEU A 194 5.51 -26.89 24.60
CA LEU A 194 6.71 -27.60 24.99
C LEU A 194 6.42 -29.08 25.26
N LYS A 195 5.29 -29.38 25.89
CA LYS A 195 4.95 -30.78 26.17
C LYS A 195 4.67 -31.54 24.89
N LEU A 196 3.92 -30.94 23.96
CA LEU A 196 3.60 -31.61 22.70
C LEU A 196 4.80 -31.72 21.76
N GLY A 197 5.89 -31.02 22.06
CA GLY A 197 7.06 -31.07 21.20
C GLY A 197 7.08 -30.04 20.09
N LEU A 198 6.10 -29.13 20.05
CA LEU A 198 6.07 -28.11 19.01
C LEU A 198 7.24 -27.14 19.15
N VAL A 199 7.64 -26.83 20.39
CA VAL A 199 8.81 -26.02 20.67
C VAL A 199 9.77 -26.84 21.50
N ASP A 200 11.07 -26.70 21.22
CA ASP A 200 12.06 -27.53 21.90
C ASP A 200 12.33 -27.07 23.33
N ASP A 201 12.14 -25.79 23.62
CA ASP A 201 12.38 -25.27 24.96
C ASP A 201 11.76 -23.89 25.08
N VAL A 202 11.23 -23.58 26.25
CA VAL A 202 10.72 -22.23 26.54
C VAL A 202 11.74 -21.52 27.40
N VAL A 203 11.87 -20.21 27.20
CA VAL A 203 12.94 -19.42 27.79
C VAL A 203 12.44 -17.99 28.00
N PRO A 204 12.77 -17.34 29.12
CA PRO A 204 12.35 -15.94 29.32
C PRO A 204 12.89 -15.04 28.21
N HIS A 205 12.12 -13.98 27.92
CA HIS A 205 12.42 -13.12 26.78
C HIS A 205 13.77 -12.43 26.89
N SER A 206 14.30 -12.28 28.10
CA SER A 206 15.56 -11.54 28.27
C SER A 206 16.73 -12.27 27.64
N ILE A 207 16.69 -13.60 27.57
CA ILE A 207 17.81 -14.39 27.07
C ILE A 207 17.35 -15.26 25.91
N LEU A 208 16.36 -14.79 25.14
CA LEU A 208 15.83 -15.59 24.04
C LEU A 208 16.88 -15.81 22.96
N LEU A 209 17.42 -14.72 22.40
CA LEU A 209 18.44 -14.85 21.36
C LEU A 209 19.68 -15.53 21.91
N GLU A 210 20.04 -15.25 23.16
CA GLU A 210 21.17 -15.93 23.78
C GLU A 210 20.93 -17.44 23.88
N ALA A 211 19.68 -17.84 24.14
CA ALA A 211 19.34 -19.26 24.15
C ALA A 211 19.22 -19.81 22.74
N ALA A 212 18.87 -18.97 21.77
CA ALA A 212 18.71 -19.45 20.40
C ALA A 212 20.06 -19.71 19.75
N VAL A 213 21.07 -18.90 20.07
CA VAL A 213 22.39 -19.12 19.48
C VAL A 213 23.02 -20.39 20.03
N GLU A 214 22.72 -20.75 21.28
CA GLU A 214 23.25 -21.99 21.85
C GLU A 214 22.73 -23.20 21.09
N LEU A 215 21.42 -23.23 20.81
CA LEU A 215 20.84 -24.32 20.04
C LEU A 215 21.40 -24.39 18.63
N ALA A 216 21.89 -23.27 18.09
CA ALA A 216 22.47 -23.29 16.76
C ALA A 216 23.85 -23.92 16.74
N LYS A 217 24.58 -23.85 17.87
CA LYS A 217 25.91 -24.44 17.91
C LYS A 217 25.86 -25.96 17.79
N LYS A 218 24.80 -26.59 18.29
CA LYS A 218 24.72 -28.04 18.33
C LYS A 218 24.58 -28.62 16.93
N GLU A 219 25.27 -29.74 16.68
CA GLU A 219 25.28 -30.36 15.37
C GLU A 219 23.89 -30.90 15.01
N ARG A 220 23.39 -31.86 15.79
CA ARG A 220 22.09 -32.42 15.48
C ARG A 220 21.05 -32.02 16.51
N PRO A 221 19.82 -31.79 16.09
CA PRO A 221 18.72 -31.63 17.04
C PRO A 221 18.28 -33.01 17.54
N SER A 222 17.43 -32.98 18.56
CA SER A 222 16.93 -34.24 19.11
C SER A 222 16.07 -34.96 18.08
N SER A 223 16.36 -36.24 17.88
CA SER A 223 15.50 -37.09 17.06
C SER A 223 14.22 -37.35 17.84
N ARG A 224 13.20 -36.53 17.64
CA ARG A 224 12.09 -36.46 18.58
C ARG A 224 11.37 -37.81 18.69
N PRO A 225 10.90 -38.17 19.89
CA PRO A 225 10.15 -39.42 20.04
C PRO A 225 8.66 -39.21 19.83
N LEU A 226 7.98 -40.30 19.45
CA LEU A 226 6.55 -40.16 19.23
C LEU A 226 5.78 -40.50 20.50
N PRO A 227 4.73 -39.73 20.83
CA PRO A 227 3.91 -40.08 21.99
C PRO A 227 3.24 -41.43 21.81
N VAL A 228 3.01 -42.11 22.93
CA VAL A 228 2.49 -43.47 22.88
C VAL A 228 1.11 -43.51 22.22
N ARG A 229 0.26 -42.51 22.49
CA ARG A 229 -1.05 -42.49 21.87
C ARG A 229 -0.94 -42.45 20.35
N GLU A 230 0.11 -41.82 19.82
CA GLU A 230 0.33 -41.80 18.37
C GLU A 230 0.93 -43.11 17.88
N ARG A 231 1.79 -43.74 18.68
CA ARG A 231 2.32 -45.05 18.31
C ARG A 231 1.25 -46.13 18.39
N ILE A 232 0.24 -45.93 19.25
CA ILE A 232 -0.87 -46.88 19.32
C ILE A 232 -1.60 -46.94 17.99
N LEU A 233 -1.83 -45.80 17.36
CA LEU A 233 -2.53 -45.75 16.08
C LEU A 233 -1.60 -45.99 14.90
N ALA A 234 -0.31 -46.20 15.13
CA ALA A 234 0.62 -46.47 14.03
C ALA A 234 0.22 -47.75 13.31
N GLY A 235 0.44 -47.76 12.00
CA GLY A 235 0.03 -48.87 11.18
C GLY A 235 -1.10 -48.49 10.25
N PRO A 236 -1.31 -49.28 9.19
CA PRO A 236 -2.36 -48.92 8.22
C PRO A 236 -3.76 -49.00 8.80
N LEU A 237 -4.03 -49.95 9.69
CA LEU A 237 -5.37 -50.07 10.27
C LEU A 237 -5.66 -48.91 11.20
N GLY A 238 -4.72 -48.58 12.08
CA GLY A 238 -4.94 -47.50 13.03
C GLY A 238 -5.01 -46.13 12.38
N ARG A 239 -4.23 -45.91 11.31
CA ARG A 239 -4.29 -44.63 10.63
C ARG A 239 -5.59 -44.45 9.87
N ALA A 240 -6.08 -45.50 9.23
CA ALA A 240 -7.37 -45.42 8.54
C ALA A 240 -8.52 -45.35 9.53
N LEU A 241 -8.37 -45.97 10.70
CA LEU A 241 -9.42 -45.94 11.71
C LEU A 241 -9.47 -44.61 12.44
N LEU A 242 -8.33 -43.91 12.53
CA LEU A 242 -8.32 -42.59 13.14
C LEU A 242 -9.04 -41.57 12.27
N PHE A 243 -8.73 -41.56 10.97
CA PHE A 243 -9.36 -40.61 10.05
C PHE A 243 -10.86 -40.85 9.95
N LYS A 244 -11.29 -42.12 9.98
CA LYS A 244 -12.72 -42.41 9.99
C LYS A 244 -13.36 -41.94 11.28
N MET A 245 -12.66 -42.08 12.41
CA MET A 245 -13.19 -41.58 13.68
C MET A 245 -13.24 -40.07 13.70
N VAL A 246 -12.16 -39.41 13.29
CA VAL A 246 -12.13 -37.95 13.26
C VAL A 246 -13.10 -37.43 12.21
N GLY A 247 -13.22 -38.12 11.08
CA GLY A 247 -14.16 -37.69 10.05
C GLY A 247 -15.59 -37.68 10.54
N LYS A 248 -15.96 -38.65 11.38
CA LYS A 248 -17.30 -38.67 11.94
C LYS A 248 -17.48 -37.65 13.05
N LYS A 249 -16.42 -37.37 13.82
CA LYS A 249 -16.53 -36.42 14.91
C LYS A 249 -16.61 -34.99 14.40
N THR A 250 -15.89 -34.69 13.33
CA THR A 250 -15.95 -33.36 12.73
C THR A 250 -17.21 -33.18 11.89
N GLU A 251 -17.74 -34.26 11.31
CA GLU A 251 -18.99 -34.17 10.58
C GLU A 251 -20.15 -33.81 11.51
N HIS A 252 -20.10 -34.26 12.75
CA HIS A 252 -21.13 -33.90 13.73
C HIS A 252 -21.05 -32.42 14.07
N LYS A 253 -19.85 -31.88 14.21
CA LYS A 253 -19.69 -30.48 14.61
C LYS A 253 -19.97 -29.53 13.45
N THR A 254 -19.34 -29.77 12.30
CA THR A 254 -19.48 -28.87 11.16
C THR A 254 -20.78 -29.07 10.40
N GLN A 255 -21.47 -30.19 10.61
CA GLN A 255 -22.69 -30.54 9.87
C GLN A 255 -22.41 -30.58 8.36
N GLY A 256 -21.17 -30.85 7.98
CA GLY A 256 -20.78 -30.89 6.59
C GLY A 256 -20.77 -29.55 5.89
N ASN A 257 -20.91 -28.45 6.62
CA ASN A 257 -21.05 -27.13 6.03
C ASN A 257 -19.71 -26.44 5.78
N TYR A 258 -18.60 -27.06 6.15
CA TYR A 258 -17.28 -26.45 5.97
C TYR A 258 -16.41 -27.33 5.08
N PRO A 259 -16.12 -26.89 3.85
CA PRO A 259 -15.29 -27.72 2.94
C PRO A 259 -13.86 -27.89 3.42
N ALA A 260 -13.33 -26.96 4.21
CA ALA A 260 -11.95 -27.08 4.67
C ALA A 260 -11.76 -28.31 5.55
N THR A 261 -12.78 -28.64 6.35
CA THR A 261 -12.71 -29.83 7.21
C THR A 261 -12.47 -31.08 6.37
N GLU A 262 -13.15 -31.20 5.23
CA GLU A 262 -13.03 -32.40 4.43
C GLU A 262 -11.71 -32.44 3.67
N ARG A 263 -11.20 -31.28 3.24
CA ARG A 263 -9.94 -31.24 2.51
C ARG A 263 -8.73 -31.39 3.43
N ILE A 264 -8.86 -30.95 4.68
CA ILE A 264 -7.77 -31.11 5.64
C ILE A 264 -7.51 -32.58 5.92
N LEU A 265 -8.58 -33.32 6.24
CA LEU A 265 -8.45 -34.76 6.46
C LEU A 265 -7.91 -35.47 5.24
N GLU A 266 -8.17 -34.92 4.05
CA GLU A 266 -7.64 -35.52 2.82
C GLU A 266 -6.15 -35.23 2.67
N VAL A 267 -5.77 -33.95 2.73
CA VAL A 267 -4.38 -33.56 2.48
C VAL A 267 -3.44 -34.18 3.50
N VAL A 268 -3.83 -34.17 4.78
CA VAL A 268 -2.99 -34.75 5.82
C VAL A 268 -2.83 -36.25 5.60
N GLU A 269 -3.89 -36.91 5.13
CA GLU A 269 -3.84 -38.36 4.94
C GLU A 269 -2.92 -38.73 3.79
N THR A 270 -3.10 -38.10 2.62
CA THR A 270 -2.30 -38.47 1.45
C THR A 270 -0.82 -38.13 1.65
N GLY A 271 -0.52 -37.06 2.37
CA GLY A 271 0.87 -36.73 2.63
C GLY A 271 1.58 -37.82 3.42
N LEU A 272 0.90 -38.42 4.39
CA LEU A 272 1.45 -39.54 5.14
C LEU A 272 1.56 -40.81 4.29
N ALA A 273 0.64 -41.01 3.35
CA ALA A 273 0.54 -42.23 2.58
C ALA A 273 1.19 -42.16 1.22
N GLN A 274 1.67 -40.99 0.80
CA GLN A 274 2.26 -40.83 -0.53
C GLN A 274 3.57 -40.06 -0.41
N GLY A 275 4.13 -39.70 -1.55
CA GLY A 275 5.40 -39.03 -1.58
C GLY A 275 5.34 -37.63 -1.00
N THR A 276 6.51 -37.14 -0.58
CA THR A 276 6.57 -35.82 0.02
C THR A 276 6.09 -34.74 -0.95
N SER A 277 6.45 -34.86 -2.24
CA SER A 277 6.01 -33.88 -3.22
C SER A 277 4.50 -33.93 -3.45
N SER A 278 3.89 -35.11 -3.30
CA SER A 278 2.46 -35.25 -3.56
C SER A 278 1.64 -34.56 -2.48
N GLY A 279 1.98 -34.78 -1.22
CA GLY A 279 1.26 -34.12 -0.13
C GLY A 279 1.30 -32.61 -0.25
N TYR A 280 2.42 -32.06 -0.71
CA TYR A 280 2.51 -30.63 -0.95
C TYR A 280 1.70 -30.24 -2.18
N ASP A 281 1.59 -31.14 -3.16
CA ASP A 281 0.68 -30.89 -4.28
C ASP A 281 -0.78 -30.91 -3.82
N ALA A 282 -1.15 -31.89 -2.99
CA ALA A 282 -2.52 -31.95 -2.48
C ALA A 282 -2.83 -30.73 -1.62
N GLU A 283 -1.84 -30.22 -0.89
CA GLU A 283 -2.06 -29.05 -0.03
C GLU A 283 -2.30 -27.80 -0.87
N ALA A 284 -1.42 -27.54 -1.84
CA ALA A 284 -1.58 -26.35 -2.66
C ALA A 284 -2.86 -26.43 -3.50
N ARG A 285 -3.21 -27.62 -3.97
CA ARG A 285 -4.47 -27.78 -4.69
C ARG A 285 -5.65 -27.50 -3.79
N ALA A 286 -5.62 -28.01 -2.56
CA ALA A 286 -6.71 -27.74 -1.62
C ALA A 286 -6.74 -26.28 -1.20
N PHE A 287 -5.57 -25.63 -1.13
CA PHE A 287 -5.54 -24.23 -0.75
C PHE A 287 -6.15 -23.35 -1.84
N GLY A 288 -5.79 -23.61 -3.10
CA GLY A 288 -6.30 -22.80 -4.20
C GLY A 288 -7.80 -22.96 -4.39
N GLU A 289 -8.29 -24.19 -4.34
CA GLU A 289 -9.72 -24.42 -4.53
C GLU A 289 -10.52 -23.91 -3.35
N LEU A 290 -9.98 -24.03 -2.14
CA LEU A 290 -10.67 -23.48 -0.98
C LEU A 290 -10.73 -21.96 -1.03
N ALA A 291 -9.72 -21.31 -1.62
CA ALA A 291 -9.72 -19.86 -1.72
C ALA A 291 -10.85 -19.34 -2.60
N MET A 292 -11.37 -20.18 -3.50
CA MET A 292 -12.45 -19.79 -4.40
C MET A 292 -13.82 -20.21 -3.90
N THR A 293 -13.89 -21.02 -2.84
CA THR A 293 -15.19 -21.45 -2.32
C THR A 293 -15.94 -20.26 -1.73
N PRO A 294 -17.27 -20.25 -1.87
CA PRO A 294 -18.05 -19.18 -1.23
C PRO A 294 -17.97 -19.20 0.28
N GLN A 295 -17.69 -20.36 0.89
CA GLN A 295 -17.57 -20.43 2.34
C GLN A 295 -16.36 -19.65 2.83
N SER A 296 -15.22 -19.78 2.13
CA SER A 296 -14.03 -19.05 2.52
C SER A 296 -14.20 -17.55 2.27
N GLN A 297 -14.81 -17.19 1.14
CA GLN A 297 -15.07 -15.77 0.87
C GLN A 297 -16.00 -15.17 1.93
N ALA A 298 -16.91 -15.97 2.48
CA ALA A 298 -17.77 -15.49 3.55
C ALA A 298 -17.04 -15.44 4.89
N LEU A 299 -16.18 -16.42 5.16
CA LEU A 299 -15.43 -16.42 6.41
C LEU A 299 -14.40 -15.30 6.44
N ARG A 300 -13.76 -15.02 5.30
CA ARG A 300 -12.84 -13.89 5.24
C ARG A 300 -13.57 -12.56 5.34
N SER A 301 -14.83 -12.51 4.90
CA SER A 301 -15.62 -11.30 5.05
C SER A 301 -15.87 -10.99 6.52
N ILE A 302 -16.00 -12.01 7.36
CA ILE A 302 -16.15 -11.78 8.79
C ILE A 302 -14.83 -11.30 9.39
N PHE A 303 -13.70 -11.81 8.88
CA PHE A 303 -12.40 -11.37 9.37
C PHE A 303 -12.17 -9.90 9.07
N PHE A 304 -12.52 -9.46 7.86
CA PHE A 304 -12.42 -8.05 7.53
C PHE A 304 -13.37 -7.21 8.36
N ALA A 305 -14.61 -7.69 8.54
CA ALA A 305 -15.61 -6.92 9.27
C ALA A 305 -15.25 -6.82 10.75
N SER A 306 -14.71 -7.90 11.34
CA SER A 306 -14.27 -7.84 12.73
C SER A 306 -13.11 -6.88 12.90
N THR A 307 -12.17 -6.87 11.94
CA THR A 307 -11.05 -5.94 12.02
C THR A 307 -11.54 -4.49 11.90
N ASP A 308 -12.52 -4.24 11.03
CA ASP A 308 -13.04 -2.90 10.88
C ASP A 308 -13.80 -2.44 12.13
N VAL A 309 -14.38 -3.39 12.87
CA VAL A 309 -15.10 -3.02 14.09
C VAL A 309 -14.12 -2.55 15.16
N LYS A 310 -12.99 -3.26 15.31
CA LYS A 310 -11.99 -2.85 16.30
C LYS A 310 -11.42 -1.48 15.97
N LYS A 311 -11.21 -1.20 14.69
CA LYS A 311 -10.67 0.10 14.29
C LYS A 311 -11.70 1.22 14.46
N ASP A 312 -12.98 0.89 14.34
CA ASP A 312 -14.03 1.92 14.42
C ASP A 312 -14.16 2.44 15.84
N PRO A 313 -13.93 3.72 16.09
CA PRO A 313 -14.09 4.27 17.44
C PRO A 313 -15.50 4.69 17.78
N GLY A 314 -16.48 4.43 16.91
CA GLY A 314 -17.86 4.82 17.17
C GLY A 314 -18.12 6.30 17.01
N SER A 315 -17.10 7.12 17.32
CA SER A 315 -17.21 8.57 17.22
C SER A 315 -15.81 9.15 17.12
N ASP A 316 -15.74 10.37 16.59
CA ASP A 316 -14.46 11.05 16.41
C ASP A 316 -13.98 11.76 17.67
N ALA A 317 -14.81 11.84 18.71
CA ALA A 317 -14.46 12.56 19.92
C ALA A 317 -13.49 11.77 20.78
N PRO A 318 -12.61 12.45 21.51
CA PRO A 318 -11.69 11.76 22.42
C PRO A 318 -12.45 11.13 23.57
N PRO A 319 -12.09 9.91 23.96
CA PRO A 319 -12.82 9.24 25.03
C PRO A 319 -12.56 9.86 26.39
N ALA A 320 -13.55 9.76 27.26
CA ALA A 320 -13.46 10.27 28.62
C ALA A 320 -12.57 9.37 29.47
N PRO A 321 -12.15 9.82 30.65
CA PRO A 321 -11.41 8.95 31.56
C PRO A 321 -12.19 7.67 31.86
N LEU A 322 -11.45 6.60 32.11
CA LEU A 322 -12.05 5.28 32.29
C LEU A 322 -11.25 4.49 33.32
N ASN A 323 -10.95 5.13 34.46
CA ASN A 323 -10.12 4.52 35.49
C ASN A 323 -10.93 3.70 36.50
N SER A 324 -12.21 3.99 36.67
CA SER A 324 -13.03 3.26 37.63
C SER A 324 -14.48 3.27 37.16
N VAL A 325 -15.10 2.09 37.17
CA VAL A 325 -16.50 1.95 36.79
C VAL A 325 -17.26 1.28 37.92
N GLY A 326 -18.54 1.61 38.01
CA GLY A 326 -19.43 0.95 38.95
C GLY A 326 -20.61 0.35 38.22
N ILE A 327 -21.26 -0.65 38.80
CA ILE A 327 -22.42 -1.27 38.18
C ILE A 327 -23.55 -1.34 39.20
N LEU A 328 -24.76 -1.05 38.74
CA LEU A 328 -25.96 -1.07 39.59
C LEU A 328 -26.71 -2.37 39.33
N GLY A 329 -26.89 -3.16 40.39
CA GLY A 329 -27.58 -4.44 40.27
C GLY A 329 -26.62 -5.61 40.26
N GLY A 330 -26.79 -6.53 41.21
CA GLY A 330 -25.92 -7.69 41.30
C GLY A 330 -26.44 -8.87 40.51
N GLY A 331 -26.39 -10.05 41.12
CA GLY A 331 -26.85 -11.25 40.45
C GLY A 331 -25.87 -11.79 39.44
N LEU A 332 -26.33 -12.79 38.69
CA LEU A 332 -25.49 -13.41 37.67
C LEU A 332 -25.21 -12.45 36.52
N MET A 333 -26.14 -11.52 36.25
CA MET A 333 -25.91 -10.56 35.19
C MET A 333 -24.87 -9.52 35.60
N GLY A 334 -25.03 -8.95 36.79
CA GLY A 334 -24.06 -7.97 37.28
C GLY A 334 -22.68 -8.56 37.48
N GLY A 335 -22.62 -9.79 37.99
CA GLY A 335 -21.33 -10.45 38.14
C GLY A 335 -20.62 -10.68 36.83
N GLY A 336 -21.38 -10.97 35.77
CA GLY A 336 -20.79 -11.12 34.46
C GLY A 336 -20.22 -9.81 33.93
N ILE A 337 -20.90 -8.70 34.21
CA ILE A 337 -20.38 -7.39 33.81
C ILE A 337 -19.14 -7.05 34.64
N ALA A 338 -19.18 -7.31 35.94
CA ALA A 338 -18.02 -7.05 36.78
C ALA A 338 -16.84 -7.94 36.42
N TYR A 339 -17.11 -9.16 35.95
CA TYR A 339 -16.03 -10.06 35.56
C TYR A 339 -15.27 -9.52 34.35
N VAL A 340 -16.00 -9.14 33.29
CA VAL A 340 -15.34 -8.77 32.05
C VAL A 340 -14.66 -7.42 32.17
N THR A 341 -15.13 -6.55 33.07
CA THR A 341 -14.51 -5.24 33.21
C THR A 341 -13.28 -5.26 34.11
N ALA A 342 -13.13 -6.29 34.95
CA ALA A 342 -11.98 -6.42 35.83
C ALA A 342 -11.00 -7.50 35.38
N CYS A 343 -11.50 -8.61 34.84
CA CYS A 343 -10.65 -9.70 34.39
C CYS A 343 -10.20 -9.56 32.94
N LYS A 344 -10.83 -8.68 32.16
CA LYS A 344 -10.43 -8.43 30.78
C LYS A 344 -10.02 -6.98 30.55
N ALA A 345 -10.81 -6.02 31.02
CA ALA A 345 -10.46 -4.61 30.86
C ALA A 345 -9.47 -4.15 31.93
N GLY A 346 -9.36 -4.86 33.04
CA GLY A 346 -8.43 -4.48 34.09
C GLY A 346 -8.85 -3.26 34.90
N ILE A 347 -10.09 -2.80 34.75
CA ILE A 347 -10.57 -1.62 35.47
C ILE A 347 -11.21 -2.07 36.77
N PRO A 348 -10.86 -1.46 37.91
CA PRO A 348 -11.54 -1.81 39.16
C PRO A 348 -13.01 -1.45 39.10
N VAL A 349 -13.85 -2.35 39.62
CA VAL A 349 -15.30 -2.20 39.53
C VAL A 349 -15.92 -2.45 40.90
N ARG A 350 -16.99 -1.71 41.17
CA ARG A 350 -17.73 -1.81 42.43
C ARG A 350 -19.21 -2.01 42.12
N ILE A 351 -19.84 -2.93 42.87
CA ILE A 351 -21.21 -3.35 42.61
C ILE A 351 -22.12 -2.80 43.70
N LYS A 352 -23.25 -2.23 43.29
CA LYS A 352 -24.24 -1.68 44.19
C LYS A 352 -25.55 -2.43 44.00
N ASP A 353 -26.03 -3.08 45.06
CA ASP A 353 -27.29 -3.80 45.02
C ASP A 353 -27.88 -3.80 46.42
N ILE A 354 -29.12 -3.33 46.54
CA ILE A 354 -29.76 -3.26 47.85
C ILE A 354 -30.08 -4.66 48.39
N ASN A 355 -30.08 -5.68 47.54
CA ASN A 355 -30.30 -7.05 47.97
C ASN A 355 -28.96 -7.71 48.25
N PRO A 356 -28.68 -8.16 49.48
CA PRO A 356 -27.37 -8.76 49.76
C PRO A 356 -27.07 -10.00 48.94
N GLN A 357 -28.07 -10.85 48.69
CA GLN A 357 -27.84 -12.06 47.90
C GLN A 357 -27.42 -11.72 46.48
N GLY A 358 -27.88 -10.58 45.95
CA GLY A 358 -27.40 -10.15 44.65
C GLY A 358 -25.92 -9.80 44.64
N ILE A 359 -25.43 -9.26 45.75
CA ILE A 359 -24.00 -9.00 45.88
C ILE A 359 -23.23 -10.32 45.99
N ASN A 360 -23.74 -11.25 46.79
CA ASN A 360 -23.06 -12.53 46.95
C ASN A 360 -22.99 -13.30 45.63
N HIS A 361 -24.08 -13.30 44.86
CA HIS A 361 -24.07 -13.97 43.57
C HIS A 361 -23.06 -13.34 42.63
N ALA A 362 -23.01 -12.01 42.59
CA ALA A 362 -22.10 -11.33 41.68
C ALA A 362 -20.64 -11.53 42.06
N LEU A 363 -20.36 -11.65 43.36
CA LEU A 363 -18.98 -11.91 43.79
C LEU A 363 -18.62 -13.39 43.64
N LYS A 364 -19.53 -14.28 44.03
CA LYS A 364 -19.31 -15.71 43.81
C LYS A 364 -19.30 -16.06 42.33
N TYR A 365 -19.81 -15.18 41.47
CA TYR A 365 -19.77 -15.41 40.04
C TYR A 365 -18.34 -15.35 39.51
N SER A 366 -17.63 -14.25 39.79
CA SER A 366 -16.27 -14.12 39.30
C SER A 366 -15.32 -15.12 39.96
N TRP A 367 -15.63 -15.54 41.19
CA TRP A 367 -14.82 -16.57 41.83
C TRP A 367 -14.96 -17.90 41.12
N ASP A 368 -16.18 -18.27 40.73
CA ASP A 368 -16.38 -19.52 39.99
C ASP A 368 -15.70 -19.46 38.62
N GLN A 369 -15.68 -18.29 37.99
CA GLN A 369 -15.11 -18.16 36.65
C GLN A 369 -13.59 -18.33 36.69
N LEU A 370 -12.95 -17.82 37.74
CA LEU A 370 -11.50 -17.93 37.83
C LEU A 370 -11.05 -19.26 38.43
N GLU A 371 -11.87 -19.87 39.28
CA GLU A 371 -11.53 -21.20 39.79
C GLU A 371 -11.51 -22.24 38.68
N GLY A 372 -12.34 -22.06 37.65
CA GLY A 372 -12.25 -22.91 36.48
C GLY A 372 -10.94 -22.77 35.74
N LYS A 373 -10.38 -21.56 35.71
CA LYS A 373 -9.06 -21.34 35.13
C LYS A 373 -7.94 -21.88 36.02
N VAL A 374 -8.16 -21.93 37.33
CA VAL A 374 -7.23 -22.60 38.23
C VAL A 374 -7.24 -24.11 38.00
N ARG A 375 -8.34 -24.65 37.48
CA ARG A 375 -8.46 -26.09 37.22
C ARG A 375 -7.92 -26.39 35.83
N ARG A 376 -6.68 -26.88 35.76
CA ARG A 376 -6.11 -27.48 34.55
C ARG A 376 -6.04 -26.50 33.39
N ARG A 377 -5.59 -25.28 33.66
CA ARG A 377 -5.29 -24.35 32.58
C ARG A 377 -4.30 -23.28 33.03
N HIS A 378 -4.75 -22.03 33.09
CA HIS A 378 -3.83 -20.93 33.37
C HIS A 378 -3.32 -21.00 34.80
N LEU A 379 -4.16 -21.42 35.73
CA LEU A 379 -3.80 -21.61 37.14
C LEU A 379 -3.31 -20.26 37.66
N LYS A 380 -2.13 -20.18 38.29
CA LYS A 380 -1.66 -18.97 38.97
C LYS A 380 -2.75 -18.38 39.86
N ALA A 381 -3.14 -19.17 40.87
CA ALA A 381 -4.21 -18.75 41.78
C ALA A 381 -3.84 -17.50 42.55
N SER A 382 -2.54 -17.25 42.75
CA SER A 382 -2.11 -15.97 43.30
C SER A 382 -2.59 -14.81 42.44
N GLU A 383 -2.52 -14.98 41.11
CA GLU A 383 -3.09 -13.97 40.21
C GLU A 383 -4.61 -13.98 40.25
N ARG A 384 -5.23 -15.13 40.51
CA ARG A 384 -6.68 -15.18 40.69
C ARG A 384 -7.11 -14.32 41.87
N ASP A 385 -6.45 -14.49 43.02
CA ASP A 385 -6.76 -13.66 44.17
C ASP A 385 -6.39 -12.20 43.92
N LYS A 386 -5.29 -11.98 43.19
CA LYS A 386 -4.91 -10.62 42.82
C LYS A 386 -5.89 -10.03 41.82
N GLN A 387 -6.57 -10.87 41.04
CA GLN A 387 -7.53 -10.40 40.07
C GLN A 387 -8.84 -9.99 40.73
N LEU A 388 -9.24 -10.70 41.79
CA LEU A 388 -10.48 -10.40 42.48
C LEU A 388 -10.39 -9.16 43.37
N ALA A 389 -9.20 -8.60 43.55
CA ALA A 389 -9.09 -7.34 44.29
C ALA A 389 -9.70 -6.17 43.54
N LEU A 390 -9.91 -6.32 42.23
CA LEU A 390 -10.50 -5.25 41.43
C LEU A 390 -12.01 -5.18 41.55
N ILE A 391 -12.66 -6.24 42.03
CA ILE A 391 -14.11 -6.26 42.18
C ILE A 391 -14.45 -6.09 43.65
N SER A 392 -15.55 -5.40 43.92
CA SER A 392 -16.05 -5.21 45.27
C SER A 392 -17.55 -5.02 45.21
N GLY A 393 -18.23 -5.47 46.26
CA GLY A 393 -19.68 -5.38 46.33
C GLY A 393 -20.15 -4.74 47.61
N THR A 394 -21.18 -3.91 47.49
CA THR A 394 -21.74 -3.22 48.65
C THR A 394 -23.22 -2.99 48.43
N THR A 395 -23.93 -2.81 49.54
CA THR A 395 -25.34 -2.44 49.52
C THR A 395 -25.55 -0.99 49.92
N ASP A 396 -24.48 -0.23 50.16
CA ASP A 396 -24.55 1.16 50.55
C ASP A 396 -24.14 2.05 49.38
N TYR A 397 -23.91 3.33 49.67
CA TYR A 397 -23.58 4.33 48.66
C TYR A 397 -22.11 4.72 48.69
N ARG A 398 -21.27 3.97 49.39
CA ARG A 398 -19.86 4.32 49.54
C ARG A 398 -19.05 3.75 48.39
N GLY A 399 -18.11 4.56 47.89
CA GLY A 399 -17.22 4.13 46.84
C GLY A 399 -17.72 4.37 45.43
N PHE A 400 -18.49 5.43 45.21
CA PHE A 400 -19.05 5.71 43.89
C PHE A 400 -18.94 7.15 43.46
N ALA A 401 -18.35 8.03 44.27
CA ALA A 401 -18.33 9.45 43.94
C ALA A 401 -17.37 9.77 42.80
N HIS A 402 -16.41 8.89 42.50
CA HIS A 402 -15.42 9.15 41.47
C HIS A 402 -15.45 8.13 40.35
N ARG A 403 -16.48 7.30 40.27
CA ARG A 403 -16.60 6.34 39.18
C ARG A 403 -16.76 7.07 37.86
N ASP A 404 -15.99 6.65 36.86
CA ASP A 404 -16.02 7.31 35.56
C ASP A 404 -17.20 6.88 34.71
N LEU A 405 -17.81 5.73 35.00
CA LEU A 405 -18.92 5.23 34.21
C LEU A 405 -19.73 4.26 35.07
N ILE A 406 -21.04 4.26 34.88
CA ILE A 406 -21.96 3.42 35.64
C ILE A 406 -22.74 2.54 34.68
N ILE A 407 -22.72 1.23 34.91
CA ILE A 407 -23.45 0.27 34.09
C ILE A 407 -24.66 -0.19 34.90
N GLU A 408 -25.84 0.28 34.52
CA GLU A 408 -27.07 -0.08 35.22
C GLU A 408 -27.57 -1.43 34.70
N ALA A 409 -27.69 -2.40 35.61
CA ALA A 409 -28.20 -3.73 35.30
C ALA A 409 -29.30 -4.10 36.27
N VAL A 410 -30.30 -3.22 36.40
CA VAL A 410 -31.37 -3.39 37.37
C VAL A 410 -32.65 -3.79 36.64
N PHE A 411 -33.73 -3.98 37.38
CA PHE A 411 -34.99 -4.46 36.83
C PHE A 411 -35.45 -3.60 35.66
N GLU A 412 -36.02 -4.26 34.65
CA GLU A 412 -36.48 -3.59 33.42
C GLU A 412 -37.78 -2.85 33.70
N ASN A 413 -37.66 -1.73 34.41
CA ASN A 413 -38.78 -0.84 34.68
C ASN A 413 -38.34 0.59 34.43
N LEU A 414 -39.10 1.32 33.61
CA LEU A 414 -38.70 2.66 33.21
C LEU A 414 -38.57 3.59 34.40
N GLU A 415 -39.55 3.55 35.32
CA GLU A 415 -39.50 4.41 36.49
C GLU A 415 -38.30 4.10 37.36
N LEU A 416 -37.96 2.83 37.50
CA LEU A 416 -36.81 2.45 38.33
C LEU A 416 -35.50 2.89 37.71
N LYS A 417 -35.40 2.86 36.38
CA LYS A 417 -34.13 3.18 35.73
C LYS A 417 -33.83 4.67 35.80
N GLN A 418 -34.80 5.51 35.46
CA GLN A 418 -34.58 6.95 35.56
C GLN A 418 -34.47 7.41 37.01
N GLN A 419 -34.87 6.59 37.97
CA GLN A 419 -34.55 6.86 39.37
C GLN A 419 -33.09 6.54 39.66
N MET A 420 -32.53 5.53 38.98
CA MET A 420 -31.10 5.25 39.11
C MET A 420 -30.26 6.34 38.46
N VAL A 421 -30.79 6.99 37.42
CA VAL A 421 -30.07 8.09 36.79
C VAL A 421 -29.92 9.25 37.75
N ALA A 422 -30.99 9.58 38.49
CA ALA A 422 -30.92 10.67 39.45
C ALA A 422 -29.93 10.37 40.58
N GLU A 423 -29.83 9.10 40.99
CA GLU A 423 -28.85 8.74 42.01
C GLU A 423 -27.44 8.95 41.51
N VAL A 424 -27.17 8.55 40.27
CA VAL A 424 -25.83 8.72 39.70
C VAL A 424 -25.50 10.20 39.53
N GLU A 425 -26.51 11.00 39.18
CA GLU A 425 -26.25 12.42 38.91
C GLU A 425 -25.97 13.22 40.18
N GLN A 426 -26.33 12.70 41.36
CA GLN A 426 -26.08 13.41 42.60
C GLN A 426 -25.02 12.77 43.48
N ASN A 427 -24.82 11.45 43.38
CA ASN A 427 -23.86 10.75 44.22
C ASN A 427 -22.54 10.46 43.51
N CYS A 428 -22.46 10.69 42.21
CA CYS A 428 -21.24 10.53 41.45
C CYS A 428 -20.77 11.89 40.95
N ALA A 429 -19.64 11.89 40.25
CA ALA A 429 -19.09 13.13 39.71
C ALA A 429 -19.98 13.65 38.58
N ALA A 430 -19.62 14.82 38.06
CA ALA A 430 -20.42 15.48 37.03
C ALA A 430 -20.18 14.89 35.64
N HIS A 431 -19.13 14.10 35.46
CA HIS A 431 -18.75 13.58 34.14
C HIS A 431 -19.09 12.10 33.95
N THR A 432 -19.60 11.44 34.99
CA THR A 432 -19.76 9.99 34.93
C THR A 432 -20.81 9.59 33.90
N ILE A 433 -20.50 8.56 33.13
CA ILE A 433 -21.41 8.05 32.12
C ILE A 433 -22.40 7.09 32.77
N PHE A 434 -23.67 7.19 32.35
CA PHE A 434 -24.70 6.26 32.78
C PHE A 434 -25.01 5.34 31.60
N ALA A 435 -24.56 4.10 31.68
CA ALA A 435 -24.74 3.12 30.62
C ALA A 435 -25.80 2.12 31.05
N SER A 436 -26.91 2.08 30.31
CA SER A 436 -28.03 1.23 30.64
C SER A 436 -27.92 -0.11 29.91
N ASN A 437 -28.13 -1.20 30.65
CA ASN A 437 -28.19 -2.54 30.07
C ASN A 437 -29.61 -2.90 29.64
N THR A 438 -30.44 -1.91 29.36
CA THR A 438 -31.84 -2.17 29.03
C THR A 438 -31.95 -2.87 27.68
N SER A 439 -33.02 -3.66 27.53
CA SER A 439 -33.29 -4.38 26.30
C SER A 439 -34.66 -4.07 25.70
N SER A 440 -35.62 -3.63 26.51
CA SER A 440 -36.96 -3.32 26.02
C SER A 440 -37.37 -1.87 26.27
N LEU A 441 -36.52 -1.07 26.92
CA LEU A 441 -36.85 0.32 27.20
C LEU A 441 -36.00 1.24 26.36
N PRO A 442 -36.59 2.28 25.77
CA PRO A 442 -35.80 3.20 24.93
C PRO A 442 -34.86 4.06 25.78
N ILE A 443 -33.71 4.37 25.20
CA ILE A 443 -32.70 5.15 25.91
C ILE A 443 -33.17 6.58 26.12
N GLY A 444 -33.92 7.13 25.17
CA GLY A 444 -34.42 8.49 25.31
C GLY A 444 -35.33 8.69 26.50
N ASP A 445 -36.14 7.67 26.85
CA ASP A 445 -37.02 7.80 27.99
C ASP A 445 -36.26 7.70 29.31
N ILE A 446 -35.13 6.98 29.32
CA ILE A 446 -34.34 6.88 30.54
C ILE A 446 -33.66 8.20 30.86
N ALA A 447 -33.24 8.94 29.83
CA ALA A 447 -32.56 10.21 30.01
C ALA A 447 -33.51 11.40 29.93
N ALA A 448 -34.82 11.17 30.03
CA ALA A 448 -35.78 12.26 29.89
C ALA A 448 -35.65 13.26 31.02
N HIS A 449 -35.45 12.79 32.25
CA HIS A 449 -35.35 13.65 33.42
C HIS A 449 -33.92 13.82 33.91
N ALA A 450 -32.94 13.44 33.10
CA ALA A 450 -31.54 13.55 33.50
C ALA A 450 -31.08 15.00 33.39
N THR A 451 -30.41 15.48 34.44
CA THR A 451 -29.84 16.82 34.40
C THR A 451 -28.74 16.93 33.34
N ARG A 452 -28.00 15.85 33.12
CA ARG A 452 -26.97 15.78 32.08
C ARG A 452 -27.28 14.57 31.20
N PRO A 453 -28.27 14.69 30.30
CA PRO A 453 -28.66 13.54 29.49
C PRO A 453 -27.66 13.17 28.42
N GLU A 454 -26.71 14.05 28.08
CA GLU A 454 -25.70 13.74 27.08
C GLU A 454 -24.75 12.63 27.53
N GLN A 455 -24.78 12.26 28.81
CA GLN A 455 -23.93 11.21 29.34
C GLN A 455 -24.69 9.92 29.62
N VAL A 456 -25.93 9.82 29.14
CA VAL A 456 -26.74 8.61 29.26
C VAL A 456 -26.70 7.86 27.93
N ILE A 457 -26.41 6.56 28.00
CA ILE A 457 -26.23 5.74 26.80
C ILE A 457 -26.68 4.33 27.11
N GLY A 458 -26.89 3.55 26.05
CA GLY A 458 -27.24 2.15 26.18
C GLY A 458 -26.03 1.26 25.97
N LEU A 459 -25.89 0.25 26.85
CA LEU A 459 -24.79 -0.71 26.78
C LEU A 459 -25.40 -2.09 27.00
N HIS A 460 -25.79 -2.74 25.92
CA HIS A 460 -26.58 -3.96 25.97
C HIS A 460 -25.64 -5.18 25.93
N PHE A 461 -25.69 -5.98 26.98
CA PHE A 461 -24.98 -7.25 27.04
C PHE A 461 -25.95 -8.41 26.83
N PHE A 462 -25.39 -9.57 26.51
CA PHE A 462 -26.16 -10.79 26.29
C PHE A 462 -25.68 -11.87 27.25
N SER A 463 -26.62 -12.56 27.88
CA SER A 463 -26.27 -13.60 28.84
C SER A 463 -26.05 -14.93 28.13
N PRO A 464 -25.01 -15.70 28.52
CA PRO A 464 -24.04 -15.33 29.56
C PRO A 464 -23.01 -14.32 29.06
N VAL A 465 -22.66 -13.36 29.91
CA VAL A 465 -21.82 -12.24 29.49
C VAL A 465 -20.45 -12.71 29.02
N GLU A 466 -19.92 -13.79 29.62
CA GLU A 466 -18.59 -14.24 29.26
C GLU A 466 -18.57 -14.95 27.92
N LYS A 467 -19.65 -15.66 27.56
CA LYS A 467 -19.70 -16.39 26.31
C LYS A 467 -20.18 -15.56 25.13
N MET A 468 -20.77 -14.39 25.38
CA MET A 468 -21.31 -13.57 24.29
C MET A 468 -20.34 -12.44 23.97
N PRO A 469 -19.73 -12.43 22.79
CA PRO A 469 -18.74 -11.40 22.48
C PRO A 469 -19.34 -10.10 21.94
N LEU A 470 -20.60 -10.15 21.52
CA LEU A 470 -21.24 -8.98 20.93
C LEU A 470 -21.95 -8.16 22.00
N VAL A 471 -21.86 -6.84 21.87
CA VAL A 471 -22.61 -5.91 22.71
C VAL A 471 -23.20 -4.83 21.82
N GLU A 472 -24.38 -4.35 22.19
CA GLU A 472 -25.05 -3.28 21.48
C GLU A 472 -24.89 -1.98 22.26
N ILE A 473 -24.52 -0.92 21.56
CA ILE A 473 -24.37 0.41 22.14
C ILE A 473 -25.46 1.29 21.55
N ILE A 474 -26.39 1.73 22.40
CA ILE A 474 -27.56 2.46 21.93
C ILE A 474 -27.53 3.88 22.47
N PRO A 475 -27.06 4.86 21.69
CA PRO A 475 -27.19 6.26 22.11
C PRO A 475 -28.55 6.82 21.74
N HIS A 476 -29.10 7.63 22.63
CA HIS A 476 -30.36 8.31 22.33
C HIS A 476 -30.08 9.61 21.59
N ALA A 477 -31.14 10.35 21.27
CA ALA A 477 -31.01 11.51 20.39
C ALA A 477 -30.06 12.56 20.96
N GLY A 478 -30.01 12.69 22.28
CA GLY A 478 -29.18 13.69 22.92
C GLY A 478 -27.86 13.19 23.49
N THR A 479 -27.47 11.95 23.18
CA THR A 479 -26.21 11.43 23.68
C THR A 479 -25.04 12.15 23.03
N SER A 480 -24.08 12.59 23.85
CA SER A 480 -22.93 13.30 23.33
C SER A 480 -21.99 12.36 22.59
N ALA A 481 -21.26 12.92 21.63
CA ALA A 481 -20.31 12.13 20.85
C ALA A 481 -19.16 11.62 21.73
N GLN A 482 -18.80 12.38 22.77
CA GLN A 482 -17.76 11.91 23.68
C GLN A 482 -18.24 10.71 24.50
N THR A 483 -19.52 10.67 24.86
CA THR A 483 -20.05 9.54 25.59
C THR A 483 -20.03 8.27 24.74
N ILE A 484 -20.35 8.39 23.45
CA ILE A 484 -20.33 7.22 22.57
C ILE A 484 -18.92 6.65 22.46
N ALA A 485 -17.94 7.53 22.23
CA ALA A 485 -16.57 7.06 22.04
C ALA A 485 -15.98 6.42 23.29
N THR A 486 -16.42 6.88 24.47
CA THR A 486 -15.91 6.29 25.71
C THR A 486 -16.53 4.93 25.98
N THR A 487 -17.81 4.76 25.64
CA THR A 487 -18.49 3.49 25.92
C THR A 487 -17.97 2.38 25.03
N VAL A 488 -17.67 2.68 23.76
CA VAL A 488 -17.14 1.66 22.86
C VAL A 488 -15.71 1.30 23.23
N LYS A 489 -14.93 2.28 23.70
CA LYS A 489 -13.59 1.97 24.19
C LYS A 489 -13.64 1.02 25.38
N LEU A 490 -14.64 1.20 26.25
CA LEU A 490 -14.82 0.28 27.36
C LEU A 490 -15.24 -1.10 26.87
N ALA A 491 -16.10 -1.16 25.86
CA ALA A 491 -16.57 -2.44 25.34
C ALA A 491 -15.41 -3.23 24.73
N LYS A 492 -14.51 -2.56 24.03
CA LYS A 492 -13.37 -3.25 23.44
C LYS A 492 -12.39 -3.73 24.51
N LYS A 493 -12.18 -2.92 25.55
CA LYS A 493 -11.34 -3.36 26.66
C LYS A 493 -11.92 -4.57 27.36
N GLN A 494 -13.25 -4.67 27.42
CA GLN A 494 -13.93 -5.82 28.00
C GLN A 494 -13.96 -7.03 27.07
N GLY A 495 -13.22 -6.98 25.96
CA GLY A 495 -13.20 -8.09 25.02
C GLY A 495 -14.49 -8.30 24.29
N LYS A 496 -15.21 -7.23 23.96
CA LYS A 496 -16.49 -7.32 23.29
C LYS A 496 -16.43 -6.68 21.91
N THR A 497 -17.25 -7.20 21.00
CA THR A 497 -17.37 -6.65 19.66
C THR A 497 -18.59 -5.75 19.61
N PRO A 498 -18.43 -4.43 19.57
CA PRO A 498 -19.60 -3.54 19.69
C PRO A 498 -20.15 -3.08 18.35
N ILE A 499 -21.46 -2.84 18.31
CA ILE A 499 -22.13 -2.18 17.19
C ILE A 499 -23.01 -1.08 17.76
N VAL A 500 -23.01 0.07 17.11
CA VAL A 500 -23.77 1.23 17.55
C VAL A 500 -25.09 1.23 16.80
N VAL A 501 -26.18 0.91 17.50
CA VAL A 501 -27.50 0.82 16.90
C VAL A 501 -28.35 1.97 17.41
N ARG A 502 -29.37 2.32 16.63
CA ARG A 502 -30.24 3.44 16.95
C ARG A 502 -31.18 3.07 18.11
N ASP A 503 -31.83 4.11 18.65
CA ASP A 503 -32.71 3.97 19.80
C ASP A 503 -34.12 3.65 19.30
N LYS A 504 -34.31 2.39 18.91
CA LYS A 504 -35.61 1.90 18.48
C LYS A 504 -35.90 0.58 19.19
N ALA A 505 -37.19 0.21 19.22
CA ALA A 505 -37.62 -0.96 19.95
C ALA A 505 -36.96 -2.22 19.42
N GLY A 506 -36.37 -3.00 20.32
CA GLY A 506 -35.68 -4.22 19.96
C GLY A 506 -34.26 -4.06 19.50
N PHE A 507 -33.81 -2.82 19.25
CA PHE A 507 -32.45 -2.53 18.78
C PHE A 507 -32.23 -3.29 17.48
N TYR A 508 -31.31 -4.25 17.42
CA TYR A 508 -31.09 -4.99 16.17
C TYR A 508 -31.05 -6.49 16.41
N VAL A 509 -30.31 -6.93 17.43
CA VAL A 509 -30.10 -8.36 17.65
C VAL A 509 -31.41 -9.02 18.05
N ASN A 510 -32.04 -8.55 19.12
CA ASN A 510 -33.28 -9.15 19.58
C ASN A 510 -34.44 -8.90 18.62
N ARG A 511 -34.37 -7.84 17.81
CA ARG A 511 -35.45 -7.55 16.88
C ARG A 511 -35.48 -8.57 15.74
N ILE A 512 -34.33 -8.84 15.13
CA ILE A 512 -34.27 -9.82 14.04
C ILE A 512 -34.33 -11.26 14.54
N LEU A 513 -34.30 -11.47 15.86
CA LEU A 513 -34.38 -12.81 16.43
C LEU A 513 -35.79 -13.20 16.83
N ALA A 514 -36.69 -12.23 17.05
CA ALA A 514 -38.02 -12.56 17.55
C ALA A 514 -38.86 -13.32 16.53
N PRO A 515 -39.04 -12.87 15.28
CA PRO A 515 -39.80 -13.69 14.32
C PRO A 515 -39.12 -15.02 14.03
N TYR A 516 -37.79 -15.06 14.15
CA TYR A 516 -37.06 -16.32 14.06
C TYR A 516 -37.51 -17.29 15.15
N ILE A 517 -37.65 -16.80 16.38
CA ILE A 517 -38.11 -17.63 17.48
C ILE A 517 -39.60 -17.90 17.37
N ASN A 518 -40.38 -16.90 16.94
CA ASN A 518 -41.83 -17.07 16.84
C ASN A 518 -42.20 -18.16 15.85
N GLU A 519 -41.47 -18.24 14.73
CA GLU A 519 -41.83 -19.23 13.71
C GLU A 519 -41.49 -20.65 14.16
N ALA A 520 -40.42 -20.82 14.93
CA ALA A 520 -40.11 -22.14 15.47
C ALA A 520 -41.18 -22.59 16.45
N ILE A 521 -41.67 -21.67 17.28
CA ILE A 521 -42.78 -21.98 18.17
C ILE A 521 -44.05 -22.21 17.38
N ARG A 522 -44.23 -21.51 16.26
CA ARG A 522 -45.43 -21.65 15.45
C ARG A 522 -45.54 -23.06 14.88
N MET A 523 -44.42 -23.60 14.37
CA MET A 523 -44.43 -24.96 13.84
C MET A 523 -44.60 -26.00 14.93
N LEU A 524 -44.26 -25.67 16.18
CA LEU A 524 -44.55 -26.57 17.29
C LEU A 524 -46.06 -26.71 17.49
N THR A 525 -46.80 -25.61 17.28
CA THR A 525 -48.26 -25.66 17.37
C THR A 525 -48.89 -26.35 16.17
N GLN A 526 -48.14 -26.54 15.09
CA GLN A 526 -48.67 -27.10 13.85
C GLN A 526 -48.27 -28.55 13.64
N GLY A 527 -47.70 -29.21 14.66
CA GLY A 527 -47.44 -30.64 14.62
C GLY A 527 -45.99 -31.04 14.50
N GLU A 528 -45.06 -30.08 14.42
CA GLU A 528 -43.65 -30.43 14.26
C GLU A 528 -43.01 -30.71 15.61
N ARG A 529 -42.19 -31.74 15.66
CA ARG A 529 -41.48 -32.12 16.88
C ARG A 529 -40.38 -31.11 17.20
N VAL A 530 -39.95 -31.12 18.46
CA VAL A 530 -38.88 -30.23 18.89
C VAL A 530 -37.54 -30.66 18.27
N GLU A 531 -37.29 -31.97 18.21
CA GLU A 531 -36.04 -32.46 17.66
C GLU A 531 -35.90 -32.08 16.18
N HIS A 532 -36.99 -32.17 15.43
CA HIS A 532 -36.93 -31.94 13.99
C HIS A 532 -36.63 -30.48 13.68
N ILE A 533 -37.16 -29.55 14.47
CA ILE A 533 -36.95 -28.13 14.20
C ILE A 533 -35.53 -27.73 14.54
N ASP A 534 -35.06 -28.10 15.72
CA ASP A 534 -33.72 -27.70 16.14
C ASP A 534 -32.65 -28.34 15.27
N ALA A 535 -32.81 -29.63 14.93
CA ALA A 535 -31.84 -30.28 14.05
C ALA A 535 -31.86 -29.69 12.65
N ALA A 536 -32.98 -29.11 12.24
CA ALA A 536 -33.07 -28.50 10.91
C ALA A 536 -32.22 -27.25 10.81
N LEU A 537 -32.29 -26.39 11.82
CA LEU A 537 -31.53 -25.14 11.78
C LEU A 537 -30.09 -25.30 12.25
N VAL A 538 -29.80 -26.33 13.05
CA VAL A 538 -28.40 -26.67 13.31
C VAL A 538 -27.74 -27.15 12.03
N LYS A 539 -28.46 -27.94 11.22
CA LYS A 539 -27.96 -28.31 9.91
C LYS A 539 -27.81 -27.10 9.00
N PHE A 540 -28.67 -26.09 9.16
CA PHE A 540 -28.55 -24.89 8.35
C PHE A 540 -27.30 -24.09 8.71
N GLY A 541 -26.83 -24.20 9.95
CA GLY A 541 -25.59 -23.55 10.33
C GLY A 541 -25.56 -22.97 11.74
N PHE A 542 -26.73 -22.81 12.35
CA PHE A 542 -26.79 -22.24 13.68
C PHE A 542 -26.20 -23.21 14.71
N PRO A 543 -25.55 -22.70 15.75
CA PRO A 543 -24.93 -23.60 16.74
C PRO A 543 -25.95 -24.35 17.57
N VAL A 544 -27.13 -23.78 17.76
CA VAL A 544 -28.15 -24.39 18.62
C VAL A 544 -29.52 -24.06 18.02
N GLY A 545 -30.41 -25.05 18.01
CA GLY A 545 -31.73 -24.88 17.48
C GLY A 545 -32.52 -23.80 18.20
N PRO A 546 -33.55 -23.27 17.54
CA PRO A 546 -34.31 -22.16 18.15
C PRO A 546 -35.03 -22.55 19.42
N ILE A 547 -35.56 -23.77 19.49
CA ILE A 547 -36.26 -24.22 20.69
C ILE A 547 -35.29 -24.34 21.86
N GLN A 548 -34.13 -24.94 21.63
CA GLN A 548 -33.11 -25.03 22.67
C GLN A 548 -32.51 -23.67 22.98
N LEU A 549 -32.49 -22.76 22.00
CA LEU A 549 -31.97 -21.42 22.24
C LEU A 549 -32.85 -20.64 23.21
N LEU A 550 -34.17 -20.69 23.01
CA LEU A 550 -35.10 -20.04 23.94
C LEU A 550 -34.99 -20.61 25.34
N ASP A 551 -34.50 -21.84 25.48
CA ASP A 551 -34.41 -22.48 26.79
C ASP A 551 -33.13 -22.09 27.53
N GLU A 552 -32.00 -22.07 26.82
CA GLU A 552 -30.74 -21.66 27.45
C GLU A 552 -30.82 -20.24 27.97
N VAL A 553 -31.48 -19.35 27.22
CA VAL A 553 -31.63 -17.97 27.64
C VAL A 553 -32.76 -17.81 28.66
N GLY A 554 -33.71 -18.73 28.68
CA GLY A 554 -34.87 -18.63 29.57
C GLY A 554 -36.11 -18.32 28.75
N ILE A 555 -37.22 -18.97 29.12
CA ILE A 555 -38.46 -18.80 28.37
C ILE A 555 -38.96 -17.37 28.50
N ASP A 556 -39.16 -16.92 29.74
CA ASP A 556 -39.61 -15.54 29.97
C ASP A 556 -38.60 -14.53 29.47
N THR A 557 -37.31 -14.86 29.53
CA THR A 557 -36.28 -13.92 29.10
C THR A 557 -36.35 -13.67 27.60
N GLY A 558 -36.36 -14.74 26.80
CA GLY A 558 -36.42 -14.60 25.35
C GLY A 558 -37.76 -14.19 24.78
N THR A 559 -38.81 -14.18 25.59
CA THR A 559 -40.14 -13.83 25.14
C THR A 559 -40.69 -12.56 25.76
N LYS A 560 -39.98 -11.96 26.72
CA LYS A 560 -40.47 -10.75 27.36
C LYS A 560 -40.49 -9.55 26.41
N ILE A 561 -39.65 -9.56 25.37
CA ILE A 561 -39.59 -8.45 24.43
C ILE A 561 -40.68 -8.52 23.37
N ILE A 562 -41.40 -9.64 23.29
CA ILE A 562 -42.43 -9.79 22.26
C ILE A 562 -43.53 -8.72 22.38
N PRO A 563 -44.08 -8.43 23.57
CA PRO A 563 -45.12 -7.39 23.61
C PRO A 563 -44.65 -6.03 23.11
N VAL A 564 -43.43 -5.62 23.45
CA VAL A 564 -42.94 -4.31 23.02
C VAL A 564 -42.77 -4.29 21.50
N LEU A 565 -42.35 -5.41 20.91
CA LEU A 565 -42.15 -5.46 19.47
C LEU A 565 -43.49 -5.43 18.72
N GLU A 566 -44.51 -6.08 19.27
CA GLU A 566 -45.83 -6.05 18.64
C GLU A 566 -46.42 -4.65 18.69
N ALA A 567 -46.21 -3.93 19.78
CA ALA A 567 -46.80 -2.60 19.94
C ALA A 567 -46.12 -1.56 19.06
N ALA A 568 -44.89 -1.83 18.62
CA ALA A 568 -44.15 -0.86 17.83
C ALA A 568 -44.11 -1.16 16.34
N TYR A 569 -44.39 -2.39 15.91
CA TYR A 569 -44.20 -2.74 14.50
C TYR A 569 -45.42 -3.43 13.89
N GLY A 570 -46.05 -4.29 14.64
CA GLY A 570 -47.30 -4.86 14.17
C GLY A 570 -47.40 -6.32 14.49
N GLU A 571 -48.14 -7.04 13.64
CA GLU A 571 -48.49 -8.43 13.86
C GLU A 571 -47.43 -9.42 13.40
N ARG A 572 -46.39 -8.97 12.68
CA ARG A 572 -45.36 -9.92 12.25
C ARG A 572 -44.61 -10.51 13.43
N PHE A 573 -44.49 -9.76 14.52
CA PHE A 573 -43.85 -10.26 15.74
C PHE A 573 -44.81 -10.99 16.65
N SER A 574 -46.08 -11.13 16.26
CA SER A 574 -47.05 -11.82 17.09
C SER A 574 -46.72 -13.30 17.17
N ALA A 575 -46.74 -13.84 18.38
CA ALA A 575 -46.46 -15.24 18.64
C ALA A 575 -47.75 -16.06 18.53
N PRO A 576 -47.64 -17.39 18.57
CA PRO A 576 -48.84 -18.20 18.73
C PRO A 576 -49.65 -17.74 19.94
N ALA A 577 -50.98 -17.84 19.80
CA ALA A 577 -51.94 -17.18 20.68
C ALA A 577 -51.61 -17.27 22.16
N ASN A 578 -51.68 -18.47 22.74
CA ASN A 578 -51.61 -18.63 24.19
C ASN A 578 -50.49 -19.56 24.64
N VAL A 579 -49.62 -20.00 23.75
CA VAL A 579 -48.62 -20.99 24.15
C VAL A 579 -47.52 -20.35 25.00
N VAL A 580 -47.29 -19.05 24.84
CA VAL A 580 -46.28 -18.39 25.66
C VAL A 580 -46.80 -18.22 27.10
N SER A 581 -48.08 -17.92 27.24
CA SER A 581 -48.67 -17.82 28.58
C SER A 581 -48.88 -19.20 29.18
N SER A 582 -49.06 -20.24 28.36
CA SER A 582 -49.33 -21.57 28.88
C SER A 582 -48.06 -22.22 29.44
N ILE A 583 -46.90 -21.91 28.86
CA ILE A 583 -45.66 -22.52 29.32
C ILE A 583 -45.17 -21.85 30.60
N LEU A 584 -45.25 -20.51 30.67
CA LEU A 584 -44.84 -19.81 31.88
C LEU A 584 -45.80 -20.02 33.03
N ASN A 585 -47.05 -20.41 32.76
CA ASN A 585 -48.00 -20.74 33.81
C ASN A 585 -47.79 -22.14 34.37
N ASP A 586 -46.86 -22.91 33.81
CA ASP A 586 -46.53 -24.24 34.30
C ASP A 586 -45.16 -24.27 34.97
N ASP A 587 -44.64 -23.11 35.34
CA ASP A 587 -43.34 -22.98 36.00
C ASP A 587 -42.21 -23.54 35.13
N ARG A 588 -42.34 -23.41 33.81
CA ARG A 588 -41.32 -23.84 32.87
C ARG A 588 -40.60 -22.60 32.36
N LYS A 589 -39.46 -22.28 32.96
CA LYS A 589 -38.68 -21.11 32.56
C LYS A 589 -37.35 -21.50 31.90
N GLY A 590 -37.26 -22.73 31.39
CA GLY A 590 -36.07 -23.15 30.67
C GLY A 590 -35.07 -23.90 31.52
N ARG A 591 -33.79 -23.84 31.13
CA ARG A 591 -32.74 -24.52 31.87
C ARG A 591 -32.44 -23.85 33.21
N LYS A 592 -32.94 -22.63 33.42
CA LYS A 592 -32.73 -21.95 34.69
C LYS A 592 -33.29 -22.77 35.85
N ASN A 593 -34.54 -23.21 35.72
CA ASN A 593 -35.19 -24.01 36.74
C ASN A 593 -35.41 -25.46 36.30
N GLY A 594 -34.89 -25.85 35.14
CA GLY A 594 -34.92 -27.24 34.74
C GLY A 594 -36.30 -27.76 34.39
N ARG A 595 -37.13 -26.93 33.79
CA ARG A 595 -38.45 -27.33 33.34
C ARG A 595 -38.78 -26.69 32.00
N GLY A 596 -39.32 -27.48 31.09
CA GLY A 596 -39.81 -26.97 29.82
C GLY A 596 -38.97 -27.46 28.65
N PHE A 597 -39.64 -27.74 27.53
CA PHE A 597 -39.02 -28.17 26.28
C PHE A 597 -38.12 -29.38 26.49
N TYR A 598 -36.81 -29.22 26.34
CA TYR A 598 -35.89 -30.30 26.67
C TYR A 598 -35.85 -30.50 28.18
N LEU A 599 -35.99 -31.74 28.64
CA LEU A 599 -35.88 -32.00 30.07
C LEU A 599 -34.40 -32.06 30.45
N TYR A 600 -34.07 -31.41 31.57
CA TYR A 600 -32.68 -31.26 32.00
C TYR A 600 -32.35 -32.07 33.24
N GLY A 601 -33.24 -32.98 33.65
CA GLY A 601 -32.98 -33.84 34.78
C GLY A 601 -32.12 -35.05 34.50
N GLN A 602 -31.59 -35.18 33.28
CA GLN A 602 -30.79 -36.34 32.93
C GLN A 602 -29.53 -36.42 33.78
N LYS A 603 -29.08 -37.64 34.03
CA LYS A 603 -27.89 -37.88 34.82
C LYS A 603 -26.65 -38.19 33.98
N GLY A 604 -26.83 -38.57 32.72
CA GLY A 604 -25.70 -38.98 31.91
C GLY A 604 -24.77 -37.81 31.60
N ARG A 605 -23.47 -38.10 31.63
CA ARG A 605 -22.46 -37.10 31.30
C ARG A 605 -22.64 -36.60 29.87
N LYS A 606 -22.60 -37.52 28.90
CA LYS A 606 -22.88 -37.21 27.51
C LYS A 606 -24.28 -37.65 27.10
N SER A 607 -25.24 -37.56 28.02
CA SER A 607 -26.61 -38.01 27.76
C SER A 607 -27.20 -37.24 26.59
N LYS A 608 -27.77 -37.98 25.63
CA LYS A 608 -28.42 -37.36 24.49
C LYS A 608 -29.54 -36.44 24.95
N LYS A 609 -29.55 -35.22 24.43
CA LYS A 609 -30.57 -34.25 24.77
C LYS A 609 -31.95 -34.77 24.37
N GLN A 610 -32.83 -34.96 25.36
CA GLN A 610 -34.16 -35.46 25.15
C GLN A 610 -35.18 -34.38 25.51
N VAL A 611 -36.24 -34.28 24.72
CA VAL A 611 -37.28 -33.30 24.97
C VAL A 611 -38.27 -33.85 25.99
N ASP A 612 -38.83 -32.96 26.79
CA ASP A 612 -39.90 -33.35 27.71
C ASP A 612 -41.16 -33.63 26.91
N PRO A 613 -41.68 -34.87 26.91
CA PRO A 613 -42.88 -35.16 26.14
C PRO A 613 -44.11 -34.40 26.60
N ALA A 614 -44.07 -33.77 27.78
CA ALA A 614 -45.20 -33.02 28.30
C ALA A 614 -45.30 -31.62 27.72
N ILE A 615 -44.33 -31.19 26.91
CA ILE A 615 -44.40 -29.86 26.32
C ILE A 615 -45.44 -29.81 25.21
N TYR A 616 -45.70 -30.93 24.56
CA TYR A 616 -46.65 -31.00 23.46
C TYR A 616 -48.10 -30.93 23.95
N PRO A 617 -48.46 -31.59 25.06
CA PRO A 617 -49.81 -31.38 25.61
C PRO A 617 -50.05 -29.94 26.05
N LEU A 618 -49.05 -29.28 26.63
CA LEU A 618 -49.21 -27.88 27.03
C LEU A 618 -49.46 -27.00 25.82
N ILE A 619 -48.68 -27.20 24.76
CA ILE A 619 -48.86 -26.43 23.53
C ILE A 619 -50.09 -26.93 22.79
N GLY A 620 -50.79 -26.00 22.14
CA GLY A 620 -51.94 -26.36 21.32
C GLY A 620 -51.54 -27.07 20.04
N THR A 621 -51.13 -28.33 20.15
CA THR A 621 -50.67 -29.07 18.98
C THR A 621 -51.83 -29.39 18.05
N GLN A 622 -51.62 -29.14 16.75
CA GLN A 622 -52.61 -29.46 15.72
C GLN A 622 -51.85 -29.87 14.45
N GLY A 623 -51.59 -31.16 14.33
CA GLY A 623 -50.93 -31.67 13.15
C GLY A 623 -50.22 -32.97 13.44
N GLN A 624 -49.56 -33.48 12.40
CA GLN A 624 -48.81 -34.73 12.49
C GLN A 624 -47.37 -34.61 12.03
N GLY A 625 -46.93 -33.43 11.62
CA GLY A 625 -45.57 -33.25 11.15
C GLY A 625 -45.42 -33.58 9.67
N ARG A 626 -45.53 -32.57 8.82
CA ARG A 626 -45.50 -32.76 7.38
C ARG A 626 -44.61 -31.72 6.70
N ILE A 627 -43.61 -31.21 7.41
CA ILE A 627 -42.73 -30.16 6.92
C ILE A 627 -41.30 -30.67 6.99
N SER A 628 -40.62 -30.70 5.85
CA SER A 628 -39.25 -31.19 5.81
C SER A 628 -38.30 -30.22 6.51
N ALA A 629 -37.11 -30.72 6.83
CA ALA A 629 -36.13 -29.91 7.54
C ALA A 629 -35.70 -28.67 6.77
N PRO A 630 -35.43 -28.70 5.45
CA PRO A 630 -35.11 -27.44 4.76
C PRO A 630 -36.24 -26.42 4.79
N GLN A 631 -37.51 -26.86 4.76
CA GLN A 631 -38.62 -25.92 4.90
C GLN A 631 -38.65 -25.29 6.29
N VAL A 632 -38.34 -26.09 7.31
CA VAL A 632 -38.36 -25.58 8.68
C VAL A 632 -37.35 -24.45 8.82
N ALA A 633 -36.12 -24.67 8.37
CA ALA A 633 -35.10 -23.64 8.46
C ALA A 633 -35.44 -22.46 7.57
N GLU A 634 -36.03 -22.71 6.41
CA GLU A 634 -36.38 -21.64 5.49
C GLU A 634 -37.42 -20.71 6.10
N ARG A 635 -38.44 -21.26 6.74
CA ARG A 635 -39.47 -20.43 7.34
C ARG A 635 -38.90 -19.56 8.47
N CYS A 636 -37.95 -20.11 9.24
CA CYS A 636 -37.36 -19.35 10.33
C CYS A 636 -36.36 -18.32 9.82
N VAL A 637 -35.53 -18.70 8.86
CA VAL A 637 -34.46 -17.81 8.39
C VAL A 637 -35.05 -16.65 7.58
N MET A 638 -36.03 -16.94 6.73
CA MET A 638 -36.60 -15.89 5.88
C MET A 638 -37.28 -14.80 6.71
N LEU A 639 -37.83 -15.16 7.88
CA LEU A 639 -38.41 -14.15 8.74
C LEU A 639 -37.33 -13.31 9.43
N MET A 640 -36.18 -13.91 9.72
CA MET A 640 -35.06 -13.14 10.26
C MET A 640 -34.45 -12.24 9.19
N LEU A 641 -34.24 -12.79 7.98
CA LEU A 641 -33.64 -12.00 6.90
C LEU A 641 -34.48 -10.77 6.59
N ASN A 642 -35.80 -10.90 6.66
CA ASN A 642 -36.67 -9.76 6.37
C ASN A 642 -36.49 -8.65 7.41
N GLU A 643 -36.33 -9.04 8.68
CA GLU A 643 -36.09 -8.03 9.72
C GLU A 643 -34.72 -7.40 9.58
N ALA A 644 -33.72 -8.17 9.14
CA ALA A 644 -32.38 -7.61 8.97
C ALA A 644 -32.36 -6.52 7.92
N VAL A 645 -33.07 -6.72 6.81
CA VAL A 645 -33.09 -5.71 5.76
C VAL A 645 -33.85 -4.47 6.22
N ARG A 646 -34.91 -4.66 7.03
CA ARG A 646 -35.63 -3.52 7.56
C ARG A 646 -34.77 -2.69 8.50
N CYS A 647 -33.86 -3.33 9.24
CA CYS A 647 -33.00 -2.59 10.15
C CYS A 647 -31.98 -1.75 9.38
N VAL A 648 -31.42 -2.28 8.30
CA VAL A 648 -30.48 -1.51 7.51
C VAL A 648 -31.18 -0.47 6.66
N ASP A 649 -32.48 -0.66 6.38
CA ASP A 649 -33.24 0.34 5.64
C ASP A 649 -33.69 1.48 6.54
N GLU A 650 -34.06 1.18 7.77
CA GLU A 650 -34.43 2.20 8.75
C GLU A 650 -33.23 2.82 9.44
N GLN A 651 -32.01 2.50 8.99
CA GLN A 651 -30.77 3.00 9.57
C GLN A 651 -30.65 2.64 11.05
N VAL A 652 -31.30 1.54 11.46
CA VAL A 652 -31.12 1.04 12.82
C VAL A 652 -29.66 0.67 13.04
N ILE A 653 -29.08 -0.06 12.10
CA ILE A 653 -27.65 -0.34 12.10
C ILE A 653 -26.96 0.69 11.20
N ARG A 654 -25.68 0.93 11.48
CA ARG A 654 -24.95 1.96 10.72
C ARG A 654 -24.62 1.49 9.32
N SER A 655 -24.39 0.19 9.13
CA SER A 655 -24.04 -0.36 7.83
C SER A 655 -24.29 -1.86 7.84
N VAL A 656 -24.16 -2.47 6.67
CA VAL A 656 -24.31 -3.92 6.57
C VAL A 656 -23.15 -4.65 7.23
N ARG A 657 -22.02 -3.96 7.41
CA ARG A 657 -20.91 -4.57 8.15
C ARG A 657 -21.29 -4.83 9.60
N ASP A 658 -21.94 -3.86 10.24
CA ASP A 658 -22.43 -4.07 11.60
C ASP A 658 -23.59 -5.06 11.62
N GLY A 659 -24.37 -5.11 10.55
CA GLY A 659 -25.48 -6.06 10.50
C GLY A 659 -25.01 -7.50 10.41
N ASP A 660 -23.99 -7.76 9.59
CA ASP A 660 -23.44 -9.11 9.49
C ASP A 660 -22.70 -9.48 10.77
N ILE A 661 -21.92 -8.55 11.33
CA ILE A 661 -21.23 -8.82 12.59
C ILE A 661 -22.23 -9.03 13.71
N GLY A 662 -23.29 -8.21 13.75
CA GLY A 662 -24.26 -8.31 14.82
C GLY A 662 -25.00 -9.63 14.84
N ALA A 663 -25.17 -10.26 13.67
CA ALA A 663 -25.90 -11.51 13.59
C ALA A 663 -24.99 -12.73 13.75
N VAL A 664 -23.78 -12.68 13.20
CA VAL A 664 -22.86 -13.81 13.33
C VAL A 664 -22.47 -14.02 14.78
N PHE A 665 -22.11 -12.94 15.48
CA PHE A 665 -21.69 -13.02 16.87
C PHE A 665 -22.84 -12.94 17.86
N GLY A 666 -23.97 -12.36 17.47
CA GLY A 666 -25.07 -12.18 18.39
C GLY A 666 -26.00 -13.37 18.49
N ILE A 667 -26.59 -13.76 17.36
CA ILE A 667 -27.56 -14.85 17.31
C ILE A 667 -26.97 -16.11 16.71
N GLY A 668 -25.65 -16.15 16.51
CA GLY A 668 -25.01 -17.34 15.97
C GLY A 668 -25.35 -17.62 14.53
N PHE A 669 -25.46 -16.59 13.71
CA PHE A 669 -25.72 -16.80 12.29
C PHE A 669 -24.57 -17.60 11.68
N PRO A 670 -24.86 -18.58 10.83
CA PRO A 670 -23.81 -19.46 10.29
C PRO A 670 -22.69 -18.66 9.65
N PRO A 671 -21.46 -18.82 10.15
CA PRO A 671 -20.34 -18.02 9.62
C PRO A 671 -19.99 -18.35 8.18
N PHE A 672 -20.22 -19.59 7.73
CA PHE A 672 -19.91 -19.94 6.35
C PHE A 672 -20.82 -19.25 5.35
N LEU A 673 -21.88 -18.58 5.81
CA LEU A 673 -22.71 -17.74 4.96
C LEU A 673 -22.32 -16.28 5.03
N GLY A 674 -21.52 -15.88 6.02
CA GLY A 674 -21.02 -14.52 6.10
C GLY A 674 -21.96 -13.51 6.70
N GLY A 675 -23.12 -13.93 7.21
CA GLY A 675 -24.09 -13.01 7.76
C GLY A 675 -25.34 -12.95 6.92
N PRO A 676 -26.38 -12.28 7.44
CA PRO A 676 -27.65 -12.23 6.70
C PRO A 676 -27.56 -11.48 5.39
N PHE A 677 -26.74 -10.43 5.30
CA PHE A 677 -26.64 -9.66 4.07
C PHE A 677 -25.72 -10.33 3.06
N ARG A 678 -24.65 -10.99 3.53
CA ARG A 678 -23.85 -11.79 2.62
C ARG A 678 -24.63 -12.99 2.09
N TYR A 679 -25.58 -13.51 2.88
CA TYR A 679 -26.39 -14.63 2.44
C TYR A 679 -27.41 -14.19 1.39
N ILE A 680 -27.97 -12.99 1.55
CA ILE A 680 -28.93 -12.49 0.57
C ILE A 680 -28.23 -12.19 -0.75
N ASP A 681 -27.06 -11.55 -0.70
CA ASP A 681 -26.28 -11.33 -1.90
C ASP A 681 -25.81 -12.65 -2.51
N SER A 682 -25.61 -13.68 -1.67
CA SER A 682 -25.24 -14.99 -2.19
C SER A 682 -26.37 -15.59 -3.00
N LEU A 683 -27.62 -15.49 -2.51
CA LEU A 683 -28.75 -16.02 -3.25
C LEU A 683 -29.23 -15.06 -4.33
N GLY A 684 -29.00 -13.76 -4.14
CA GLY A 684 -29.55 -12.76 -5.04
C GLY A 684 -30.80 -12.13 -4.45
N ALA A 685 -30.91 -10.81 -4.54
CA ALA A 685 -32.04 -10.11 -3.92
C ALA A 685 -33.36 -10.57 -4.50
N GLY A 686 -33.48 -10.57 -5.83
CA GLY A 686 -34.73 -10.98 -6.45
C GLY A 686 -35.07 -12.43 -6.23
N GLU A 687 -34.05 -13.27 -5.99
CA GLU A 687 -34.31 -14.69 -5.77
C GLU A 687 -34.94 -14.94 -4.41
N VAL A 688 -34.48 -14.21 -3.37
CA VAL A 688 -35.09 -14.36 -2.06
C VAL A 688 -36.44 -13.66 -1.98
N VAL A 689 -36.70 -12.69 -2.86
CA VAL A 689 -38.02 -12.07 -2.90
C VAL A 689 -39.05 -13.08 -3.39
N ALA A 690 -38.69 -13.87 -4.40
CA ALA A 690 -39.61 -14.90 -4.89
C ALA A 690 -39.82 -15.99 -3.85
N ILE A 691 -38.78 -16.31 -3.08
CA ILE A 691 -38.91 -17.31 -2.02
C ILE A 691 -39.91 -16.84 -0.97
N MET A 692 -39.74 -15.60 -0.49
CA MET A 692 -40.63 -15.09 0.55
C MET A 692 -42.01 -14.76 0.01
N GLN A 693 -42.10 -14.38 -1.27
CA GLN A 693 -43.43 -14.22 -1.88
C GLN A 693 -44.17 -15.54 -1.94
N ARG A 694 -43.45 -16.65 -2.09
CA ARG A 694 -44.09 -17.96 -2.11
CA ARG A 694 -44.09 -17.96 -2.11
C ARG A 694 -44.52 -18.37 -0.71
N LEU A 695 -43.65 -18.19 0.28
CA LEU A 695 -43.99 -18.53 1.65
C LEU A 695 -45.15 -17.68 2.15
N ALA A 696 -45.22 -16.41 1.73
CA ALA A 696 -46.31 -15.55 2.13
C ALA A 696 -47.64 -16.03 1.58
N THR A 697 -47.63 -16.66 0.40
CA THR A 697 -48.87 -17.14 -0.20
C THR A 697 -49.45 -18.31 0.60
N GLN A 698 -48.59 -19.20 1.09
CA GLN A 698 -49.05 -20.42 1.76
C GLN A 698 -48.92 -20.38 3.28
N TYR A 699 -48.34 -19.33 3.84
CA TYR A 699 -48.23 -19.29 5.30
C TYR A 699 -48.82 -18.04 5.93
N GLY A 700 -48.63 -16.89 5.32
CA GLY A 700 -49.17 -15.65 5.84
C GLY A 700 -48.34 -14.46 5.43
N SER A 701 -48.94 -13.27 5.59
CA SER A 701 -48.31 -12.04 5.14
C SER A 701 -47.07 -11.66 5.94
N ARG A 702 -46.74 -12.39 7.01
CA ARG A 702 -45.52 -12.11 7.74
C ARG A 702 -44.27 -12.44 6.92
N PHE A 703 -44.41 -13.31 5.91
CA PHE A 703 -43.31 -13.62 4.99
C PHE A 703 -43.23 -12.65 3.81
N THR A 704 -44.06 -11.61 3.80
CA THR A 704 -44.06 -10.68 2.67
C THR A 704 -42.69 -10.01 2.56
N PRO A 705 -42.09 -9.99 1.38
CA PRO A 705 -40.79 -9.32 1.22
C PRO A 705 -40.88 -7.85 1.63
N CYS A 706 -39.90 -7.42 2.42
CA CYS A 706 -39.94 -6.09 2.99
C CYS A 706 -39.86 -5.04 1.88
N GLU A 707 -40.19 -3.79 2.26
CA GLU A 707 -40.35 -2.73 1.29
C GLU A 707 -39.03 -2.42 0.58
N ARG A 708 -37.91 -2.53 1.30
CA ARG A 708 -36.61 -2.24 0.68
C ARG A 708 -36.15 -3.38 -0.21
N LEU A 709 -36.52 -4.62 0.12
CA LEU A 709 -35.95 -5.77 -0.57
C LEU A 709 -36.48 -5.92 -1.99
N VAL A 710 -37.77 -5.61 -2.20
CA VAL A 710 -38.31 -5.71 -3.55
C VAL A 710 -37.68 -4.66 -4.46
N GLU A 711 -37.26 -3.52 -3.90
CA GLU A 711 -36.54 -2.53 -4.70
C GLU A 711 -35.19 -3.07 -5.15
N MET A 712 -34.48 -3.77 -4.27
CA MET A 712 -33.23 -4.39 -4.65
C MET A 712 -33.43 -5.54 -5.62
N GLY A 713 -34.54 -6.29 -5.47
CA GLY A 713 -34.82 -7.37 -6.38
C GLY A 713 -35.22 -6.91 -7.77
N ALA A 714 -35.99 -5.81 -7.84
CA ALA A 714 -36.38 -5.26 -9.13
C ALA A 714 -35.16 -4.74 -9.88
N ARG A 715 -34.16 -4.26 -9.17
CA ARG A 715 -32.91 -3.78 -9.77
C ARG A 715 -31.83 -4.83 -9.57
N GLY A 716 -30.58 -4.43 -9.79
CA GLY A 716 -29.47 -5.35 -9.60
C GLY A 716 -28.65 -5.00 -8.38
N GLU A 717 -29.30 -4.49 -7.34
CA GLU A 717 -28.57 -4.01 -6.18
C GLU A 717 -28.09 -5.17 -5.31
N SER A 718 -26.93 -4.99 -4.71
CA SER A 718 -26.38 -5.91 -3.72
C SER A 718 -26.03 -5.13 -2.46
N PHE A 719 -25.90 -5.85 -1.35
CA PHE A 719 -25.60 -5.19 -0.08
C PHE A 719 -24.12 -4.80 0.00
N TRP A 720 -23.23 -5.63 -0.54
CA TRP A 720 -21.80 -5.34 -0.59
C TRP A 720 -21.42 -5.04 -2.03
N LYS A 721 -20.84 -3.86 -2.25
CA LYS A 721 -20.74 -3.31 -3.60
C LYS A 721 -19.84 -4.16 -4.50
N THR A 722 -18.58 -4.36 -4.09
CA THR A 722 -17.70 -5.22 -4.87
C THR A 722 -18.24 -6.64 -4.90
N THR A 723 -18.74 -7.07 -6.05
CA THR A 723 -19.47 -8.31 -6.18
C THR A 723 -18.53 -9.46 -6.57
N ALA A 724 -19.06 -10.67 -6.47
CA ALA A 724 -18.31 -11.88 -6.82
C ALA A 724 -19.26 -13.01 -7.20
N MET B 17 12.99 22.07 19.12
CA MET B 17 13.35 22.74 17.87
C MET B 17 12.57 24.05 17.74
N THR B 18 12.26 24.42 16.49
CA THR B 18 11.52 25.62 16.20
C THR B 18 10.45 25.32 15.17
N SER B 19 9.38 26.11 15.20
CA SER B 19 8.32 25.98 14.21
C SER B 19 8.85 26.41 12.84
N ALA B 20 8.21 25.88 11.79
CA ALA B 20 8.65 26.18 10.43
C ALA B 20 8.44 27.63 10.06
N PHE B 21 7.49 28.30 10.71
CA PHE B 21 7.15 29.69 10.41
C PHE B 21 7.23 30.49 11.70
N THR B 22 8.04 31.55 11.70
CA THR B 22 8.23 32.39 12.87
C THR B 22 7.77 33.81 12.56
N LEU B 23 6.92 34.35 13.42
CA LEU B 23 6.31 35.66 13.24
C LEU B 23 7.07 36.72 14.05
N ASN B 24 7.30 37.87 13.42
CA ASN B 24 7.98 38.98 14.07
C ASN B 24 7.38 40.29 13.56
N VAL B 25 7.03 41.18 14.48
CA VAL B 25 6.44 42.47 14.16
C VAL B 25 7.47 43.55 14.45
N ARG B 26 7.80 44.35 13.44
CA ARG B 26 8.77 45.43 13.60
C ARG B 26 8.05 46.66 14.17
N LEU B 27 8.77 47.78 14.25
CA LEU B 27 8.22 48.98 14.87
C LEU B 27 7.31 49.77 13.94
N ASP B 28 7.42 49.59 12.62
CA ASP B 28 6.52 50.24 11.69
C ASP B 28 5.18 49.51 11.54
N ASN B 29 4.87 48.61 12.47
CA ASN B 29 3.65 47.81 12.43
C ASN B 29 3.55 47.02 11.12
N ILE B 30 4.67 46.43 10.71
CA ILE B 30 4.73 45.52 9.57
C ILE B 30 5.35 44.22 10.06
N ALA B 31 4.58 43.13 9.98
CA ALA B 31 4.98 41.86 10.57
C ALA B 31 5.79 41.04 9.58
N VAL B 32 7.01 40.69 9.96
CA VAL B 32 7.83 39.78 9.19
C VAL B 32 7.54 38.37 9.66
N ILE B 33 7.00 37.54 8.77
CA ILE B 33 6.81 36.12 9.04
C ILE B 33 7.92 35.37 8.34
N THR B 34 8.85 34.82 9.12
CA THR B 34 10.04 34.18 8.59
C THR B 34 9.78 32.70 8.36
N ILE B 35 10.19 32.21 7.19
CA ILE B 35 10.05 30.81 6.81
C ILE B 35 11.40 30.15 7.00
N ASP B 36 11.41 29.00 7.66
CA ASP B 36 12.63 28.22 7.85
C ASP B 36 12.21 26.86 8.39
N VAL B 37 12.58 25.80 7.66
CA VAL B 37 12.31 24.44 8.11
C VAL B 37 13.59 23.89 8.71
N PRO B 38 13.50 23.19 9.85
CA PRO B 38 14.71 22.59 10.44
C PRO B 38 15.20 21.37 9.68
N GLY B 39 14.39 20.81 8.79
CA GLY B 39 14.76 19.56 8.14
C GLY B 39 15.91 19.71 7.16
N GLU B 40 15.79 20.64 6.23
CA GLU B 40 16.75 20.71 5.13
C GLU B 40 16.82 22.13 4.58
N LYS B 41 17.67 22.30 3.57
CA LYS B 41 17.88 23.60 2.95
C LYS B 41 16.69 24.03 2.11
N MET B 42 15.97 23.07 1.53
CA MET B 42 14.76 23.36 0.76
C MET B 42 13.57 23.25 1.69
N ASN B 43 12.87 24.37 1.90
CA ASN B 43 11.72 24.42 2.81
C ASN B 43 10.49 23.88 2.07
N THR B 44 10.50 22.56 1.87
CA THR B 44 9.37 21.92 1.20
C THR B 44 8.12 22.04 2.06
N LEU B 45 7.06 22.60 1.47
CA LEU B 45 5.81 22.80 2.20
C LEU B 45 5.22 21.46 2.62
N LYS B 46 5.04 21.29 3.93
CA LYS B 46 4.54 20.04 4.48
C LYS B 46 3.19 20.26 5.14
N ALA B 47 2.43 19.16 5.25
CA ALA B 47 1.12 19.23 5.88
C ALA B 47 1.20 19.49 7.37
N GLU B 48 2.35 19.23 7.99
CA GLU B 48 2.50 19.50 9.42
C GLU B 48 2.49 21.00 9.70
N PHE B 49 3.10 21.79 8.81
CA PHE B 49 3.15 23.24 8.99
C PHE B 49 1.83 23.93 8.66
N ALA B 50 0.84 23.20 8.15
CA ALA B 50 -0.45 23.81 7.86
C ALA B 50 -1.12 24.31 9.13
N SER B 51 -0.98 23.56 10.23
CA SER B 51 -1.55 24.01 11.50
C SER B 51 -0.79 25.22 12.05
N GLN B 52 0.50 25.33 11.74
CA GLN B 52 1.28 26.47 12.22
C GLN B 52 0.86 27.75 11.50
N VAL B 53 0.73 27.69 10.18
CA VAL B 53 0.41 28.90 9.41
C VAL B 53 -1.01 29.37 9.69
N ARG B 54 -1.92 28.43 9.99
CA ARG B 54 -3.26 28.84 10.38
C ARG B 54 -3.28 29.44 11.78
N ALA B 55 -2.36 29.02 12.64
CA ALA B 55 -2.25 29.64 13.96
C ALA B 55 -1.60 31.01 13.88
N ILE B 56 -0.73 31.23 12.89
CA ILE B 56 -0.04 32.51 12.77
C ILE B 56 -0.96 33.57 12.18
N ILE B 57 -1.73 33.22 11.15
CA ILE B 57 -2.58 34.20 10.49
C ILE B 57 -3.68 34.69 11.44
N LYS B 58 -4.21 33.78 12.27
CA LYS B 58 -5.29 34.17 13.17
C LYS B 58 -4.79 34.93 14.39
N GLN B 59 -3.52 34.72 14.76
CA GLN B 59 -2.93 35.57 15.79
C GLN B 59 -2.78 37.00 15.31
N LEU B 60 -2.34 37.17 14.05
CA LEU B 60 -2.27 38.50 13.47
C LEU B 60 -3.63 39.01 12.99
N ARG B 61 -4.57 38.10 12.74
CA ARG B 61 -5.92 38.52 12.37
C ARG B 61 -6.60 39.26 13.51
N GLU B 62 -6.40 38.79 14.74
CA GLU B 62 -6.92 39.47 15.93
C GLU B 62 -5.85 40.43 16.46
N ASN B 63 -5.59 41.46 15.66
CA ASN B 63 -4.60 42.47 16.01
C ASN B 63 -5.13 43.85 15.64
N LYS B 64 -5.37 44.07 14.34
CA LYS B 64 -5.94 45.31 13.80
C LYS B 64 -5.04 46.51 14.02
N GLU B 65 -3.94 46.35 14.75
CA GLU B 65 -2.88 47.35 14.79
C GLU B 65 -1.82 47.09 13.73
N LEU B 66 -1.83 45.92 13.12
CA LEU B 66 -0.87 45.56 12.09
C LEU B 66 -1.24 46.22 10.76
N ARG B 67 -0.22 46.50 9.96
CA ARG B 67 -0.39 47.20 8.69
C ARG B 67 0.08 46.39 7.49
N GLY B 68 1.19 45.68 7.61
CA GLY B 68 1.70 44.89 6.51
C GLY B 68 2.34 43.61 7.00
N VAL B 69 2.45 42.64 6.09
CA VAL B 69 3.08 41.36 6.36
C VAL B 69 3.89 40.95 5.14
N VAL B 70 5.08 40.40 5.38
CA VAL B 70 5.98 39.99 4.31
C VAL B 70 6.54 38.61 4.63
N PHE B 71 6.76 37.82 3.57
CA PHE B 71 7.32 36.48 3.69
C PHE B 71 8.78 36.48 3.26
N VAL B 72 9.61 35.77 4.02
CA VAL B 72 11.04 35.64 3.73
C VAL B 72 11.46 34.20 4.00
N SER B 73 12.40 33.71 3.19
CA SER B 73 12.78 32.30 3.25
C SER B 73 13.96 32.01 4.17
N ALA B 74 14.80 33.01 4.45
CA ALA B 74 15.91 32.88 5.39
C ALA B 74 16.81 31.69 5.11
N LYS B 75 16.67 31.06 3.96
CA LYS B 75 17.50 29.94 3.54
C LYS B 75 18.22 30.33 2.26
N PRO B 76 19.56 30.27 2.22
CA PRO B 76 20.30 30.99 1.17
C PRO B 76 20.08 30.45 -0.24
N ASP B 77 19.66 29.21 -0.41
CA ASP B 77 19.63 28.60 -1.74
C ASP B 77 18.24 28.52 -2.35
N ASN B 78 17.19 28.88 -1.61
CA ASN B 78 15.84 28.71 -2.12
C ASN B 78 14.86 29.56 -1.34
N PHE B 79 13.69 29.78 -1.94
CA PHE B 79 12.56 30.39 -1.24
C PHE B 79 11.69 29.29 -0.65
N ILE B 80 10.92 28.63 -1.51
CA ILE B 80 10.16 27.44 -1.14
C ILE B 80 10.29 26.43 -2.27
N ALA B 81 10.69 25.21 -1.94
CA ALA B 81 10.89 24.18 -2.95
C ALA B 81 9.57 23.73 -3.55
N GLY B 82 8.53 23.59 -2.71
CA GLY B 82 7.25 23.09 -3.15
C GLY B 82 6.64 22.15 -2.14
N ALA B 83 5.50 21.56 -2.46
CA ALA B 83 4.85 20.64 -1.54
C ALA B 83 5.68 19.36 -1.40
N ASP B 84 5.62 18.77 -0.20
CA ASP B 84 6.35 17.53 0.05
C ASP B 84 5.75 16.39 -0.75
N ILE B 85 6.63 15.60 -1.37
CA ILE B 85 6.18 14.50 -2.22
C ILE B 85 5.66 13.31 -1.43
N ASN B 86 6.04 13.21 -0.14
CA ASN B 86 5.62 12.07 0.66
C ASN B 86 4.12 12.09 0.93
N MET B 87 3.54 13.28 1.11
CA MET B 87 2.12 13.39 1.40
C MET B 87 1.27 12.80 0.29
N ILE B 88 1.63 13.07 -0.97
CA ILE B 88 0.89 12.52 -2.09
C ILE B 88 1.10 11.02 -2.18
N GLY B 89 2.31 10.55 -1.87
CA GLY B 89 2.59 9.13 -1.96
C GLY B 89 1.81 8.31 -0.94
N ASN B 90 1.59 8.87 0.25
CA ASN B 90 0.83 8.19 1.29
C ASN B 90 -0.65 8.59 1.25
N CYS B 91 -1.24 8.42 0.09
CA CYS B 91 -2.67 8.66 -0.14
C CYS B 91 -3.26 7.42 -0.81
N LYS B 92 -4.10 6.70 -0.07
CA LYS B 92 -4.65 5.46 -0.61
C LYS B 92 -5.71 5.72 -1.67
N THR B 93 -6.57 6.71 -1.44
CA THR B 93 -7.67 7.02 -2.33
C THR B 93 -7.48 8.41 -2.94
N ALA B 94 -8.16 8.64 -4.06
CA ALA B 94 -8.08 9.93 -4.73
C ALA B 94 -8.70 11.04 -3.88
N GLN B 95 -9.68 10.70 -3.04
CA GLN B 95 -10.32 11.71 -2.20
C GLN B 95 -9.39 12.19 -1.09
N GLU B 96 -8.46 11.34 -0.67
CA GLU B 96 -7.41 11.78 0.25
C GLU B 96 -6.55 12.86 -0.40
N ALA B 97 -6.09 12.62 -1.62
CA ALA B 97 -5.34 13.63 -2.36
C ALA B 97 -6.22 14.81 -2.73
N GLU B 98 -7.50 14.56 -3.00
CA GLU B 98 -8.42 15.66 -3.30
C GLU B 98 -8.65 16.54 -2.08
N ALA B 99 -8.73 15.93 -0.89
CA ALA B 99 -8.85 16.72 0.33
C ALA B 99 -7.55 17.44 0.67
N LEU B 100 -6.41 16.84 0.32
CA LEU B 100 -5.13 17.49 0.59
C LEU B 100 -4.98 18.75 -0.26
N ALA B 101 -5.52 18.76 -1.48
CA ALA B 101 -5.47 19.95 -2.30
C ALA B 101 -6.45 21.02 -1.79
N ARG B 102 -7.63 20.60 -1.34
CA ARG B 102 -8.60 21.56 -0.81
C ARG B 102 -8.08 22.26 0.42
N GLN B 103 -7.43 21.51 1.33
CA GLN B 103 -6.87 22.12 2.53
C GLN B 103 -5.77 23.11 2.18
N GLY B 104 -4.99 22.81 1.14
CA GLY B 104 -3.95 23.74 0.73
C GLY B 104 -4.50 24.96 0.02
N GLN B 105 -5.48 24.76 -0.86
CA GLN B 105 -6.01 25.89 -1.62
C GLN B 105 -6.90 26.78 -0.76
N GLN B 106 -7.61 26.21 0.22
CA GLN B 106 -8.38 27.05 1.13
C GLN B 106 -7.48 27.78 2.12
N LEU B 107 -6.30 27.22 2.41
CA LEU B 107 -5.31 27.94 3.18
C LEU B 107 -4.77 29.14 2.42
N MET B 108 -4.47 28.95 1.13
CA MET B 108 -4.06 30.07 0.29
C MET B 108 -5.19 31.08 0.14
N ALA B 109 -6.43 30.60 0.04
CA ALA B 109 -7.57 31.50 -0.02
C ALA B 109 -7.77 32.23 1.31
N GLU B 110 -7.51 31.55 2.43
CA GLU B 110 -7.54 32.22 3.72
C GLU B 110 -6.48 33.32 3.80
N ILE B 111 -5.30 33.06 3.23
CA ILE B 111 -4.25 34.07 3.22
C ILE B 111 -4.62 35.22 2.29
N HIS B 112 -5.31 34.91 1.18
CA HIS B 112 -5.63 35.93 0.19
C HIS B 112 -6.55 37.03 0.72
N ALA B 113 -7.16 36.84 1.89
CA ALA B 113 -7.90 37.91 2.53
C ALA B 113 -7.01 39.14 2.68
N LEU B 114 -7.54 40.28 2.26
CA LEU B 114 -6.74 41.51 2.14
C LEU B 114 -7.28 42.61 3.06
N PRO B 115 -7.09 42.48 4.37
CA PRO B 115 -7.11 43.66 5.24
C PRO B 115 -5.72 44.23 5.47
N ILE B 116 -4.70 43.49 5.04
CA ILE B 116 -3.30 43.82 5.26
C ILE B 116 -2.53 43.42 4.01
N GLN B 117 -1.68 44.32 3.51
CA GLN B 117 -0.90 44.08 2.30
C GLN B 117 0.10 42.97 2.55
N VAL B 118 -0.17 41.78 2.04
CA VAL B 118 0.74 40.64 2.15
C VAL B 118 1.55 40.53 0.87
N ILE B 119 2.86 40.36 1.01
CA ILE B 119 3.80 40.38 -0.11
C ILE B 119 4.90 39.37 0.17
N ALA B 120 5.30 38.63 -0.87
CA ALA B 120 6.31 37.59 -0.75
C ALA B 120 7.64 38.10 -1.27
N ALA B 121 8.63 38.21 -0.38
CA ALA B 121 10.00 38.55 -0.76
C ALA B 121 10.73 37.26 -1.12
N ILE B 122 10.94 37.03 -2.42
CA ILE B 122 11.41 35.76 -2.93
C ILE B 122 12.91 35.84 -3.23
N HIS B 123 13.67 34.91 -2.68
CA HIS B 123 15.07 34.73 -3.03
C HIS B 123 15.33 33.24 -3.17
N GLY B 124 15.87 32.84 -4.31
CA GLY B 124 16.10 31.44 -4.57
C GLY B 124 14.93 30.78 -5.28
N ALA B 125 14.97 29.44 -5.28
CA ALA B 125 13.96 28.66 -5.97
C ALA B 125 12.58 28.86 -5.34
N CYS B 126 11.58 29.07 -6.20
CA CYS B 126 10.18 29.26 -5.77
C CYS B 126 9.30 28.45 -6.72
N LEU B 127 9.18 27.15 -6.42
CA LEU B 127 8.50 26.20 -7.30
C LEU B 127 7.31 25.59 -6.59
N GLY B 128 6.32 25.17 -7.39
CA GLY B 128 5.19 24.43 -6.86
C GLY B 128 4.38 25.25 -5.88
N GLY B 129 4.16 24.68 -4.69
CA GLY B 129 3.41 25.39 -3.67
C GLY B 129 4.04 26.72 -3.28
N GLY B 130 5.35 26.84 -3.46
CA GLY B 130 6.01 28.12 -3.19
C GLY B 130 5.51 29.21 -4.11
N LEU B 131 5.40 28.91 -5.40
CA LEU B 131 4.79 29.87 -6.32
C LEU B 131 3.30 30.00 -6.04
N GLU B 132 2.63 28.90 -5.70
CA GLU B 132 1.21 28.96 -5.35
C GLU B 132 0.98 29.84 -4.12
N LEU B 133 1.90 29.78 -3.15
CA LEU B 133 1.80 30.66 -2.00
C LEU B 133 2.12 32.10 -2.39
N ALA B 134 3.08 32.28 -3.30
CA ALA B 134 3.40 33.63 -3.77
C ALA B 134 2.29 34.20 -4.62
N LEU B 135 1.52 33.35 -5.32
CA LEU B 135 0.40 33.83 -6.10
C LEU B 135 -0.72 34.38 -5.20
N ALA B 136 -0.87 33.81 -4.00
CA ALA B 136 -1.89 34.31 -3.09
C ALA B 136 -1.58 35.72 -2.61
N CYS B 137 -0.30 36.06 -2.48
CA CYS B 137 0.08 37.40 -2.07
C CYS B 137 -0.26 38.40 -3.16
N HIS B 138 -0.57 39.63 -2.75
CA HIS B 138 -0.94 40.69 -3.67
C HIS B 138 0.27 41.43 -4.24
N GLY B 139 1.45 41.19 -3.70
CA GLY B 139 2.67 41.76 -4.25
C GLY B 139 3.79 40.73 -4.17
N ARG B 140 4.76 40.88 -5.07
CA ARG B 140 5.87 39.95 -5.16
C ARG B 140 7.14 40.71 -5.53
N VAL B 141 8.23 40.36 -4.85
CA VAL B 141 9.53 40.97 -5.09
C VAL B 141 10.57 39.86 -5.06
N CYS B 142 11.22 39.60 -6.19
CA CYS B 142 12.25 38.59 -6.29
C CYS B 142 13.61 39.26 -6.43
N THR B 143 14.66 38.45 -6.50
CA THR B 143 16.03 38.92 -6.57
C THR B 143 16.63 38.63 -7.94
N ASP B 144 17.61 39.44 -8.32
CA ASP B 144 18.41 39.25 -9.53
C ASP B 144 19.39 38.08 -9.43
N ASP B 145 19.31 37.33 -8.34
CA ASP B 145 20.19 36.19 -8.16
C ASP B 145 19.84 35.09 -9.16
N PRO B 146 20.83 34.50 -9.85
CA PRO B 146 20.52 33.40 -10.77
C PRO B 146 19.86 32.20 -10.09
N LYS B 147 20.00 32.06 -8.77
CA LYS B 147 19.32 30.98 -8.06
C LYS B 147 17.81 31.20 -7.97
N THR B 148 17.36 32.45 -8.12
CA THR B 148 15.94 32.76 -8.00
C THR B 148 15.21 32.33 -9.26
N VAL B 149 14.29 31.37 -9.13
CA VAL B 149 13.50 30.86 -10.24
C VAL B 149 12.06 30.72 -9.77
N LEU B 150 11.12 30.84 -10.71
CA LEU B 150 9.70 30.72 -10.44
C LEU B 150 9.06 29.82 -11.48
N GLY B 151 8.26 28.86 -11.01
CA GLY B 151 7.60 27.95 -11.92
C GLY B 151 6.67 27.02 -11.17
N LEU B 152 5.92 26.23 -11.94
CA LEU B 152 4.98 25.25 -11.39
C LEU B 152 5.23 23.92 -12.09
N PRO B 153 6.17 23.12 -11.59
CA PRO B 153 6.54 21.88 -12.28
C PRO B 153 5.72 20.68 -11.82
N GLU B 154 4.50 20.91 -11.34
CA GLU B 154 3.67 19.80 -10.89
C GLU B 154 3.24 18.89 -12.03
N VAL B 155 3.27 19.37 -13.27
CA VAL B 155 2.90 18.53 -14.40
C VAL B 155 3.97 17.46 -14.65
N GLN B 156 5.23 17.75 -14.28
CA GLN B 156 6.29 16.79 -14.52
C GLN B 156 6.20 15.58 -13.59
N LEU B 157 5.40 15.67 -12.54
CA LEU B 157 5.11 14.54 -11.66
C LEU B 157 3.78 13.88 -11.99
N GLY B 158 3.21 14.18 -13.16
CA GLY B 158 1.91 13.69 -13.52
C GLY B 158 0.75 14.33 -12.78
N LEU B 159 1.00 15.44 -12.09
CA LEU B 159 0.02 16.13 -11.28
C LEU B 159 -0.29 17.49 -11.91
N LEU B 160 -0.74 18.44 -11.09
CA LEU B 160 -1.00 19.81 -11.51
C LEU B 160 -1.02 20.67 -10.27
N PRO B 161 -0.84 21.99 -10.42
CA PRO B 161 -0.98 22.90 -9.25
C PRO B 161 -2.30 22.70 -8.54
N GLY B 162 -2.25 22.33 -7.27
CA GLY B 162 -3.45 22.02 -6.52
C GLY B 162 -3.71 22.93 -5.34
N SER B 163 -3.28 24.19 -5.44
CA SER B 163 -3.51 25.18 -4.39
C SER B 163 -3.84 26.53 -5.01
N GLY B 164 -4.64 26.53 -6.07
CA GLY B 164 -5.05 27.76 -6.72
C GLY B 164 -4.17 28.21 -7.87
N GLY B 165 -3.08 27.51 -8.15
CA GLY B 165 -2.20 27.90 -9.24
C GLY B 165 -2.83 27.80 -10.62
N THR B 166 -3.89 27.00 -10.75
CA THR B 166 -4.56 26.84 -12.03
C THR B 166 -5.46 28.02 -12.39
N GLN B 167 -5.82 28.85 -11.41
CA GLN B 167 -6.63 30.03 -11.66
C GLN B 167 -5.91 31.34 -11.37
N ARG B 168 -5.08 31.39 -10.33
CA ARG B 168 -4.41 32.64 -9.98
C ARG B 168 -3.33 33.01 -10.99
N LEU B 169 -2.69 32.03 -11.61
CA LEU B 169 -1.63 32.31 -12.57
C LEU B 169 -2.20 32.79 -13.90
N PRO B 170 -3.26 32.17 -14.45
CA PRO B 170 -3.84 32.72 -15.69
C PRO B 170 -4.38 34.13 -15.54
N ARG B 171 -5.04 34.44 -14.41
CA ARG B 171 -5.61 35.76 -14.20
C ARG B 171 -4.56 36.81 -13.88
N LEU B 172 -3.29 36.43 -13.76
CA LEU B 172 -2.23 37.36 -13.39
C LEU B 172 -1.33 37.76 -14.54
N ILE B 173 -0.93 36.82 -15.39
CA ILE B 173 0.00 37.11 -16.47
C ILE B 173 -0.59 36.69 -17.81
N GLY B 174 -1.88 36.41 -17.83
CA GLY B 174 -2.55 35.98 -19.05
C GLY B 174 -2.71 34.48 -19.12
N VAL B 175 -3.51 34.05 -20.10
CA VAL B 175 -3.80 32.62 -20.25
C VAL B 175 -2.70 31.91 -21.03
N SER B 176 -2.22 32.53 -22.12
CA SER B 176 -1.25 31.87 -22.99
C SER B 176 0.07 31.64 -22.27
N THR B 177 0.55 32.63 -21.52
CA THR B 177 1.80 32.47 -20.79
C THR B 177 1.64 31.48 -19.64
N ALA B 178 0.52 31.55 -18.93
CA ALA B 178 0.28 30.62 -17.82
C ALA B 178 0.19 29.18 -18.32
N LEU B 179 -0.48 28.97 -19.45
CA LEU B 179 -0.60 27.62 -20.00
C LEU B 179 0.77 27.01 -20.27
N GLU B 180 1.73 27.82 -20.72
CA GLU B 180 3.08 27.31 -20.95
C GLU B 180 3.75 26.90 -19.65
N MET B 181 3.43 27.58 -18.55
CA MET B 181 4.03 27.25 -17.27
C MET B 181 3.40 26.00 -16.65
N ILE B 182 2.09 25.84 -16.81
CA ILE B 182 1.43 24.69 -16.20
C ILE B 182 1.62 23.43 -17.06
N LEU B 183 1.71 23.59 -18.38
CA LEU B 183 1.82 22.42 -19.25
C LEU B 183 3.24 21.89 -19.34
N THR B 184 4.24 22.76 -19.21
CA THR B 184 5.63 22.35 -19.33
C THR B 184 6.40 22.41 -18.02
N GLY B 185 5.90 23.13 -17.02
CA GLY B 185 6.65 23.29 -15.79
C GLY B 185 7.90 24.14 -15.94
N LYS B 186 7.96 24.99 -16.96
CA LYS B 186 9.15 25.79 -17.20
C LYS B 186 9.34 26.81 -16.08
N GLN B 187 10.60 27.04 -15.71
CA GLN B 187 10.94 28.00 -14.67
C GLN B 187 11.27 29.35 -15.31
N LEU B 188 10.73 30.42 -14.75
CA LEU B 188 10.96 31.76 -15.24
C LEU B 188 11.99 32.45 -14.35
N ARG B 189 12.95 33.13 -14.97
CA ARG B 189 13.99 33.83 -14.23
C ARG B 189 13.48 35.21 -13.79
N ALA B 190 14.32 35.92 -13.05
CA ALA B 190 13.90 37.16 -12.40
C ALA B 190 13.48 38.21 -13.43
N LYS B 191 14.32 38.45 -14.44
CA LYS B 191 14.02 39.49 -15.40
C LYS B 191 12.78 39.16 -16.23
N GLN B 192 12.63 37.91 -16.64
CA GLN B 192 11.45 37.51 -17.40
C GLN B 192 10.21 37.40 -16.53
N ALA B 193 10.36 37.16 -15.23
CA ALA B 193 9.20 37.16 -14.34
C ALA B 193 8.67 38.58 -14.13
N LEU B 194 9.52 39.59 -14.27
CA LEU B 194 9.08 40.97 -14.11
C LEU B 194 8.33 41.47 -15.34
N LYS B 195 8.79 41.09 -16.54
CA LYS B 195 8.17 41.59 -17.75
C LYS B 195 6.73 41.09 -17.89
N LEU B 196 6.48 39.83 -17.50
CA LEU B 196 5.16 39.26 -17.59
C LEU B 196 4.23 39.73 -16.49
N GLY B 197 4.74 40.38 -15.45
CA GLY B 197 3.94 40.80 -14.33
C GLY B 197 3.84 39.80 -13.21
N LEU B 198 4.48 38.64 -13.34
CA LEU B 198 4.45 37.64 -12.27
C LEU B 198 5.06 38.19 -10.99
N VAL B 199 6.20 38.85 -11.10
CA VAL B 199 6.81 39.57 -10.00
C VAL B 199 6.62 41.06 -10.23
N ASP B 200 6.61 41.83 -9.14
CA ASP B 200 6.38 43.26 -9.22
C ASP B 200 7.65 44.09 -9.17
N ASP B 201 8.78 43.50 -8.77
CA ASP B 201 10.03 44.24 -8.70
C ASP B 201 11.18 43.26 -8.52
N VAL B 202 12.32 43.57 -9.13
CA VAL B 202 13.56 42.81 -8.95
C VAL B 202 14.51 43.68 -8.14
N VAL B 203 15.16 43.07 -7.15
CA VAL B 203 15.93 43.83 -6.17
C VAL B 203 17.07 42.97 -5.63
N PRO B 204 18.27 43.54 -5.43
CA PRO B 204 19.37 42.76 -4.85
C PRO B 204 19.01 42.18 -3.50
N HIS B 205 19.79 41.17 -3.10
CA HIS B 205 19.49 40.41 -1.88
C HIS B 205 19.63 41.27 -0.63
N SER B 206 20.51 42.28 -0.65
CA SER B 206 20.68 43.12 0.52
C SER B 206 19.46 44.00 0.76
N ILE B 207 18.93 44.60 -0.30
CA ILE B 207 17.73 45.45 -0.19
C ILE B 207 16.44 44.63 -0.31
N LEU B 208 16.53 43.36 -0.73
CA LEU B 208 15.37 42.50 -0.93
C LEU B 208 14.33 42.64 0.18
N LEU B 209 14.74 42.44 1.43
CA LEU B 209 13.81 42.63 2.54
C LEU B 209 13.42 44.09 2.70
N GLU B 210 14.41 44.99 2.65
CA GLU B 210 14.12 46.42 2.75
C GLU B 210 13.34 46.94 1.56
N ALA B 211 13.25 46.18 0.47
CA ALA B 211 12.35 46.51 -0.62
C ALA B 211 10.97 45.90 -0.45
N ALA B 212 10.88 44.80 0.31
CA ALA B 212 9.58 44.17 0.56
C ALA B 212 8.76 44.97 1.56
N VAL B 213 9.40 45.49 2.60
CA VAL B 213 8.68 46.30 3.59
C VAL B 213 8.16 47.59 2.96
N GLU B 214 8.90 48.15 1.99
CA GLU B 214 8.44 49.36 1.31
C GLU B 214 7.12 49.12 0.60
N LEU B 215 7.02 48.01 -0.14
CA LEU B 215 5.79 47.72 -0.88
C LEU B 215 4.64 47.34 0.05
N ALA B 216 4.96 46.77 1.23
CA ALA B 216 3.92 46.40 2.17
C ALA B 216 3.21 47.61 2.76
N LYS B 217 3.83 48.79 2.70
CA LYS B 217 3.19 50.01 3.20
C LYS B 217 2.27 50.65 2.17
N LYS B 218 2.39 50.28 0.91
CA LYS B 218 1.56 50.85 -0.14
C LYS B 218 0.16 50.25 -0.11
N GLU B 219 -0.75 50.89 -0.86
CA GLU B 219 -2.14 50.46 -0.96
C GLU B 219 -2.81 50.35 0.41
N ARG B 229 -3.50 42.24 -24.27
CA ARG B 229 -3.84 42.12 -25.67
C ARG B 229 -5.24 41.55 -25.85
N GLU B 230 -6.24 42.44 -25.94
CA GLU B 230 -7.63 42.01 -26.03
C GLU B 230 -8.02 41.52 -27.42
N ARG B 231 -7.16 41.70 -28.43
CA ARG B 231 -7.51 41.25 -29.77
C ARG B 231 -7.71 39.74 -29.81
N ILE B 232 -6.76 38.99 -29.24
CA ILE B 232 -6.85 37.54 -29.17
C ILE B 232 -7.36 37.06 -27.83
N LEU B 233 -7.57 37.96 -26.86
CA LEU B 233 -8.15 37.61 -25.58
C LEU B 233 -9.65 37.87 -25.54
N ALA B 234 -10.33 37.72 -26.69
CA ALA B 234 -11.77 37.86 -26.71
C ALA B 234 -12.39 36.86 -25.75
N GLY B 235 -13.28 37.35 -24.89
CA GLY B 235 -13.95 36.56 -23.89
C GLY B 235 -14.36 35.17 -24.32
N PRO B 236 -15.02 35.04 -25.47
CA PRO B 236 -15.32 33.70 -25.97
C PRO B 236 -14.40 33.25 -27.10
N LEU B 237 -14.37 34.01 -28.20
CA LEU B 237 -13.74 33.51 -29.42
C LEU B 237 -12.23 33.42 -29.29
N GLY B 238 -11.60 34.43 -28.67
CA GLY B 238 -10.16 34.41 -28.52
C GLY B 238 -9.68 33.28 -27.62
N ARG B 239 -10.35 33.09 -26.48
CA ARG B 239 -10.00 31.97 -25.60
C ARG B 239 -10.28 30.63 -26.26
N ALA B 240 -11.40 30.51 -26.97
CA ALA B 240 -11.74 29.24 -27.63
C ALA B 240 -10.70 28.89 -28.68
N LEU B 241 -10.28 29.86 -29.49
CA LEU B 241 -9.20 29.64 -30.44
C LEU B 241 -7.92 29.25 -29.72
N LEU B 242 -7.60 29.93 -28.62
CA LEU B 242 -6.38 29.64 -27.88
C LEU B 242 -6.37 28.22 -27.36
N PHE B 243 -7.40 27.83 -26.61
CA PHE B 243 -7.47 26.48 -26.05
C PHE B 243 -7.55 25.41 -27.13
N LYS B 244 -8.20 25.71 -28.27
CA LYS B 244 -8.24 24.74 -29.35
C LYS B 244 -6.86 24.54 -29.96
N MET B 245 -6.11 25.63 -30.13
CA MET B 245 -4.78 25.52 -30.73
C MET B 245 -3.77 24.96 -29.73
N VAL B 246 -3.86 25.36 -28.46
CA VAL B 246 -3.01 24.77 -27.43
C VAL B 246 -3.35 23.30 -27.25
N GLY B 247 -4.63 22.97 -27.27
CA GLY B 247 -5.03 21.57 -27.14
C GLY B 247 -4.49 20.71 -28.27
N LYS B 248 -4.56 21.20 -29.50
CA LYS B 248 -4.01 20.45 -30.62
C LYS B 248 -2.49 20.39 -30.55
N LYS B 249 -1.84 21.49 -30.17
CA LYS B 249 -0.38 21.52 -30.12
C LYS B 249 0.15 20.54 -29.08
N THR B 250 -0.37 20.61 -27.85
CA THR B 250 0.14 19.75 -26.79
C THR B 250 -0.21 18.29 -27.03
N GLU B 251 -1.41 18.03 -27.56
CA GLU B 251 -1.83 16.65 -27.80
C GLU B 251 -0.89 15.95 -28.79
N HIS B 252 -0.45 16.67 -29.82
CA HIS B 252 0.53 16.11 -30.75
C HIS B 252 1.87 15.88 -30.07
N LYS B 253 2.25 16.75 -29.13
CA LYS B 253 3.53 16.58 -28.43
C LYS B 253 3.45 15.53 -27.33
N THR B 254 2.29 15.38 -26.69
CA THR B 254 2.13 14.43 -25.60
C THR B 254 1.60 13.08 -26.05
N GLN B 255 1.05 12.99 -27.27
CA GLN B 255 0.46 11.77 -27.81
C GLN B 255 -0.62 11.19 -26.92
N GLY B 256 -1.24 12.02 -26.08
CA GLY B 256 -2.28 11.57 -25.17
C GLY B 256 -1.82 10.67 -24.05
N ASN B 257 -0.53 10.38 -23.95
CA ASN B 257 -0.02 9.47 -22.94
C ASN B 257 0.07 10.09 -21.55
N TYR B 258 -0.01 11.41 -21.45
CA TYR B 258 0.05 12.09 -20.16
C TYR B 258 -1.33 12.62 -19.80
N PRO B 259 -2.01 12.04 -18.81
CA PRO B 259 -3.37 12.51 -18.48
C PRO B 259 -3.41 13.88 -17.85
N ALA B 260 -2.30 14.34 -17.24
CA ALA B 260 -2.28 15.67 -16.64
C ALA B 260 -2.43 16.76 -17.70
N THR B 261 -1.97 16.51 -18.92
CA THR B 261 -2.16 17.47 -20.00
C THR B 261 -3.64 17.70 -20.27
N GLU B 262 -4.43 16.62 -20.31
CA GLU B 262 -5.87 16.76 -20.53
C GLU B 262 -6.56 17.44 -19.36
N ARG B 263 -6.14 17.11 -18.13
CA ARG B 263 -6.81 17.67 -16.95
C ARG B 263 -6.59 19.17 -16.86
N ILE B 264 -5.35 19.63 -17.04
CA ILE B 264 -5.03 21.04 -16.83
C ILE B 264 -5.82 21.93 -17.78
N LEU B 265 -5.84 21.57 -19.06
CA LEU B 265 -6.55 22.39 -20.05
C LEU B 265 -8.04 22.50 -19.72
N GLU B 266 -8.63 21.45 -19.15
CA GLU B 266 -10.03 21.53 -18.77
C GLU B 266 -10.21 22.28 -17.46
N VAL B 267 -9.22 22.24 -16.57
CA VAL B 267 -9.34 22.93 -15.29
C VAL B 267 -9.23 24.43 -15.47
N VAL B 268 -8.23 24.89 -16.23
CA VAL B 268 -8.03 26.31 -16.43
C VAL B 268 -9.12 26.93 -17.31
N GLU B 269 -9.76 26.12 -18.16
CA GLU B 269 -10.83 26.67 -19.01
C GLU B 269 -12.12 26.85 -18.22
N THR B 270 -12.44 25.92 -17.34
CA THR B 270 -13.63 26.07 -16.50
C THR B 270 -13.46 27.20 -15.49
N GLY B 271 -12.22 27.49 -15.09
CA GLY B 271 -11.99 28.60 -14.17
C GLY B 271 -12.20 29.95 -14.81
N LEU B 272 -11.96 30.06 -16.11
CA LEU B 272 -12.15 31.30 -16.85
C LEU B 272 -13.50 31.37 -17.56
N ALA B 273 -14.41 30.44 -17.26
CA ALA B 273 -15.72 30.44 -17.90
C ALA B 273 -16.82 30.20 -16.88
N GLN B 274 -16.61 29.25 -15.97
CA GLN B 274 -17.59 28.88 -14.97
C GLN B 274 -17.24 29.42 -13.58
N GLY B 275 -16.54 30.55 -13.53
CA GLY B 275 -16.18 31.15 -12.27
C GLY B 275 -14.99 30.50 -11.61
N THR B 276 -14.34 31.24 -10.72
CA THR B 276 -13.18 30.72 -10.01
C THR B 276 -13.59 29.89 -8.79
N SER B 277 -14.76 30.16 -8.22
CA SER B 277 -15.23 29.37 -7.08
C SER B 277 -15.52 27.93 -7.50
N SER B 278 -16.08 27.74 -8.69
CA SER B 278 -16.31 26.41 -9.24
C SER B 278 -15.08 25.84 -9.93
N GLY B 279 -14.11 26.67 -10.28
CA GLY B 279 -12.88 26.17 -10.87
C GLY B 279 -11.91 25.59 -9.88
N TYR B 280 -11.89 26.12 -8.66
CA TYR B 280 -11.04 25.56 -7.61
C TYR B 280 -11.48 24.15 -7.23
N ASP B 281 -12.78 23.85 -7.38
CA ASP B 281 -13.26 22.51 -7.08
C ASP B 281 -12.82 21.52 -8.15
N ALA B 282 -12.80 21.94 -9.41
CA ALA B 282 -12.31 21.07 -10.47
C ALA B 282 -10.81 20.84 -10.37
N GLU B 283 -10.08 21.83 -9.84
CA GLU B 283 -8.64 21.68 -9.63
C GLU B 283 -8.36 20.57 -8.62
N ALA B 284 -9.03 20.61 -7.48
CA ALA B 284 -8.82 19.59 -6.46
C ALA B 284 -9.31 18.23 -6.94
N ARG B 285 -10.44 18.19 -7.64
CA ARG B 285 -10.93 16.93 -8.19
C ARG B 285 -9.93 16.35 -9.20
N ALA B 286 -9.34 17.21 -10.04
CA ALA B 286 -8.31 16.74 -10.96
C ALA B 286 -7.04 16.32 -10.22
N PHE B 287 -6.73 16.98 -9.10
CA PHE B 287 -5.53 16.62 -8.35
C PHE B 287 -5.65 15.23 -7.73
N GLY B 288 -6.85 14.86 -7.30
CA GLY B 288 -7.04 13.55 -6.69
C GLY B 288 -6.90 12.42 -7.69
N GLU B 289 -7.58 12.53 -8.83
CA GLU B 289 -7.52 11.48 -9.83
C GLU B 289 -6.16 11.43 -10.52
N LEU B 290 -5.48 12.57 -10.63
CA LEU B 290 -4.13 12.55 -11.20
C LEU B 290 -3.13 11.98 -10.22
N ALA B 291 -3.38 12.11 -8.91
CA ALA B 291 -2.47 11.55 -7.93
C ALA B 291 -2.55 10.03 -7.86
N MET B 292 -3.61 9.43 -8.40
CA MET B 292 -3.81 7.99 -8.36
C MET B 292 -3.59 7.31 -9.70
N THR B 293 -3.36 8.07 -10.77
CA THR B 293 -3.16 7.46 -12.08
C THR B 293 -1.80 6.77 -12.13
N PRO B 294 -1.70 5.69 -12.92
CA PRO B 294 -0.39 4.99 -13.01
C PRO B 294 0.69 5.83 -13.67
N GLN B 295 0.34 6.84 -14.46
CA GLN B 295 1.35 7.69 -15.06
C GLN B 295 2.05 8.56 -14.00
N SER B 296 1.32 8.95 -12.96
CA SER B 296 1.91 9.81 -11.93
C SER B 296 2.88 9.03 -11.06
N GLN B 297 2.48 7.84 -10.60
CA GLN B 297 3.35 7.04 -9.76
C GLN B 297 4.62 6.62 -10.50
N ALA B 298 4.55 6.52 -11.83
CA ALA B 298 5.73 6.23 -12.62
C ALA B 298 6.61 7.47 -12.79
N LEU B 299 5.97 8.63 -12.99
CA LEU B 299 6.74 9.88 -13.08
C LEU B 299 7.36 10.24 -11.75
N ARG B 300 6.66 9.98 -10.64
CA ARG B 300 7.24 10.22 -9.33
C ARG B 300 8.34 9.20 -9.02
N SER B 301 8.26 8.01 -9.64
CA SER B 301 9.33 7.02 -9.47
C SER B 301 10.62 7.50 -10.11
N ILE B 302 10.54 8.12 -11.29
CA ILE B 302 11.72 8.69 -11.92
C ILE B 302 12.25 9.86 -11.09
N PHE B 303 11.35 10.63 -10.47
CA PHE B 303 11.78 11.74 -9.63
C PHE B 303 12.58 11.24 -8.43
N PHE B 304 12.06 10.22 -7.74
CA PHE B 304 12.78 9.66 -6.60
C PHE B 304 14.09 9.04 -7.03
N ALA B 305 14.11 8.38 -8.19
CA ALA B 305 15.35 7.77 -8.67
C ALA B 305 16.35 8.81 -9.15
N SER B 306 15.86 9.95 -9.64
CA SER B 306 16.78 10.98 -10.13
C SER B 306 17.51 11.66 -8.98
N THR B 307 16.78 12.01 -7.91
CA THR B 307 17.42 12.60 -6.74
C THR B 307 18.26 11.57 -5.99
N ASP B 308 17.85 10.30 -6.01
CA ASP B 308 18.64 9.25 -5.38
C ASP B 308 19.96 9.03 -6.09
N VAL B 309 19.99 9.27 -7.41
CA VAL B 309 21.23 9.15 -8.16
C VAL B 309 22.13 10.35 -7.91
N LYS B 310 21.54 11.55 -7.79
CA LYS B 310 22.34 12.76 -7.59
C LYS B 310 23.09 12.72 -6.27
N LYS B 311 22.52 12.09 -5.25
CA LYS B 311 23.19 11.97 -3.96
C LYS B 311 24.05 10.73 -3.85
N ASP B 312 24.13 9.91 -4.90
CA ASP B 312 24.91 8.67 -4.87
C ASP B 312 26.31 8.93 -5.40
N PRO B 313 27.36 8.72 -4.61
CA PRO B 313 28.72 8.83 -5.14
C PRO B 313 29.15 7.53 -5.82
N GLY B 314 30.23 7.63 -6.59
CA GLY B 314 30.76 6.44 -7.24
C GLY B 314 31.33 5.45 -6.25
N SER B 315 32.10 5.93 -5.28
CA SER B 315 32.67 5.09 -4.24
C SER B 315 32.85 5.92 -2.99
N ASP B 316 33.16 5.26 -1.88
CA ASP B 316 33.37 5.96 -0.62
C ASP B 316 34.67 6.76 -0.58
N ALA B 317 35.58 6.53 -1.52
CA ALA B 317 36.84 7.25 -1.52
C ALA B 317 36.59 8.73 -1.84
N PRO B 318 37.31 9.64 -1.17
CA PRO B 318 37.12 11.07 -1.46
C PRO B 318 37.69 11.41 -2.82
N PRO B 319 37.06 12.34 -3.55
CA PRO B 319 37.52 12.65 -4.91
C PRO B 319 38.82 13.44 -4.90
N ALA B 320 39.53 13.36 -6.03
CA ALA B 320 40.75 14.11 -6.23
C ALA B 320 40.43 15.56 -6.58
N PRO B 321 41.40 16.46 -6.45
CA PRO B 321 41.16 17.86 -6.83
C PRO B 321 40.74 17.99 -8.29
N LEU B 322 39.87 18.95 -8.55
CA LEU B 322 39.29 19.19 -9.87
C LEU B 322 39.50 20.64 -10.28
N ASN B 323 40.74 21.12 -10.18
CA ASN B 323 41.01 22.53 -10.44
C ASN B 323 41.04 22.84 -11.93
N SER B 324 41.52 21.92 -12.75
CA SER B 324 41.62 22.14 -14.18
C SER B 324 41.44 20.82 -14.91
N VAL B 325 40.79 20.88 -16.08
CA VAL B 325 40.59 19.70 -16.91
C VAL B 325 41.16 19.98 -18.30
N GLY B 326 41.41 18.89 -19.02
CA GLY B 326 41.89 18.99 -20.38
C GLY B 326 41.09 18.07 -21.28
N ILE B 327 41.05 18.44 -22.57
CA ILE B 327 40.25 17.72 -23.57
C ILE B 327 41.13 17.46 -24.78
N LEU B 328 41.19 16.19 -25.20
CA LEU B 328 41.96 15.79 -26.37
C LEU B 328 41.02 15.64 -27.56
N GLY B 329 41.26 16.42 -28.60
CA GLY B 329 40.50 16.31 -29.83
C GLY B 329 39.36 17.30 -29.95
N GLY B 330 39.43 18.18 -30.95
CA GLY B 330 38.37 19.11 -31.23
C GLY B 330 37.42 18.62 -32.30
N GLY B 331 37.16 17.31 -32.31
CA GLY B 331 36.31 16.70 -33.31
C GLY B 331 34.84 16.93 -33.02
N LEU B 332 34.58 17.88 -32.12
CA LEU B 332 33.28 18.47 -31.79
C LEU B 332 32.53 17.71 -30.73
N MET B 333 32.83 16.43 -30.52
CA MET B 333 32.47 15.82 -29.25
C MET B 333 33.19 16.52 -28.11
N GLY B 334 34.44 16.94 -28.33
CA GLY B 334 35.18 17.63 -27.29
C GLY B 334 34.83 19.11 -27.20
N GLY B 335 34.38 19.69 -28.31
CA GLY B 335 33.93 21.07 -28.28
C GLY B 335 32.77 21.29 -27.32
N GLY B 336 31.79 20.38 -27.35
CA GLY B 336 30.69 20.47 -26.40
C GLY B 336 31.13 20.20 -24.97
N ILE B 337 31.98 19.18 -24.78
CA ILE B 337 32.47 18.86 -23.45
C ILE B 337 33.20 20.04 -22.84
N ALA B 338 33.87 20.85 -23.66
CA ALA B 338 34.51 22.06 -23.16
C ALA B 338 33.47 23.07 -22.68
N TYR B 339 32.38 23.23 -23.45
CA TYR B 339 31.33 24.16 -23.06
C TYR B 339 30.66 23.71 -21.77
N VAL B 340 30.39 22.41 -21.62
CA VAL B 340 29.69 21.93 -20.44
C VAL B 340 30.59 21.93 -19.22
N THR B 341 31.90 21.79 -19.43
CA THR B 341 32.84 21.80 -18.31
C THR B 341 33.21 23.22 -17.88
N ALA B 342 33.11 24.19 -18.77
CA ALA B 342 33.42 25.57 -18.43
C ALA B 342 32.19 26.32 -17.92
N CYS B 343 31.13 26.39 -18.72
CA CYS B 343 29.97 27.18 -18.35
C CYS B 343 29.19 26.53 -17.22
N LYS B 344 28.87 25.24 -17.35
CA LYS B 344 28.02 24.58 -16.36
C LYS B 344 28.79 24.13 -15.13
N ALA B 345 30.08 23.79 -15.28
CA ALA B 345 30.86 23.29 -14.15
C ALA B 345 31.80 24.33 -13.57
N GLY B 346 32.08 25.42 -14.29
CA GLY B 346 32.95 26.46 -13.75
C GLY B 346 34.38 26.04 -13.56
N ILE B 347 34.90 25.17 -14.42
CA ILE B 347 36.27 24.66 -14.32
C ILE B 347 37.01 25.06 -15.58
N PRO B 348 38.20 25.63 -15.49
CA PRO B 348 38.95 25.99 -16.70
C PRO B 348 39.37 24.75 -17.48
N VAL B 349 39.15 24.79 -18.80
CA VAL B 349 39.46 23.66 -19.67
C VAL B 349 40.46 24.10 -20.73
N ARG B 350 41.23 23.13 -21.22
CA ARG B 350 42.17 23.34 -22.32
C ARG B 350 41.97 22.24 -23.34
N ILE B 351 41.76 22.63 -24.60
CA ILE B 351 41.53 21.70 -25.69
C ILE B 351 42.85 21.46 -26.42
N LYS B 352 43.21 20.19 -26.58
CA LYS B 352 44.42 19.81 -27.31
C LYS B 352 44.03 19.08 -28.59
N ASP B 353 44.61 19.52 -29.71
CA ASP B 353 44.36 18.89 -30.99
C ASP B 353 45.50 19.24 -31.93
N ILE B 354 45.98 18.23 -32.67
CA ILE B 354 47.06 18.46 -33.63
C ILE B 354 46.58 19.18 -34.88
N ASN B 355 45.26 19.25 -35.09
CA ASN B 355 44.71 19.98 -36.22
C ASN B 355 44.18 21.32 -35.72
N PRO B 356 44.79 22.45 -36.09
CA PRO B 356 44.28 23.74 -35.63
C PRO B 356 42.86 24.03 -36.10
N GLN B 357 42.46 23.52 -37.27
CA GLN B 357 41.10 23.73 -37.74
C GLN B 357 40.08 23.07 -36.82
N GLY B 358 40.45 21.94 -36.20
CA GLY B 358 39.56 21.33 -35.22
C GLY B 358 39.45 22.11 -33.94
N ILE B 359 40.49 22.86 -33.59
CA ILE B 359 40.45 23.70 -32.40
C ILE B 359 39.55 24.90 -32.62
N ASN B 360 39.72 25.57 -33.77
CA ASN B 360 38.84 26.70 -34.10
C ASN B 360 37.40 26.24 -34.23
N HIS B 361 37.17 25.00 -34.67
CA HIS B 361 35.81 24.48 -34.73
C HIS B 361 35.26 24.21 -33.33
N ALA B 362 36.12 23.78 -32.41
CA ALA B 362 35.67 23.53 -31.04
C ALA B 362 35.42 24.83 -30.29
N LEU B 363 36.25 25.84 -30.52
CA LEU B 363 36.03 27.14 -29.88
C LEU B 363 34.81 27.84 -30.45
N LYS B 364 34.49 27.60 -31.72
CA LYS B 364 33.31 28.23 -32.31
C LYS B 364 32.03 27.67 -31.73
N TYR B 365 31.98 26.35 -31.49
CA TYR B 365 30.79 25.75 -30.90
C TYR B 365 30.49 26.36 -29.54
N SER B 366 31.52 26.58 -28.74
CA SER B 366 31.33 27.21 -27.44
C SER B 366 30.90 28.67 -27.60
N TRP B 367 31.58 29.41 -28.48
CA TRP B 367 31.23 30.80 -28.71
C TRP B 367 29.80 30.94 -29.22
N ASP B 368 29.38 30.09 -30.17
CA ASP B 368 28.07 30.23 -30.77
C ASP B 368 26.95 29.93 -29.78
N GLN B 369 27.21 29.11 -28.76
CA GLN B 369 26.16 28.72 -27.83
C GLN B 369 25.82 29.86 -26.86
N LEU B 370 26.81 30.34 -26.11
CA LEU B 370 26.54 31.39 -25.13
C LEU B 370 26.19 32.71 -25.81
N GLU B 371 26.91 33.06 -26.87
CA GLU B 371 26.51 34.23 -27.65
C GLU B 371 25.20 34.01 -28.38
N GLY B 372 24.76 32.76 -28.50
CA GLY B 372 23.45 32.48 -29.07
C GLY B 372 22.34 32.97 -28.18
N LYS B 373 22.33 32.53 -26.92
CA LYS B 373 21.38 33.04 -25.93
C LYS B 373 21.91 34.37 -25.42
N VAL B 374 21.76 35.40 -26.26
CA VAL B 374 22.39 36.69 -25.97
C VAL B 374 21.53 37.53 -25.02
N ARG B 375 20.20 37.46 -25.17
CA ARG B 375 19.33 38.16 -24.24
C ARG B 375 19.16 37.42 -22.93
N ARG B 376 19.46 36.13 -22.91
CA ARG B 376 19.30 35.29 -21.73
C ARG B 376 20.59 35.14 -20.93
N ARG B 377 21.62 35.91 -21.26
CA ARG B 377 22.90 35.81 -20.56
C ARG B 377 23.44 37.21 -20.32
N HIS B 378 24.36 37.30 -19.35
CA HIS B 378 25.04 38.55 -19.02
C HIS B 378 26.31 38.63 -19.87
N LEU B 379 26.37 39.62 -20.76
CA LEU B 379 27.44 39.71 -21.76
C LEU B 379 28.78 40.03 -21.12
N LYS B 380 28.79 40.28 -19.81
CA LYS B 380 30.03 40.37 -19.05
C LYS B 380 30.56 39.01 -18.62
N ALA B 381 29.72 37.98 -18.66
CA ALA B 381 30.10 36.61 -18.31
C ALA B 381 30.24 35.71 -19.52
N SER B 382 29.23 35.66 -20.39
CA SER B 382 29.28 34.77 -21.54
C SER B 382 30.40 35.14 -22.50
N GLU B 383 30.61 36.43 -22.72
CA GLU B 383 31.66 36.86 -23.64
C GLU B 383 33.02 36.99 -22.96
N ARG B 384 33.07 37.02 -21.63
CA ARG B 384 34.33 37.27 -20.95
C ARG B 384 34.64 36.22 -19.89
N ASP B 385 34.12 36.42 -18.67
CA ASP B 385 34.60 35.66 -17.51
C ASP B 385 34.29 34.17 -17.64
N LYS B 386 33.08 33.82 -18.06
CA LYS B 386 32.66 32.42 -18.03
C LYS B 386 33.30 31.60 -19.15
N GLN B 387 33.60 32.22 -20.29
CA GLN B 387 34.02 31.49 -21.48
C GLN B 387 35.51 31.65 -21.76
N LEU B 388 35.96 32.86 -22.09
CA LEU B 388 37.32 33.03 -22.61
C LEU B 388 38.37 32.67 -21.57
N ALA B 389 38.17 33.10 -20.32
CA ALA B 389 39.16 32.83 -19.28
C ALA B 389 39.23 31.36 -18.92
N LEU B 390 38.15 30.61 -19.14
CA LEU B 390 38.09 29.20 -18.75
C LEU B 390 38.26 28.24 -19.91
N ILE B 391 38.05 28.69 -21.15
CA ILE B 391 38.21 27.85 -22.33
C ILE B 391 39.37 28.38 -23.17
N SER B 392 40.31 27.49 -23.48
CA SER B 392 41.43 27.83 -24.34
C SER B 392 41.85 26.57 -25.09
N GLY B 393 42.58 26.78 -26.18
CA GLY B 393 43.02 25.67 -27.01
C GLY B 393 44.45 25.87 -27.47
N THR B 394 45.12 24.74 -27.73
CA THR B 394 46.50 24.77 -28.19
C THR B 394 46.83 23.46 -28.89
N THR B 395 47.76 23.53 -29.83
CA THR B 395 48.27 22.33 -30.49
C THR B 395 49.48 21.74 -29.78
N ASP B 396 50.15 22.53 -28.94
CA ASP B 396 51.30 22.06 -28.18
C ASP B 396 50.83 21.47 -26.85
N TYR B 397 51.78 21.00 -26.05
CA TYR B 397 51.48 20.53 -24.70
C TYR B 397 51.99 21.55 -23.68
N ARG B 398 51.57 22.80 -23.83
CA ARG B 398 52.07 23.88 -22.99
C ARG B 398 51.49 23.81 -21.59
N GLY B 399 50.17 23.93 -21.47
CA GLY B 399 49.54 24.05 -20.17
C GLY B 399 48.90 22.78 -19.64
N PHE B 400 49.36 21.63 -20.10
CA PHE B 400 48.85 20.35 -19.64
C PHE B 400 49.74 19.71 -18.58
N ALA B 401 50.69 20.46 -18.04
CA ALA B 401 51.62 19.88 -17.07
C ALA B 401 50.97 19.61 -15.73
N HIS B 402 49.95 20.39 -15.37
CA HIS B 402 49.32 20.27 -14.05
C HIS B 402 47.81 20.08 -14.16
N ARG B 403 47.34 19.47 -15.24
CA ARG B 403 45.91 19.24 -15.40
C ARG B 403 45.45 18.13 -14.46
N ASP B 404 44.33 18.36 -13.77
CA ASP B 404 43.84 17.38 -12.81
C ASP B 404 43.15 16.20 -13.48
N LEU B 405 42.55 16.42 -14.65
CA LEU B 405 41.84 15.36 -15.35
C LEU B 405 41.85 15.68 -16.84
N ILE B 406 41.91 14.63 -17.65
CA ILE B 406 41.91 14.77 -19.11
C ILE B 406 40.79 13.91 -19.68
N ILE B 407 39.95 14.52 -20.51
CA ILE B 407 38.87 13.82 -21.20
C ILE B 407 39.32 13.57 -22.62
N GLU B 408 39.55 12.30 -22.96
CA GLU B 408 39.94 11.90 -24.31
C GLU B 408 38.69 11.73 -25.17
N ALA B 409 38.64 12.44 -26.31
CA ALA B 409 37.50 12.44 -27.21
C ALA B 409 38.02 12.44 -28.66
N VAL B 410 38.74 11.37 -29.03
CA VAL B 410 39.27 11.23 -30.39
C VAL B 410 38.63 10.06 -31.11
N PHE B 411 39.20 9.71 -32.26
CA PHE B 411 38.65 8.68 -33.12
C PHE B 411 38.59 7.35 -32.40
N GLU B 412 37.58 6.56 -32.73
CA GLU B 412 37.36 5.27 -32.08
C GLU B 412 38.37 4.26 -32.61
N ASN B 413 39.56 4.25 -32.04
CA ASN B 413 40.58 3.28 -32.40
C ASN B 413 41.39 2.94 -31.15
N LEU B 414 41.48 1.64 -30.86
CA LEU B 414 42.15 1.21 -29.62
C LEU B 414 43.62 1.64 -29.62
N GLU B 415 44.33 1.38 -30.72
CA GLU B 415 45.75 1.72 -30.77
C GLU B 415 45.96 3.23 -30.70
N LEU B 416 45.00 4.02 -31.21
CA LEU B 416 45.10 5.46 -31.10
C LEU B 416 44.91 5.92 -29.66
N LYS B 417 43.92 5.36 -28.97
CA LYS B 417 43.65 5.77 -27.59
C LYS B 417 44.74 5.30 -26.65
N GLN B 418 45.35 4.14 -26.91
CA GLN B 418 46.48 3.70 -26.09
C GLN B 418 47.65 4.66 -26.21
N GLN B 419 47.87 5.22 -27.39
CA GLN B 419 48.89 6.26 -27.55
C GLN B 419 48.52 7.51 -26.77
N MET B 420 47.22 7.77 -26.59
CA MET B 420 46.81 8.96 -25.86
C MET B 420 47.13 8.84 -24.37
N VAL B 421 46.91 7.66 -23.78
CA VAL B 421 47.26 7.50 -22.37
C VAL B 421 48.77 7.56 -22.19
N ALA B 422 49.53 7.24 -23.25
CA ALA B 422 50.98 7.38 -23.16
C ALA B 422 51.40 8.84 -23.25
N GLU B 423 50.68 9.63 -24.06
CA GLU B 423 50.99 11.05 -24.15
C GLU B 423 50.54 11.81 -22.91
N VAL B 424 49.45 11.38 -22.29
CA VAL B 424 48.97 12.03 -21.07
C VAL B 424 49.91 11.74 -19.91
N GLU B 425 50.31 10.47 -19.74
CA GLU B 425 51.25 10.13 -18.69
C GLU B 425 52.60 10.81 -18.87
N GLN B 426 52.97 11.17 -20.10
CA GLN B 426 54.25 11.82 -20.38
C GLN B 426 54.20 13.33 -20.18
N ASN B 427 53.12 13.98 -20.63
CA ASN B 427 53.06 15.44 -20.67
C ASN B 427 52.20 16.04 -19.55
N CYS B 428 51.65 15.21 -18.67
CA CYS B 428 50.86 15.69 -17.55
C CYS B 428 51.48 15.23 -16.24
N ALA B 429 50.77 15.45 -15.13
CA ALA B 429 51.22 15.03 -13.82
C ALA B 429 51.02 13.53 -13.66
N ALA B 430 51.43 13.01 -12.51
CA ALA B 430 51.30 11.58 -12.21
C ALA B 430 49.98 11.24 -11.54
N HIS B 431 49.12 12.22 -11.30
CA HIS B 431 47.83 11.98 -10.66
C HIS B 431 46.65 12.26 -11.57
N THR B 432 46.90 12.69 -12.81
CA THR B 432 45.81 13.09 -13.69
C THR B 432 44.96 11.89 -14.08
N ILE B 433 43.67 12.12 -14.21
CA ILE B 433 42.72 11.07 -14.59
C ILE B 433 42.53 11.10 -16.10
N PHE B 434 42.60 9.92 -16.71
CA PHE B 434 42.39 9.77 -18.15
C PHE B 434 40.97 9.25 -18.36
N ALA B 435 40.05 10.16 -18.67
CA ALA B 435 38.66 9.82 -18.90
C ALA B 435 38.44 9.62 -20.39
N SER B 436 38.18 8.37 -20.80
CA SER B 436 38.01 8.04 -22.21
C SER B 436 36.53 8.14 -22.59
N ASN B 437 36.26 8.89 -23.64
CA ASN B 437 34.90 9.02 -24.17
C ASN B 437 34.68 8.05 -25.34
N THR B 438 34.78 6.77 -25.03
CA THR B 438 34.64 5.71 -26.01
C THR B 438 33.29 5.03 -25.86
N SER B 439 32.83 4.43 -26.96
CA SER B 439 31.55 3.75 -27.00
C SER B 439 31.62 2.30 -27.44
N SER B 440 32.69 1.88 -28.10
CA SER B 440 32.82 0.51 -28.59
C SER B 440 34.13 -0.14 -28.20
N LEU B 441 34.91 0.47 -27.32
CA LEU B 441 36.21 -0.09 -26.94
C LEU B 441 36.25 -0.41 -25.46
N PRO B 442 36.80 -1.56 -25.08
CA PRO B 442 36.88 -1.90 -23.65
C PRO B 442 37.88 -1.01 -22.93
N ILE B 443 37.49 -0.60 -21.72
CA ILE B 443 38.34 0.31 -20.94
C ILE B 443 39.62 -0.41 -20.50
N GLY B 444 39.54 -1.70 -20.23
CA GLY B 444 40.73 -2.44 -19.81
C GLY B 444 41.80 -2.50 -20.89
N ASP B 445 41.39 -2.57 -22.16
CA ASP B 445 42.35 -2.59 -23.25
C ASP B 445 42.95 -1.21 -23.50
N ILE B 446 42.21 -0.15 -23.21
CA ILE B 446 42.77 1.19 -23.31
C ILE B 446 43.83 1.40 -22.24
N ALA B 447 43.62 0.84 -21.05
CA ALA B 447 44.56 0.93 -19.94
C ALA B 447 45.55 -0.23 -19.90
N ALA B 448 45.69 -0.96 -21.01
CA ALA B 448 46.52 -2.16 -20.99
C ALA B 448 47.99 -1.81 -20.78
N HIS B 449 48.47 -0.73 -21.40
CA HIS B 449 49.87 -0.36 -21.36
C HIS B 449 50.12 0.94 -20.60
N ALA B 450 49.14 1.40 -19.83
CA ALA B 450 49.31 2.61 -19.04
C ALA B 450 50.20 2.33 -17.84
N THR B 451 51.11 3.28 -17.56
CA THR B 451 51.98 3.14 -16.40
C THR B 451 51.18 3.16 -15.10
N ARG B 452 50.07 3.92 -15.08
CA ARG B 452 49.21 4.02 -13.90
C ARG B 452 47.78 3.69 -14.33
N PRO B 453 47.41 2.40 -14.32
CA PRO B 453 46.06 2.02 -14.73
C PRO B 453 44.98 2.44 -13.74
N GLU B 454 45.34 2.87 -12.52
CA GLU B 454 44.32 3.27 -11.55
C GLU B 454 43.62 4.56 -11.94
N GLN B 455 44.23 5.37 -12.80
CA GLN B 455 43.75 6.71 -13.08
C GLN B 455 43.13 6.85 -14.46
N VAL B 456 42.85 5.75 -15.15
CA VAL B 456 42.21 5.77 -16.45
C VAL B 456 40.82 5.17 -16.30
N ILE B 457 39.81 5.88 -16.81
CA ILE B 457 38.41 5.51 -16.65
C ILE B 457 37.66 5.85 -17.93
N GLY B 458 36.46 5.29 -18.06
CA GLY B 458 35.59 5.58 -19.18
C GLY B 458 34.53 6.59 -18.77
N LEU B 459 34.35 7.61 -19.61
CA LEU B 459 33.36 8.67 -19.39
C LEU B 459 32.63 8.88 -20.72
N HIS B 460 31.51 8.19 -20.88
CA HIS B 460 30.80 8.14 -22.15
C HIS B 460 29.75 9.24 -22.22
N PHE B 461 29.86 10.11 -23.22
CA PHE B 461 28.87 11.13 -23.50
C PHE B 461 28.03 10.73 -24.71
N PHE B 462 26.99 11.51 -24.97
CA PHE B 462 26.09 11.26 -26.08
C PHE B 462 25.86 12.55 -26.85
N SER B 463 25.97 12.47 -28.18
CA SER B 463 25.82 13.64 -29.04
C SER B 463 24.34 13.93 -29.30
N PRO B 464 23.92 15.20 -29.24
CA PRO B 464 24.77 16.33 -28.84
C PRO B 464 24.92 16.41 -27.33
N VAL B 465 26.08 16.89 -26.86
CA VAL B 465 26.40 16.83 -25.43
C VAL B 465 25.41 17.66 -24.62
N GLU B 466 25.00 18.82 -25.15
CA GLU B 466 24.10 19.70 -24.41
C GLU B 466 22.73 19.06 -24.24
N LYS B 467 22.16 18.51 -25.32
CA LYS B 467 20.82 17.96 -25.26
C LYS B 467 20.75 16.76 -24.31
N MET B 468 21.68 15.81 -24.46
CA MET B 468 21.63 14.59 -23.67
C MET B 468 22.11 14.84 -22.25
N PRO B 469 21.40 14.32 -21.24
CA PRO B 469 21.77 14.59 -19.85
C PRO B 469 22.45 13.44 -19.15
N LEU B 470 22.52 12.28 -19.81
CA LEU B 470 23.06 11.07 -19.20
C LEU B 470 24.50 10.83 -19.63
N VAL B 471 25.32 10.34 -18.71
CA VAL B 471 26.68 9.95 -19.00
C VAL B 471 26.93 8.57 -18.40
N GLU B 472 27.57 7.70 -19.18
CA GLU B 472 28.00 6.40 -18.70
C GLU B 472 29.43 6.49 -18.20
N ILE B 473 29.63 6.17 -16.92
CA ILE B 473 30.95 6.18 -16.31
C ILE B 473 31.38 4.73 -16.15
N ILE B 474 32.42 4.33 -16.90
CA ILE B 474 32.81 2.93 -16.99
C ILE B 474 34.20 2.75 -16.37
N PRO B 475 34.31 2.20 -15.17
CA PRO B 475 35.62 1.80 -14.66
C PRO B 475 36.00 0.40 -15.13
N HIS B 476 37.29 0.21 -15.40
CA HIS B 476 37.78 -1.11 -15.78
C HIS B 476 38.19 -1.86 -14.51
N ALA B 477 38.89 -2.99 -14.68
CA ALA B 477 39.20 -3.85 -13.54
C ALA B 477 40.09 -3.15 -12.51
N GLY B 478 41.02 -2.31 -12.95
CA GLY B 478 41.96 -1.67 -12.06
C GLY B 478 41.72 -0.21 -11.78
N THR B 479 40.56 0.35 -12.12
CA THR B 479 40.28 1.75 -11.83
C THR B 479 40.11 1.94 -10.33
N SER B 480 40.89 2.87 -9.77
CA SER B 480 40.85 3.11 -8.34
C SER B 480 39.52 3.74 -7.94
N ALA B 481 39.15 3.55 -6.67
CA ALA B 481 37.92 4.14 -6.15
C ALA B 481 38.00 5.66 -6.14
N GLN B 482 39.19 6.22 -5.91
CA GLN B 482 39.34 7.67 -5.96
C GLN B 482 39.09 8.19 -7.37
N THR B 483 39.57 7.46 -8.38
CA THR B 483 39.33 7.87 -9.77
C THR B 483 37.85 7.76 -10.13
N ILE B 484 37.18 6.72 -9.63
CA ILE B 484 35.75 6.55 -9.90
C ILE B 484 34.95 7.69 -9.27
N ALA B 485 35.21 7.96 -7.98
CA ALA B 485 34.47 9.01 -7.29
C ALA B 485 34.78 10.39 -7.85
N THR B 486 36.00 10.60 -8.36
CA THR B 486 36.36 11.90 -8.90
C THR B 486 35.65 12.16 -10.23
N THR B 487 35.56 11.14 -11.08
CA THR B 487 34.89 11.31 -12.37
C THR B 487 33.39 11.53 -12.18
N VAL B 488 32.80 10.95 -11.14
CA VAL B 488 31.38 11.16 -10.87
C VAL B 488 31.12 12.61 -10.47
N LYS B 489 32.02 13.18 -9.65
CA LYS B 489 31.84 14.56 -9.22
C LYS B 489 31.89 15.52 -10.40
N LEU B 490 32.83 15.31 -11.32
CA LEU B 490 32.90 16.16 -12.50
C LEU B 490 31.65 16.04 -13.35
N ALA B 491 31.16 14.81 -13.53
CA ALA B 491 29.95 14.61 -14.34
C ALA B 491 28.76 15.31 -13.73
N LYS B 492 28.60 15.24 -12.41
CA LYS B 492 27.51 15.93 -11.74
C LYS B 492 27.66 17.44 -11.84
N LYS B 493 28.88 17.95 -11.62
CA LYS B 493 29.12 19.38 -11.77
C LYS B 493 28.92 19.85 -13.19
N GLN B 494 29.03 18.97 -14.17
CA GLN B 494 28.77 19.29 -15.57
C GLN B 494 27.28 19.26 -15.91
N GLY B 495 26.41 19.09 -14.92
CA GLY B 495 24.99 19.00 -15.18
C GLY B 495 24.52 17.68 -15.75
N LYS B 496 25.31 16.62 -15.61
CA LYS B 496 24.98 15.32 -16.15
C LYS B 496 24.52 14.37 -15.06
N THR B 497 23.73 13.37 -15.46
CA THR B 497 23.24 12.34 -14.56
C THR B 497 24.06 11.07 -14.79
N PRO B 498 25.02 10.75 -13.92
CA PRO B 498 25.90 9.62 -14.17
C PRO B 498 25.36 8.30 -13.65
N ILE B 499 25.69 7.24 -14.39
CA ILE B 499 25.47 5.87 -13.96
C ILE B 499 26.77 5.09 -14.19
N VAL B 500 27.13 4.26 -13.22
CA VAL B 500 28.39 3.52 -13.24
C VAL B 500 28.11 2.10 -13.71
N VAL B 501 28.69 1.73 -14.85
CA VAL B 501 28.44 0.43 -15.46
C VAL B 501 29.77 -0.30 -15.64
N ARG B 502 29.69 -1.63 -15.67
CA ARG B 502 30.87 -2.46 -15.81
C ARG B 502 31.49 -2.30 -17.21
N ASP B 503 32.71 -2.81 -17.36
CA ASP B 503 33.44 -2.73 -18.61
C ASP B 503 33.06 -3.87 -19.55
N LYS B 504 31.78 -4.01 -19.81
CA LYS B 504 31.25 -4.98 -20.76
C LYS B 504 30.96 -4.32 -22.10
N ALA B 505 31.00 -5.13 -23.16
CA ALA B 505 30.79 -4.60 -24.51
C ALA B 505 29.40 -4.00 -24.64
N GLY B 506 29.34 -2.81 -25.26
CA GLY B 506 28.10 -2.08 -25.41
C GLY B 506 27.68 -1.29 -24.20
N PHE B 507 28.33 -1.48 -23.04
CA PHE B 507 28.00 -0.79 -21.79
C PHE B 507 26.55 -1.09 -21.46
N TYR B 508 25.65 -0.10 -21.44
CA TYR B 508 24.26 -0.37 -21.10
C TYR B 508 23.28 0.21 -22.11
N VAL B 509 23.28 1.54 -22.25
CA VAL B 509 22.23 2.18 -23.04
C VAL B 509 22.40 1.90 -24.53
N ASN B 510 23.63 1.65 -24.98
CA ASN B 510 23.83 1.26 -26.37
C ASN B 510 23.62 -0.23 -26.57
N ARG B 511 23.83 -1.03 -25.53
CA ARG B 511 23.59 -2.46 -25.62
C ARG B 511 22.10 -2.77 -25.74
N ILE B 512 21.27 -2.07 -24.95
CA ILE B 512 19.83 -2.28 -25.01
C ILE B 512 19.17 -1.56 -26.17
N LEU B 513 19.87 -0.64 -26.82
CA LEU B 513 19.32 0.09 -27.96
C LEU B 513 19.58 -0.61 -29.29
N ALA B 514 20.60 -1.47 -29.36
CA ALA B 514 20.93 -2.12 -30.63
C ALA B 514 19.83 -3.03 -31.13
N PRO B 515 19.29 -3.98 -30.36
CA PRO B 515 18.17 -4.79 -30.87
C PRO B 515 16.90 -3.97 -31.07
N TYR B 516 16.76 -2.85 -30.36
CA TYR B 516 15.62 -1.97 -30.57
C TYR B 516 15.67 -1.32 -31.95
N ILE B 517 16.86 -1.10 -32.48
CA ILE B 517 17.01 -0.50 -33.81
C ILE B 517 17.08 -1.56 -34.90
N ASN B 518 17.76 -2.68 -34.62
CA ASN B 518 17.82 -3.77 -35.59
C ASN B 518 16.44 -4.33 -35.89
N GLU B 519 15.54 -4.31 -34.89
CA GLU B 519 14.18 -4.79 -35.12
C GLU B 519 13.40 -3.84 -36.01
N ALA B 520 13.56 -2.53 -35.81
CA ALA B 520 12.86 -1.56 -36.64
C ALA B 520 13.33 -1.62 -38.09
N ILE B 521 14.64 -1.80 -38.29
CA ILE B 521 15.17 -1.93 -39.64
C ILE B 521 14.73 -3.24 -40.27
N ARG B 522 14.59 -4.30 -39.46
CA ARG B 522 14.23 -5.60 -39.99
C ARG B 522 12.83 -5.58 -40.60
N MET B 523 11.92 -4.75 -40.07
CA MET B 523 10.58 -4.68 -40.63
C MET B 523 10.57 -3.96 -41.96
N LEU B 524 11.52 -3.05 -42.19
CA LEU B 524 11.67 -2.47 -43.53
C LEU B 524 12.02 -3.56 -44.54
N THR B 525 12.87 -4.51 -44.14
CA THR B 525 13.13 -5.67 -44.99
C THR B 525 11.86 -6.50 -45.17
N GLN B 526 10.98 -6.50 -44.17
CA GLN B 526 9.72 -7.23 -44.21
C GLN B 526 8.59 -6.44 -44.83
N GLY B 527 8.90 -5.40 -45.61
CA GLY B 527 7.89 -4.68 -46.36
C GLY B 527 7.08 -3.68 -45.57
N GLU B 528 7.63 -3.11 -44.52
CA GLU B 528 6.94 -2.10 -43.73
C GLU B 528 7.43 -0.70 -44.12
N ARG B 529 6.67 0.30 -43.69
CA ARG B 529 6.95 1.70 -44.00
C ARG B 529 7.50 2.41 -42.77
N VAL B 530 8.45 3.32 -43.01
CA VAL B 530 9.09 4.04 -41.91
C VAL B 530 8.11 4.97 -41.22
N GLU B 531 7.23 5.62 -41.99
CA GLU B 531 6.24 6.50 -41.39
C GLU B 531 5.32 5.75 -40.45
N HIS B 532 5.13 4.45 -40.67
CA HIS B 532 4.32 3.64 -39.78
C HIS B 532 5.10 3.14 -38.58
N ILE B 533 6.41 2.93 -38.74
CA ILE B 533 7.23 2.44 -37.63
C ILE B 533 7.47 3.56 -36.62
N ASP B 534 7.96 4.71 -37.09
CA ASP B 534 8.28 5.81 -36.17
C ASP B 534 7.04 6.31 -35.46
N ALA B 535 5.92 6.46 -36.17
CA ALA B 535 4.70 6.93 -35.55
C ALA B 535 4.15 5.93 -34.54
N ALA B 536 4.49 4.64 -34.67
CA ALA B 536 4.00 3.64 -33.73
C ALA B 536 4.73 3.70 -32.41
N LEU B 537 6.04 4.00 -32.43
CA LEU B 537 6.83 4.07 -31.21
C LEU B 537 6.85 5.45 -30.58
N VAL B 538 6.56 6.51 -31.35
CA VAL B 538 6.31 7.81 -30.75
C VAL B 538 5.01 7.79 -29.96
N LYS B 539 3.98 7.13 -30.50
CA LYS B 539 2.74 6.94 -29.74
C LYS B 539 2.98 6.05 -28.53
N PHE B 540 3.95 5.15 -28.59
CA PHE B 540 4.26 4.32 -27.43
C PHE B 540 4.85 5.14 -26.29
N GLY B 541 5.57 6.21 -26.61
CA GLY B 541 6.11 7.08 -25.58
C GLY B 541 7.46 7.68 -25.90
N PHE B 542 8.14 7.14 -26.91
CA PHE B 542 9.45 7.65 -27.27
C PHE B 542 9.34 9.01 -27.95
N PRO B 543 10.33 9.89 -27.76
CA PRO B 543 10.27 11.21 -28.41
C PRO B 543 10.49 11.15 -29.91
N VAL B 544 11.16 10.12 -30.42
CA VAL B 544 11.48 10.02 -31.82
C VAL B 544 11.60 8.55 -32.19
N GLY B 545 11.12 8.19 -33.39
CA GLY B 545 11.14 6.84 -33.86
C GLY B 545 12.56 6.29 -33.97
N PRO B 546 12.69 4.95 -34.00
CA PRO B 546 14.03 4.37 -34.04
C PRO B 546 14.79 4.70 -35.31
N ILE B 547 14.12 4.61 -36.47
CA ILE B 547 14.80 4.87 -37.73
C ILE B 547 15.13 6.35 -37.88
N GLN B 548 14.23 7.23 -37.43
CA GLN B 548 14.54 8.65 -37.43
C GLN B 548 15.67 8.97 -36.47
N LEU B 549 15.65 8.35 -35.28
CA LEU B 549 16.78 8.49 -34.36
C LEU B 549 18.07 7.98 -34.98
N LEU B 550 17.99 6.87 -35.72
CA LEU B 550 19.15 6.37 -36.45
C LEU B 550 19.55 7.35 -37.54
N ASP B 551 18.61 8.12 -38.07
CA ASP B 551 18.92 9.14 -39.06
C ASP B 551 19.44 10.42 -38.40
N GLU B 552 18.99 10.72 -37.19
CA GLU B 552 19.46 11.92 -36.50
C GLU B 552 20.93 11.79 -36.09
N VAL B 553 21.24 10.76 -35.29
CA VAL B 553 22.60 10.57 -34.81
C VAL B 553 23.54 10.16 -35.93
N GLY B 554 23.02 9.66 -37.03
CA GLY B 554 23.84 9.27 -38.16
C GLY B 554 23.74 7.79 -38.41
N ILE B 555 23.64 7.42 -39.69
CA ILE B 555 23.51 6.01 -40.05
C ILE B 555 24.79 5.26 -39.71
N ASP B 556 25.95 5.89 -39.97
CA ASP B 556 27.23 5.24 -39.67
C ASP B 556 27.48 5.18 -38.17
N THR B 557 27.10 6.24 -37.44
CA THR B 557 27.39 6.30 -36.02
C THR B 557 26.57 5.28 -35.24
N GLY B 558 25.27 5.17 -35.54
CA GLY B 558 24.40 4.27 -34.81
C GLY B 558 24.52 2.81 -35.13
N THR B 559 25.36 2.43 -36.10
CA THR B 559 25.53 1.04 -36.48
C THR B 559 26.93 0.50 -36.26
N LYS B 560 27.89 1.33 -35.85
CA LYS B 560 29.24 0.85 -35.60
C LYS B 560 29.31 -0.10 -34.40
N ILE B 561 28.37 0.03 -33.45
CA ILE B 561 28.35 -0.85 -32.29
C ILE B 561 27.81 -2.23 -32.60
N ILE B 562 27.15 -2.41 -33.75
CA ILE B 562 26.56 -3.70 -34.07
C ILE B 562 27.59 -4.80 -34.21
N PRO B 563 28.69 -4.64 -34.97
CA PRO B 563 29.68 -5.73 -35.03
C PRO B 563 30.34 -6.02 -33.69
N VAL B 564 30.45 -5.03 -32.81
CA VAL B 564 31.06 -5.27 -31.50
C VAL B 564 30.16 -6.13 -30.64
N LEU B 565 28.84 -5.93 -30.73
CA LEU B 565 27.91 -6.69 -29.91
C LEU B 565 27.64 -8.09 -30.46
N GLU B 566 27.84 -8.31 -31.76
CA GLU B 566 27.69 -9.65 -32.30
C GLU B 566 28.82 -10.56 -31.83
N ALA B 567 30.04 -10.03 -31.74
CA ALA B 567 31.17 -10.83 -31.28
C ALA B 567 31.12 -11.09 -29.79
N ALA B 568 30.45 -10.24 -29.02
CA ALA B 568 30.41 -10.37 -27.58
C ALA B 568 29.25 -11.21 -27.09
N TYR B 569 28.10 -11.16 -27.77
CA TYR B 569 26.89 -11.82 -27.28
C TYR B 569 26.23 -12.73 -28.30
N GLY B 570 26.69 -12.78 -29.54
CA GLY B 570 26.19 -13.72 -30.52
C GLY B 570 25.31 -13.05 -31.57
N GLU B 571 24.66 -13.89 -32.37
CA GLU B 571 23.78 -13.43 -33.43
C GLU B 571 22.49 -12.82 -32.91
N ARG B 572 22.31 -12.74 -31.58
CA ARG B 572 21.14 -12.06 -31.03
C ARG B 572 21.13 -10.58 -31.39
N PHE B 573 22.30 -9.99 -31.59
CA PHE B 573 22.43 -8.60 -32.00
C PHE B 573 22.59 -8.44 -33.51
N SER B 574 22.35 -9.49 -34.28
CA SER B 574 22.56 -9.43 -35.72
C SER B 574 21.43 -8.67 -36.40
N ALA B 575 21.80 -7.72 -37.25
CA ALA B 575 20.86 -6.99 -38.09
C ALA B 575 20.56 -7.81 -39.33
N PRO B 576 19.60 -7.37 -40.17
CA PRO B 576 19.43 -8.03 -41.47
C PRO B 576 20.71 -8.08 -42.28
N ALA B 577 20.78 -9.01 -43.23
CA ALA B 577 22.01 -9.40 -43.90
C ALA B 577 22.84 -8.21 -44.42
N ASN B 578 22.36 -7.54 -45.46
CA ASN B 578 23.14 -6.52 -46.14
C ASN B 578 22.37 -5.21 -46.27
N VAL B 579 21.64 -4.84 -45.22
CA VAL B 579 20.94 -3.57 -45.23
C VAL B 579 21.89 -2.42 -44.90
N VAL B 580 22.62 -2.54 -43.79
CA VAL B 580 23.56 -1.48 -43.41
C VAL B 580 24.76 -1.46 -44.33
N SER B 581 25.12 -2.61 -44.92
CA SER B 581 26.23 -2.64 -45.86
C SER B 581 25.86 -1.99 -47.18
N SER B 582 24.58 -2.02 -47.56
CA SER B 582 24.16 -1.42 -48.82
C SER B 582 23.89 0.07 -48.68
N ILE B 583 23.26 0.49 -47.58
CA ILE B 583 22.93 1.90 -47.42
C ILE B 583 24.19 2.73 -47.20
N LEU B 584 25.24 2.14 -46.64
CA LEU B 584 26.51 2.84 -46.52
C LEU B 584 27.29 2.82 -47.82
N ASN B 585 27.13 1.76 -48.63
CA ASN B 585 27.72 1.74 -49.95
C ASN B 585 27.13 2.83 -50.84
N ASP B 586 25.84 3.14 -50.64
CA ASP B 586 25.23 4.26 -51.34
C ASP B 586 25.65 5.60 -50.77
N ASP B 587 26.26 5.60 -49.57
CA ASP B 587 26.84 6.79 -48.90
C ASP B 587 25.75 7.61 -48.22
N ARG B 588 24.88 6.94 -47.48
CA ARG B 588 23.74 7.56 -46.81
C ARG B 588 24.03 7.65 -45.31
N LYS B 589 24.07 8.87 -44.77
CA LYS B 589 24.52 9.07 -43.40
C LYS B 589 23.57 9.91 -42.57
N GLY B 590 22.29 9.96 -42.93
CA GLY B 590 21.32 10.66 -42.11
C GLY B 590 21.44 12.18 -42.18
N ARG B 591 21.09 12.84 -41.07
CA ARG B 591 21.12 14.29 -41.00
C ARG B 591 22.53 14.86 -41.09
N LYS B 592 23.56 14.01 -41.03
CA LYS B 592 24.94 14.50 -41.13
C LYS B 592 25.28 14.85 -42.58
N ASN B 593 25.03 13.94 -43.51
CA ASN B 593 25.51 14.11 -44.87
C ASN B 593 24.46 14.63 -45.85
N GLY B 594 23.18 14.35 -45.62
CA GLY B 594 22.11 14.89 -46.43
C GLY B 594 21.22 13.86 -47.11
N ARG B 595 21.65 12.60 -47.21
CA ARG B 595 20.85 11.62 -47.91
C ARG B 595 20.45 10.46 -47.02
N GLY B 596 19.87 10.76 -45.86
CA GLY B 596 19.44 9.71 -44.95
C GLY B 596 18.17 9.05 -45.41
N PHE B 597 17.54 8.32 -44.48
CA PHE B 597 16.23 7.72 -44.74
C PHE B 597 15.26 8.78 -45.24
N TYR B 598 15.21 9.91 -44.55
CA TYR B 598 14.47 11.08 -45.00
C TYR B 598 15.16 12.31 -44.42
N LEU B 599 15.28 13.34 -45.25
CA LEU B 599 16.04 14.52 -44.88
C LEU B 599 15.56 15.71 -45.70
N TYR B 600 16.19 16.86 -45.44
CA TYR B 600 15.78 18.14 -45.99
C TYR B 600 16.14 18.26 -47.47
N GLY B 601 15.44 19.18 -48.13
CA GLY B 601 15.77 19.57 -49.49
C GLY B 601 15.86 21.07 -49.62
N GLN B 602 14.72 21.76 -49.60
CA GLN B 602 14.67 23.21 -49.68
C GLN B 602 14.07 23.76 -48.38
N LYS B 603 14.68 24.84 -47.88
CA LYS B 603 14.20 25.47 -46.64
C LYS B 603 12.77 25.98 -46.79
N GLY B 604 12.47 26.59 -47.94
CA GLY B 604 11.15 27.18 -48.14
C GLY B 604 10.09 26.12 -48.29
N ARG B 605 8.96 26.30 -47.59
CA ARG B 605 7.83 25.38 -47.64
C ARG B 605 8.24 23.96 -47.31
N LYS B 606 9.04 23.80 -46.25
CA LYS B 606 9.55 22.48 -45.87
C LYS B 606 8.41 21.53 -45.51
N SER B 607 7.44 22.01 -44.73
CA SER B 607 6.26 21.23 -44.32
C SER B 607 6.64 19.99 -43.53
N LYS B 608 5.69 19.06 -43.39
CA LYS B 608 5.91 17.86 -42.61
C LYS B 608 7.02 17.02 -43.23
N LYS B 609 7.84 16.42 -42.37
CA LYS B 609 8.94 15.58 -42.84
C LYS B 609 8.41 14.39 -43.61
N GLN B 610 8.75 14.33 -44.89
CA GLN B 610 8.36 13.22 -45.76
C GLN B 610 9.58 12.36 -46.07
N VAL B 611 9.32 11.12 -46.43
CA VAL B 611 10.39 10.12 -46.61
C VAL B 611 10.87 10.15 -48.05
N ASP B 612 12.17 10.43 -48.23
CA ASP B 612 12.83 10.25 -49.52
C ASP B 612 12.67 8.79 -49.90
N PRO B 613 11.88 8.48 -50.95
CA PRO B 613 11.48 7.09 -51.20
C PRO B 613 12.53 6.25 -51.91
N ALA B 614 13.70 6.80 -52.22
CA ALA B 614 14.77 6.02 -52.83
C ALA B 614 15.28 4.93 -51.90
N ILE B 615 14.91 4.96 -50.63
CA ILE B 615 15.38 3.93 -49.70
C ILE B 615 14.68 2.61 -49.97
N TYR B 616 13.36 2.64 -50.22
CA TYR B 616 12.60 1.41 -50.37
C TYR B 616 13.13 0.48 -51.45
N PRO B 617 13.57 0.94 -52.64
CA PRO B 617 14.21 0.02 -53.56
C PRO B 617 15.64 -0.32 -53.15
N LEU B 618 16.28 0.58 -52.41
CA LEU B 618 17.66 0.35 -51.98
C LEU B 618 17.72 -0.78 -50.97
N ILE B 619 17.00 -0.66 -49.86
CA ILE B 619 16.90 -1.78 -48.92
C ILE B 619 16.04 -2.87 -49.55
N GLY B 620 16.37 -4.12 -49.20
CA GLY B 620 15.67 -5.24 -49.78
C GLY B 620 14.29 -5.48 -49.20
N THR B 621 13.30 -4.74 -49.65
CA THR B 621 11.93 -4.97 -49.23
C THR B 621 11.45 -6.34 -49.69
N GLN B 622 10.87 -7.11 -48.77
CA GLN B 622 10.40 -8.46 -49.06
C GLN B 622 9.04 -8.62 -48.38
N GLY B 623 7.97 -8.41 -49.14
CA GLY B 623 6.62 -8.51 -48.63
C GLY B 623 5.90 -7.18 -48.66
N GLN B 624 4.66 -7.20 -48.16
CA GLN B 624 3.81 -6.02 -48.08
C GLN B 624 3.60 -5.63 -46.62
N GLY B 625 2.93 -4.49 -46.43
CA GLY B 625 2.61 -4.02 -45.10
C GLY B 625 1.57 -4.92 -44.45
N ARG B 626 1.89 -5.50 -43.30
CA ARG B 626 1.00 -6.46 -42.65
C ARG B 626 0.84 -6.26 -41.15
N ILE B 627 1.80 -5.66 -40.45
CA ILE B 627 1.77 -5.62 -38.99
C ILE B 627 1.13 -4.31 -38.53
N SER B 628 0.39 -4.37 -37.42
CA SER B 628 -0.33 -3.21 -36.92
C SER B 628 0.60 -2.35 -36.07
N ALA B 629 0.16 -1.13 -35.78
CA ALA B 629 1.00 -0.19 -35.06
C ALA B 629 1.29 -0.61 -33.61
N PRO B 630 0.35 -1.16 -32.83
CA PRO B 630 0.71 -1.55 -31.46
C PRO B 630 1.69 -2.71 -31.38
N GLN B 631 1.79 -3.54 -32.42
CA GLN B 631 2.64 -4.73 -32.36
C GLN B 631 4.02 -4.51 -32.94
N VAL B 632 4.21 -3.51 -33.82
CA VAL B 632 5.56 -3.17 -34.25
C VAL B 632 6.32 -2.49 -33.11
N ALA B 633 5.66 -1.58 -32.39
CA ALA B 633 6.29 -0.96 -31.23
C ALA B 633 6.59 -2.00 -30.16
N GLU B 634 5.71 -2.99 -30.00
CA GLU B 634 5.95 -4.03 -29.02
C GLU B 634 7.16 -4.88 -29.39
N ARG B 635 7.32 -5.20 -30.69
CA ARG B 635 8.45 -6.00 -31.11
C ARG B 635 9.78 -5.31 -30.82
N CYS B 636 9.84 -3.99 -31.03
CA CYS B 636 11.06 -3.26 -30.75
C CYS B 636 11.30 -3.11 -29.25
N VAL B 637 10.24 -3.00 -28.47
CA VAL B 637 10.40 -2.76 -27.03
C VAL B 637 10.79 -4.04 -26.30
N MET B 638 10.18 -5.18 -26.67
CA MET B 638 10.44 -6.42 -25.94
C MET B 638 11.90 -6.83 -26.06
N LEU B 639 12.52 -6.60 -27.23
CA LEU B 639 13.94 -6.88 -27.37
C LEU B 639 14.78 -5.96 -26.50
N MET B 640 14.33 -4.71 -26.31
CA MET B 640 15.05 -3.80 -25.43
C MET B 640 14.83 -4.17 -23.97
N LEU B 641 13.60 -4.57 -23.61
CA LEU B 641 13.35 -5.04 -22.25
C LEU B 641 14.15 -6.30 -21.95
N ASN B 642 14.32 -7.16 -22.95
CA ASN B 642 15.09 -8.38 -22.75
C ASN B 642 16.57 -8.07 -22.47
N GLU B 643 17.11 -7.08 -23.17
CA GLU B 643 18.52 -6.72 -22.95
C GLU B 643 18.71 -5.93 -21.68
N ALA B 644 17.71 -5.16 -21.26
CA ALA B 644 17.82 -4.39 -20.03
C ALA B 644 17.88 -5.30 -18.81
N VAL B 645 17.09 -6.38 -18.80
CA VAL B 645 17.11 -7.30 -17.68
C VAL B 645 18.30 -8.24 -17.72
N ARG B 646 18.94 -8.40 -18.88
CA ARG B 646 20.19 -9.14 -18.92
C ARG B 646 21.32 -8.34 -18.28
N CYS B 647 21.30 -7.02 -18.43
CA CYS B 647 22.36 -6.19 -17.85
C CYS B 647 22.29 -6.18 -16.32
N VAL B 648 21.08 -6.14 -15.76
CA VAL B 648 20.95 -6.15 -14.32
C VAL B 648 21.31 -7.52 -13.75
N ASP B 649 21.13 -8.57 -14.55
CA ASP B 649 21.54 -9.91 -14.11
C ASP B 649 23.03 -10.12 -14.29
N GLU B 650 23.59 -9.63 -15.39
CA GLU B 650 25.04 -9.62 -15.59
C GLU B 650 25.74 -8.57 -14.76
N GLN B 651 25.00 -7.83 -13.93
CA GLN B 651 25.52 -6.77 -13.08
C GLN B 651 26.23 -5.68 -13.87
N VAL B 652 25.88 -5.52 -15.15
CA VAL B 652 26.39 -4.39 -15.92
C VAL B 652 25.95 -3.08 -15.29
N ILE B 653 24.69 -3.02 -14.84
CA ILE B 653 24.20 -1.93 -14.03
C ILE B 653 24.14 -2.38 -12.58
N ARG B 654 24.38 -1.44 -11.66
CA ARG B 654 24.46 -1.80 -10.25
C ARG B 654 23.10 -2.13 -9.67
N SER B 655 22.04 -1.52 -10.17
CA SER B 655 20.70 -1.76 -9.64
C SER B 655 19.67 -1.43 -10.71
N VAL B 656 18.40 -1.68 -10.38
CA VAL B 656 17.31 -1.33 -11.28
C VAL B 656 17.12 0.19 -11.32
N ARG B 657 17.60 0.91 -10.31
CA ARG B 657 17.50 2.36 -10.33
C ARG B 657 18.35 2.96 -11.45
N ASP B 658 19.61 2.54 -11.55
CA ASP B 658 20.46 2.99 -12.64
C ASP B 658 19.95 2.50 -13.99
N GLY B 659 19.29 1.35 -14.03
CA GLY B 659 18.74 0.86 -15.29
C GLY B 659 17.57 1.68 -15.77
N ASP B 660 16.65 2.04 -14.86
CA ASP B 660 15.53 2.89 -15.24
C ASP B 660 16.00 4.29 -15.60
N ILE B 661 16.90 4.86 -14.79
CA ILE B 661 17.44 6.19 -15.08
C ILE B 661 18.21 6.16 -16.39
N GLY B 662 19.04 5.14 -16.60
CA GLY B 662 19.87 5.09 -17.79
C GLY B 662 19.07 4.96 -19.08
N ALA B 663 17.91 4.34 -19.01
CA ALA B 663 17.07 4.16 -20.20
C ALA B 663 16.14 5.35 -20.43
N VAL B 664 15.63 5.94 -19.34
CA VAL B 664 14.74 7.10 -19.48
C VAL B 664 15.52 8.31 -19.98
N PHE B 665 16.65 8.60 -19.34
CA PHE B 665 17.46 9.76 -19.69
C PHE B 665 18.49 9.46 -20.78
N GLY B 666 18.63 8.20 -21.19
CA GLY B 666 19.62 7.85 -22.18
C GLY B 666 19.07 7.73 -23.59
N ILE B 667 18.04 6.91 -23.76
CA ILE B 667 17.45 6.66 -25.07
C ILE B 667 15.98 7.10 -25.11
N GLY B 668 15.57 7.95 -24.17
CA GLY B 668 14.22 8.49 -24.19
C GLY B 668 13.12 7.49 -23.95
N PHE B 669 13.31 6.57 -22.99
CA PHE B 669 12.25 5.65 -22.62
C PHE B 669 11.05 6.45 -22.13
N PRO B 670 9.82 6.03 -22.45
CA PRO B 670 8.63 6.78 -22.04
C PRO B 670 8.63 7.05 -20.54
N PRO B 671 8.67 8.32 -20.15
CA PRO B 671 8.71 8.64 -18.72
C PRO B 671 7.45 8.27 -17.96
N PHE B 672 6.29 8.30 -18.62
CA PHE B 672 5.04 7.94 -17.95
C PHE B 672 4.97 6.46 -17.61
N LEU B 673 5.92 5.66 -18.09
CA LEU B 673 6.03 4.25 -17.70
C LEU B 673 7.05 4.02 -16.60
N GLY B 674 7.92 5.00 -16.33
CA GLY B 674 8.85 4.90 -15.22
C GLY B 674 10.12 4.15 -15.50
N GLY B 675 10.36 3.73 -16.74
CA GLY B 675 11.54 2.98 -17.07
C GLY B 675 11.24 1.54 -17.43
N PRO B 676 12.23 0.84 -17.99
CA PRO B 676 11.97 -0.54 -18.42
C PRO B 676 11.64 -1.49 -17.29
N PHE B 677 12.22 -1.29 -16.10
CA PHE B 677 11.94 -2.18 -14.98
C PHE B 677 10.62 -1.84 -14.29
N ARG B 678 10.23 -0.57 -14.27
CA ARG B 678 8.89 -0.21 -13.82
C ARG B 678 7.83 -0.69 -14.82
N TYR B 679 8.18 -0.75 -16.10
CA TYR B 679 7.23 -1.19 -17.11
C TYR B 679 6.97 -2.69 -17.04
N ILE B 680 7.98 -3.48 -16.68
CA ILE B 680 7.79 -4.91 -16.55
C ILE B 680 6.98 -5.23 -15.30
N ASP B 681 7.21 -4.47 -14.22
CA ASP B 681 6.45 -4.70 -12.99
C ASP B 681 4.97 -4.40 -13.19
N SER B 682 4.64 -3.40 -14.00
CA SER B 682 3.24 -3.08 -14.25
C SER B 682 2.59 -4.12 -15.14
N LEU B 683 3.33 -4.64 -16.13
CA LEU B 683 2.79 -5.70 -16.97
C LEU B 683 2.78 -7.04 -16.27
N GLY B 684 3.63 -7.23 -15.26
CA GLY B 684 3.75 -8.50 -14.60
C GLY B 684 4.80 -9.39 -15.24
N ALA B 685 5.76 -9.86 -14.44
CA ALA B 685 6.89 -10.60 -14.98
C ALA B 685 6.43 -11.84 -15.75
N GLY B 686 5.40 -12.53 -15.24
CA GLY B 686 4.90 -13.71 -15.92
C GLY B 686 4.27 -13.39 -17.28
N GLU B 687 3.73 -12.18 -17.43
CA GLU B 687 3.09 -11.83 -18.69
C GLU B 687 4.11 -11.56 -19.80
N VAL B 688 5.19 -10.83 -19.47
CA VAL B 688 6.18 -10.52 -20.49
C VAL B 688 6.92 -11.78 -20.92
N VAL B 689 7.07 -12.76 -20.01
CA VAL B 689 7.66 -14.04 -20.41
C VAL B 689 6.76 -14.73 -21.42
N ALA B 690 5.45 -14.60 -21.27
CA ALA B 690 4.52 -15.17 -22.23
C ALA B 690 4.54 -14.41 -23.54
N ILE B 691 4.69 -13.08 -23.47
CA ILE B 691 4.74 -12.28 -24.68
C ILE B 691 5.99 -12.58 -25.48
N MET B 692 7.14 -12.70 -24.82
CA MET B 692 8.39 -12.99 -25.52
C MET B 692 8.39 -14.39 -26.10
N GLN B 693 7.84 -15.36 -25.37
CA GLN B 693 7.73 -16.72 -25.90
C GLN B 693 6.79 -16.77 -27.09
N ARG B 694 5.72 -15.96 -27.06
CA ARG B 694 4.83 -15.87 -28.22
C ARG B 694 5.56 -15.24 -29.40
N LEU B 695 6.36 -14.21 -29.16
CA LEU B 695 7.14 -13.60 -30.24
C LEU B 695 8.30 -14.49 -30.66
N ALA B 696 8.79 -15.34 -29.77
CA ALA B 696 9.93 -16.20 -30.10
C ALA B 696 9.54 -17.22 -31.15
N THR B 697 8.47 -17.98 -30.91
CA THR B 697 8.01 -18.95 -31.91
C THR B 697 7.50 -18.26 -33.16
N GLN B 698 7.03 -17.03 -33.04
CA GLN B 698 6.46 -16.31 -34.18
C GLN B 698 7.54 -15.80 -35.13
N TYR B 699 8.57 -15.15 -34.59
CA TYR B 699 9.57 -14.48 -35.41
C TYR B 699 10.95 -15.11 -35.35
N GLY B 700 11.43 -15.51 -34.19
CA GLY B 700 12.74 -16.13 -34.11
C GLY B 700 13.22 -16.21 -32.69
N SER B 701 14.37 -16.88 -32.53
CA SER B 701 14.95 -17.12 -31.22
C SER B 701 15.44 -15.85 -30.54
N ARG B 702 15.52 -14.73 -31.26
CA ARG B 702 15.99 -13.49 -30.64
C ARG B 702 14.99 -12.95 -29.61
N PHE B 703 13.72 -13.31 -29.73
CA PHE B 703 12.70 -12.90 -28.77
C PHE B 703 12.57 -13.86 -27.59
N THR B 704 13.47 -14.83 -27.47
CA THR B 704 13.38 -15.79 -26.37
C THR B 704 13.50 -15.06 -25.04
N PRO B 705 12.60 -15.30 -24.09
CA PRO B 705 12.70 -14.63 -22.79
C PRO B 705 14.02 -14.95 -22.12
N CYS B 706 14.69 -13.91 -21.63
CA CYS B 706 16.05 -14.05 -21.13
C CYS B 706 16.08 -14.96 -19.90
N GLU B 707 17.29 -15.33 -19.50
CA GLU B 707 17.48 -16.37 -18.48
C GLU B 707 16.92 -15.92 -17.13
N ARG B 708 17.18 -14.68 -16.74
CA ARG B 708 16.68 -14.20 -15.45
C ARG B 708 15.18 -13.96 -15.49
N LEU B 709 14.66 -13.53 -16.64
CA LEU B 709 13.24 -13.16 -16.73
C LEU B 709 12.33 -14.37 -16.48
N VAL B 710 12.74 -15.54 -16.97
CA VAL B 710 11.96 -16.75 -16.73
C VAL B 710 11.94 -17.09 -15.25
N GLU B 711 13.02 -16.77 -14.53
CA GLU B 711 13.09 -17.11 -13.12
C GLU B 711 12.12 -16.28 -12.29
N MET B 712 11.98 -14.99 -12.61
CA MET B 712 11.02 -14.16 -11.89
C MET B 712 9.59 -14.50 -12.29
N GLY B 713 9.38 -14.95 -13.52
CA GLY B 713 8.04 -15.32 -13.95
C GLY B 713 7.51 -16.54 -13.22
N ALA B 714 8.39 -17.50 -12.92
CA ALA B 714 7.98 -18.67 -12.15
C ALA B 714 7.65 -18.30 -10.72
N ARG B 715 8.43 -17.39 -10.13
CA ARG B 715 8.17 -16.90 -8.79
C ARG B 715 7.20 -15.72 -8.87
N GLY B 716 7.11 -14.93 -7.81
CA GLY B 716 6.33 -13.70 -7.84
C GLY B 716 7.21 -12.48 -7.69
N GLU B 717 8.45 -12.59 -8.16
CA GLU B 717 9.43 -11.53 -7.98
C GLU B 717 9.10 -10.32 -8.84
N SER B 718 9.34 -9.14 -8.28
CA SER B 718 9.21 -7.88 -9.01
C SER B 718 10.51 -7.09 -8.86
N PHE B 719 10.81 -6.29 -9.88
CA PHE B 719 12.02 -5.48 -9.83
C PHE B 719 11.95 -4.43 -8.73
N TRP B 720 10.77 -3.90 -8.45
CA TRP B 720 10.58 -2.90 -7.41
C TRP B 720 9.70 -3.46 -6.30
N LYS B 721 9.92 -2.99 -5.09
CA LYS B 721 9.40 -3.64 -3.89
C LYS B 721 8.03 -3.14 -3.45
N THR B 722 7.63 -1.94 -3.85
CA THR B 722 6.40 -1.34 -3.33
C THR B 722 5.19 -2.20 -3.63
N THR B 723 4.20 -2.13 -2.74
CA THR B 723 2.97 -2.91 -2.84
C THR B 723 1.80 -1.95 -3.02
N ALA B 724 1.15 -2.02 -4.17
CA ALA B 724 -0.01 -1.18 -4.46
C ALA B 724 -0.83 -1.76 -5.60
#